data_4ZM6
#
_entry.id   4ZM6
#
_cell.length_a   245.034
_cell.length_b   245.034
_cell.length_c   94.520
_cell.angle_alpha   90.00
_cell.angle_beta   90.00
_cell.angle_gamma   90.00
#
_symmetry.space_group_name_H-M   'P 41 21 2'
#
loop_
_entity.id
_entity.type
_entity.pdbx_description
1 polymer 'N-acetyl-beta-D glucosaminidase'
2 non-polymer 'ACETYL COENZYME *A'
3 non-polymer 'SULFATE ION'
4 water water
#
_entity_poly.entity_id   1
_entity_poly.type   'polypeptide(L)'
_entity_poly.pdbx_seq_one_letter_code
;MTVGNDDNLDKEIGQLLMCGFDGLEPTPGIIDLIENHNLGSIILFSRNIATPKQVQKLTHSLQQIARNAGHKRPLFIAVD
QENGVVRRLGDSGTYLPGNMALGALGSSTAARNVAMAISKELLTLGMNWNLAPVLDVNNNPLNPVIGVRSYGQDPELVAR
MGLAQVEGYQRGKVATSIKHFPGHGDTATDSHLDVPVINKTLEELDKTELVPFKKALEAGGIACPTSVMVGHMLLPHFNK
DVVSSIAPEIVRDLLRRRFGYKGVIITDCLEMDAVKETVGTPKGALMALQAGNDMAMISHTLAFQKDAFKVLYSALQEGQ
LDKDEIRQSLQRVAQLKDQFLNWDDVLQQADLKTMGSEAHATLSKELYDRVPTVVTNRKNTLPIRPAQTDKILFLAAHVP
QTLAVDSEKEPFNSFHASLLKRHTNLEYIIYNEETPDLSQKIQEADWVIIGTANANLYPFQVRMVQQAQKLAKRLVVAAV
MNPYDQMCFPQVDTYLVTYEYTPPAHEAAVRLIFGEIETRSRLPISIPNVDDAIAPATFIVDDYRNDDDLDHVTAMWDDI
FGKDWPLRKDKINLGLQRAKLQKHKVARDSQGKIVGFVATQIVVVDNKKHGQLMLLMVSPSYQGKGVGTLLHDAALEHFR
EQGADCIKLGSTYPRFFPGVPDDDAQSRKAQAFFSKKGWRMDDNLVHDLIGDLQDYKVPDKIQARMLKEKIWFGRIKPSE
TWELYAFQQRNFPHWLSTYQHHVELGDYQDLIVARQDDENGRVIASLILNTTHVSHEYRSDLIWTDDKLFGERSGGMACV
GVAQEERGRGIGIGIVAHANWLLKQRGVTKSYVDWVELLDFYSRVGYKTWRSYRLGHF
;
_entity_poly.pdbx_strand_id   A,B
#
# COMPACT_ATOMS: atom_id res chain seq x y z
N ASN A 8 -30.44 34.13 -17.68
CA ASN A 8 -30.40 32.65 -17.89
C ASN A 8 -29.94 31.95 -16.60
N LEU A 9 -28.76 32.35 -16.12
CA LEU A 9 -28.20 31.84 -14.84
C LEU A 9 -27.58 33.02 -14.08
N ASP A 10 -28.26 34.16 -14.09
CA ASP A 10 -27.69 35.43 -13.62
C ASP A 10 -27.69 35.54 -12.10
N LYS A 11 -28.85 35.33 -11.48
CA LYS A 11 -28.93 35.33 -10.01
C LYS A 11 -28.33 34.03 -9.45
N GLU A 12 -28.56 32.92 -10.14
CA GLU A 12 -28.20 31.59 -9.64
C GLU A 12 -26.69 31.40 -9.42
N ILE A 13 -25.87 32.13 -10.18
CA ILE A 13 -24.42 32.04 -10.08
C ILE A 13 -23.85 32.63 -8.76
N GLY A 14 -24.70 33.23 -7.94
CA GLY A 14 -24.29 33.69 -6.61
C GLY A 14 -23.90 32.57 -5.67
N GLN A 15 -24.50 31.39 -5.87
CA GLN A 15 -24.20 30.21 -5.06
C GLN A 15 -22.74 29.75 -5.22
N LEU A 16 -22.11 30.14 -6.33
CA LEU A 16 -20.73 29.76 -6.64
C LEU A 16 -19.67 30.68 -6.02
N LEU A 17 -20.05 31.51 -5.04
CA LEU A 17 -19.10 32.43 -4.42
C LEU A 17 -19.07 32.38 -2.90
N MET A 18 -17.94 32.86 -2.36
CA MET A 18 -17.71 32.94 -0.93
C MET A 18 -16.97 34.24 -0.67
N CYS A 19 -17.55 35.11 0.15
CA CYS A 19 -17.05 36.47 0.32
C CYS A 19 -17.10 36.91 1.78
N GLY A 20 -16.10 37.69 2.19
CA GLY A 20 -15.98 38.15 3.57
C GLY A 20 -16.42 39.60 3.76
N PHE A 21 -15.99 40.18 4.88
CA PHE A 21 -16.31 41.57 5.23
C PHE A 21 -15.51 41.98 6.48
N ASP A 22 -15.71 43.22 6.92
CA ASP A 22 -15.09 43.74 8.13
C ASP A 22 -16.15 44.08 9.18
N GLY A 23 -15.76 44.03 10.45
CA GLY A 23 -16.65 44.40 11.55
C GLY A 23 -17.26 43.20 12.26
N LEU A 24 -18.19 43.46 13.17
CA LEU A 24 -18.79 42.43 14.02
C LEU A 24 -20.31 42.33 13.81
N GLU A 25 -20.78 42.87 12.68
CA GLU A 25 -22.18 42.87 12.31
C GLU A 25 -22.20 43.05 10.80
N PRO A 26 -23.30 42.63 10.11
CA PRO A 26 -23.30 42.73 8.65
C PRO A 26 -23.08 44.14 8.11
N THR A 27 -22.25 44.27 7.09
CA THR A 27 -22.06 45.54 6.39
C THR A 27 -23.18 45.73 5.38
N PRO A 28 -23.39 46.97 4.89
CA PRO A 28 -24.33 47.16 3.78
C PRO A 28 -23.90 46.41 2.51
N GLY A 29 -22.59 46.22 2.35
CA GLY A 29 -22.03 45.45 1.24
C GLY A 29 -22.56 44.04 1.11
N ILE A 30 -22.25 43.19 2.10
CA ILE A 30 -22.71 41.80 2.07
C ILE A 30 -24.24 41.67 2.09
N ILE A 31 -24.93 42.65 2.66
CA ILE A 31 -26.39 42.69 2.62
C ILE A 31 -26.88 42.82 1.16
N ASP A 32 -26.21 43.66 0.38
CA ASP A 32 -26.50 43.81 -1.05
C ASP A 32 -26.25 42.50 -1.79
N LEU A 33 -25.04 41.97 -1.62
CA LEU A 33 -24.60 40.74 -2.31
C LEU A 33 -25.55 39.58 -2.08
N ILE A 34 -25.93 39.36 -0.82
CA ILE A 34 -26.87 38.31 -0.47
C ILE A 34 -28.24 38.58 -1.12
N GLU A 35 -28.77 39.78 -0.87
CA GLU A 35 -30.14 40.11 -1.24
C GLU A 35 -30.38 40.25 -2.74
N ASN A 36 -29.44 40.90 -3.44
CA ASN A 36 -29.56 41.15 -4.89
C ASN A 36 -28.99 40.05 -5.75
N HIS A 37 -27.78 39.59 -5.41
CA HIS A 37 -26.99 38.71 -6.26
C HIS A 37 -26.94 37.24 -5.80
N ASN A 38 -27.80 36.89 -4.84
CA ASN A 38 -27.98 35.49 -4.42
C ASN A 38 -26.70 34.81 -3.91
N LEU A 39 -25.85 35.57 -3.22
CA LEU A 39 -24.60 35.03 -2.66
C LEU A 39 -24.93 33.82 -1.79
N GLY A 40 -24.19 32.73 -1.98
CA GLY A 40 -24.48 31.45 -1.30
C GLY A 40 -23.61 31.07 -0.13
N SER A 41 -22.46 31.74 0.02
CA SER A 41 -21.52 31.39 1.08
C SER A 41 -20.79 32.62 1.62
N ILE A 42 -20.53 32.62 2.92
CA ILE A 42 -19.81 33.69 3.61
C ILE A 42 -18.54 33.11 4.22
N ILE A 43 -17.52 33.94 4.38
CA ILE A 43 -16.31 33.56 5.11
C ILE A 43 -16.01 34.60 6.19
N LEU A 44 -15.54 34.13 7.34
CA LEU A 44 -15.30 34.99 8.50
C LEU A 44 -13.85 34.89 8.99
N PHE A 45 -13.38 35.94 9.64
CA PHE A 45 -12.03 36.00 10.22
C PHE A 45 -12.13 36.55 11.63
N SER A 46 -10.99 36.64 12.34
CA SER A 46 -10.96 37.20 13.70
C SER A 46 -11.56 38.61 13.78
N ARG A 47 -11.42 39.39 12.71
N ARG A 47 -11.42 39.39 12.71
CA ARG A 47 -12.10 40.68 12.57
CA ARG A 47 -12.09 40.68 12.57
C ARG A 47 -13.58 40.57 12.93
C ARG A 47 -13.58 40.58 12.91
N ASN A 48 -14.22 39.52 12.42
CA ASN A 48 -15.66 39.31 12.62
C ASN A 48 -16.04 38.57 13.91
N ILE A 49 -15.11 37.77 14.42
CA ILE A 49 -15.36 37.04 15.67
C ILE A 49 -15.19 37.99 16.85
N ALA A 50 -16.29 38.59 17.28
CA ALA A 50 -16.31 39.43 18.47
C ALA A 50 -16.19 38.51 19.67
N THR A 51 -17.24 37.74 19.91
CA THR A 51 -17.34 36.85 21.07
C THR A 51 -18.67 36.08 20.96
N PRO A 52 -18.76 34.88 21.61
CA PRO A 52 -19.82 33.90 21.37
C PRO A 52 -21.22 34.45 21.15
N LYS A 53 -21.67 35.35 22.02
CA LYS A 53 -22.97 35.98 21.89
C LYS A 53 -23.08 36.78 20.58
N GLN A 54 -22.05 37.57 20.32
CA GLN A 54 -22.01 38.43 19.13
C GLN A 54 -22.01 37.62 17.85
N VAL A 55 -21.34 36.47 17.88
CA VAL A 55 -21.21 35.63 16.69
C VAL A 55 -22.53 34.90 16.39
N GLN A 56 -23.19 34.38 17.42
CA GLN A 56 -24.51 33.76 17.24
C GLN A 56 -25.50 34.73 16.63
N LYS A 57 -25.45 35.98 17.11
CA LYS A 57 -26.26 37.06 16.55
C LYS A 57 -25.88 37.32 15.11
N LEU A 58 -24.57 37.52 14.88
CA LEU A 58 -24.03 37.79 13.54
C LEU A 58 -24.44 36.74 12.52
N THR A 59 -24.25 35.46 12.86
CA THR A 59 -24.61 34.36 11.96
C THR A 59 -26.11 34.32 11.69
N HIS A 60 -26.89 34.54 12.74
CA HIS A 60 -28.35 34.57 12.62
C HIS A 60 -28.80 35.76 11.77
N SER A 61 -28.15 36.91 11.96
CA SER A 61 -28.45 38.12 11.18
C SER A 61 -28.31 37.85 9.68
N LEU A 62 -27.17 37.29 9.29
CA LEU A 62 -26.89 36.94 7.88
C LEU A 62 -27.91 35.94 7.37
N GLN A 63 -28.23 34.96 8.23
CA GLN A 63 -29.16 33.91 7.90
C GLN A 63 -30.58 34.47 7.71
N GLN A 64 -30.96 35.40 8.58
CA GLN A 64 -32.27 36.05 8.51
C GLN A 64 -32.46 36.79 7.19
N ILE A 65 -31.48 37.63 6.86
CA ILE A 65 -31.49 38.42 5.62
C ILE A 65 -31.56 37.51 4.39
N ALA A 66 -30.89 36.37 4.46
CA ALA A 66 -30.90 35.40 3.35
C ALA A 66 -32.28 34.79 3.14
N ARG A 67 -33.00 34.50 4.22
CA ARG A 67 -34.32 33.91 4.13
C ARG A 67 -35.37 34.91 3.64
N ASN A 68 -35.34 36.12 4.20
CA ASN A 68 -36.19 37.21 3.75
C ASN A 68 -35.99 37.52 2.27
N ALA A 69 -34.73 37.45 1.81
CA ALA A 69 -34.39 37.73 0.42
C ALA A 69 -34.78 36.63 -0.56
N GLY A 70 -35.34 35.52 -0.07
CA GLY A 70 -35.94 34.49 -0.91
C GLY A 70 -34.99 33.40 -1.42
N HIS A 71 -33.93 33.12 -0.67
CA HIS A 71 -32.99 32.05 -1.03
C HIS A 71 -33.67 30.69 -0.91
N LYS A 72 -33.38 29.79 -1.85
CA LYS A 72 -33.89 28.44 -1.78
C LYS A 72 -33.25 27.67 -0.62
N ARG A 73 -31.93 27.82 -0.47
CA ARG A 73 -31.18 27.15 0.60
C ARG A 73 -30.42 28.14 1.47
N PRO A 74 -30.13 27.76 2.73
CA PRO A 74 -29.41 28.66 3.63
C PRO A 74 -27.97 28.91 3.21
N LEU A 75 -27.41 30.01 3.70
CA LEU A 75 -26.02 30.34 3.46
C LEU A 75 -25.07 29.33 4.09
N PHE A 76 -23.90 29.20 3.49
CA PHE A 76 -22.75 28.59 4.15
C PHE A 76 -22.02 29.73 4.85
N ILE A 77 -21.54 29.48 6.06
CA ILE A 77 -20.73 30.44 6.79
C ILE A 77 -19.41 29.76 7.18
N ALA A 78 -18.38 30.01 6.38
CA ALA A 78 -17.12 29.30 6.50
C ALA A 78 -16.11 30.05 7.38
N VAL A 79 -15.01 29.37 7.70
CA VAL A 79 -13.95 29.93 8.53
C VAL A 79 -12.67 29.08 8.45
N ASP A 80 -11.52 29.74 8.57
CA ASP A 80 -10.22 29.04 8.63
C ASP A 80 -9.89 28.67 10.07
N GLN A 81 -10.44 27.56 10.56
CA GLN A 81 -10.13 27.12 11.92
C GLN A 81 -9.21 25.91 11.92
N GLU A 82 -7.91 26.16 11.82
CA GLU A 82 -6.89 25.09 11.77
C GLU A 82 -6.37 24.71 13.15
N ASN A 83 -6.57 25.59 14.13
CA ASN A 83 -6.41 25.30 15.57
C ASN A 83 -5.10 25.72 16.25
N GLY A 84 -3.97 25.40 15.63
CA GLY A 84 -2.68 25.70 16.25
C GLY A 84 -2.34 27.18 16.23
N VAL A 85 -1.41 27.53 15.34
CA VAL A 85 -1.03 28.93 15.16
C VAL A 85 -2.20 29.74 14.57
N VAL A 86 -2.90 29.18 13.58
CA VAL A 86 -4.04 29.84 12.92
C VAL A 86 -5.37 29.39 13.57
N ARG A 87 -6.16 30.34 14.06
CA ARG A 87 -7.38 30.04 14.80
C ARG A 87 -8.25 31.29 15.05
N ARG A 88 -9.37 31.38 14.36
CA ARG A 88 -10.21 32.61 14.38
C ARG A 88 -11.07 32.77 15.64
N LEU A 89 -11.34 31.67 16.33
CA LEU A 89 -12.17 31.71 17.54
C LEU A 89 -11.54 32.53 18.67
N GLY A 90 -10.22 32.41 18.81
CA GLY A 90 -9.46 33.18 19.81
C GLY A 90 -9.72 32.71 21.23
N ASP A 91 -10.49 33.49 21.98
CA ASP A 91 -10.91 33.16 23.35
C ASP A 91 -12.35 32.71 23.40
N SER A 92 -13.07 32.87 22.29
CA SER A 92 -14.46 32.43 22.20
C SER A 92 -14.56 30.90 22.27
N GLY A 93 -13.56 30.22 21.72
CA GLY A 93 -13.51 28.75 21.71
C GLY A 93 -12.22 28.21 22.28
N THR A 94 -12.17 26.89 22.47
CA THR A 94 -11.05 26.24 23.14
C THR A 94 -9.80 26.18 22.26
N TYR A 95 -8.64 26.33 22.89
CA TYR A 95 -7.36 26.04 22.24
C TYR A 95 -7.16 24.53 22.22
N LEU A 96 -7.20 23.92 21.04
CA LEU A 96 -6.86 22.52 20.87
C LEU A 96 -5.70 22.39 19.88
N PRO A 97 -4.87 21.34 20.02
CA PRO A 97 -3.65 21.18 19.22
C PRO A 97 -3.86 21.36 17.72
N GLY A 98 -3.02 22.21 17.12
CA GLY A 98 -2.97 22.37 15.67
C GLY A 98 -2.24 21.21 15.02
N ASN A 99 -2.08 21.28 13.71
CA ASN A 99 -1.66 20.12 12.94
C ASN A 99 -0.35 19.45 13.37
N MET A 100 0.79 20.11 13.23
CA MET A 100 2.06 19.44 13.56
C MET A 100 2.11 19.00 15.02
N ALA A 101 1.45 19.74 15.91
CA ALA A 101 1.31 19.32 17.30
C ALA A 101 0.74 17.92 17.33
N LEU A 102 -0.42 17.75 16.68
CA LEU A 102 -1.08 16.45 16.57
C LEU A 102 -0.19 15.40 15.89
N GLY A 103 0.54 15.79 14.85
CA GLY A 103 1.48 14.90 14.19
C GLY A 103 2.52 14.36 15.15
N ALA A 104 3.10 15.26 15.95
CA ALA A 104 4.07 14.90 16.97
C ALA A 104 3.44 14.00 18.03
N LEU A 105 2.19 14.32 18.39
CA LEU A 105 1.39 13.52 19.32
C LEU A 105 1.22 12.09 18.80
N GLY A 106 0.86 11.98 17.52
CA GLY A 106 0.89 10.71 16.80
C GLY A 106 -0.33 9.81 16.93
N SER A 107 -1.47 10.39 17.31
CA SER A 107 -2.70 9.63 17.44
C SER A 107 -3.80 10.21 16.58
N SER A 108 -4.18 9.47 15.54
CA SER A 108 -5.30 9.85 14.67
C SER A 108 -6.60 9.98 15.46
N THR A 109 -6.75 9.18 16.51
CA THR A 109 -7.92 9.28 17.37
C THR A 109 -7.98 10.65 18.05
N ALA A 110 -6.84 11.08 18.59
CA ALA A 110 -6.72 12.40 19.21
C ALA A 110 -7.13 13.51 18.23
N ALA A 111 -6.58 13.48 17.02
CA ALA A 111 -6.94 14.46 16.01
C ALA A 111 -8.42 14.42 15.67
N ARG A 112 -8.97 13.21 15.57
CA ARG A 112 -10.40 13.05 15.23
C ARG A 112 -11.22 13.76 16.29
N ASN A 113 -10.92 13.47 17.55
CA ASN A 113 -11.61 14.09 18.66
C ASN A 113 -11.49 15.61 18.68
N VAL A 114 -10.31 16.12 18.36
CA VAL A 114 -10.12 17.56 18.28
C VAL A 114 -11.09 18.17 17.26
N ALA A 115 -11.18 17.55 16.09
CA ALA A 115 -12.06 18.04 15.03
C ALA A 115 -13.53 17.98 15.44
N MET A 116 -13.90 16.91 16.13
CA MET A 116 -15.27 16.75 16.62
C MET A 116 -15.61 17.86 17.60
N ALA A 117 -14.73 18.05 18.58
CA ALA A 117 -14.87 19.11 19.58
C ALA A 117 -14.99 20.50 18.97
N ILE A 118 -14.20 20.76 17.93
CA ILE A 118 -14.21 22.05 17.25
C ILE A 118 -15.49 22.23 16.45
N SER A 119 -15.91 21.20 15.72
CA SER A 119 -17.11 21.30 14.90
C SER A 119 -18.35 21.58 15.75
N LYS A 120 -18.41 20.96 16.93
CA LYS A 120 -19.48 21.21 17.89
C LYS A 120 -19.53 22.69 18.23
N GLU A 121 -18.38 23.26 18.62
CA GLU A 121 -18.29 24.68 18.95
C GLU A 121 -18.68 25.56 17.76
N LEU A 122 -18.10 25.30 16.60
CA LEU A 122 -18.42 26.07 15.39
C LEU A 122 -19.90 26.01 15.02
N LEU A 123 -20.51 24.84 15.16
CA LEU A 123 -21.90 24.65 14.73
C LEU A 123 -22.89 25.40 15.62
N THR A 124 -22.64 25.45 16.93
CA THR A 124 -23.51 26.19 17.84
C THR A 124 -23.44 27.69 17.56
N LEU A 125 -22.26 28.18 17.18
CA LEU A 125 -22.07 29.60 16.84
C LEU A 125 -22.61 29.98 15.46
N GLY A 126 -22.93 28.99 14.63
CA GLY A 126 -23.45 29.23 13.30
C GLY A 126 -22.49 28.94 12.16
N MET A 127 -21.24 28.60 12.49
CA MET A 127 -20.28 28.13 11.48
C MET A 127 -20.62 26.72 11.06
N ASN A 128 -20.68 26.51 9.76
CA ASN A 128 -21.06 25.22 9.20
C ASN A 128 -20.16 24.82 8.02
N TRP A 129 -18.92 25.28 8.04
CA TRP A 129 -17.93 24.94 7.03
C TRP A 129 -16.55 25.38 7.51
N ASN A 130 -15.75 24.42 7.97
CA ASN A 130 -14.38 24.71 8.33
C ASN A 130 -13.47 24.46 7.14
N LEU A 131 -12.71 25.49 6.74
CA LEU A 131 -11.76 25.37 5.64
C LEU A 131 -10.53 24.66 6.19
N ALA A 132 -10.63 23.34 6.25
CA ALA A 132 -9.62 22.49 6.87
C ALA A 132 -9.98 21.04 6.54
N PRO A 133 -9.02 20.11 6.73
CA PRO A 133 -7.68 20.31 7.25
C PRO A 133 -6.67 20.60 6.16
N VAL A 134 -5.47 20.95 6.58
CA VAL A 134 -4.33 21.11 5.70
C VAL A 134 -3.71 19.73 5.48
N LEU A 135 -3.58 19.34 4.21
CA LEU A 135 -2.91 18.08 3.86
C LEU A 135 -1.57 18.32 3.17
N ASP A 136 -1.07 19.55 3.24
CA ASP A 136 0.27 19.88 2.73
C ASP A 136 1.31 19.14 3.56
N VAL A 137 2.39 18.73 2.91
CA VAL A 137 3.41 17.88 3.55
C VAL A 137 4.71 18.66 3.74
N ASN A 138 5.15 18.77 4.98
CA ASN A 138 6.27 19.65 5.32
C ASN A 138 7.65 18.99 5.29
N ASN A 139 8.14 18.78 4.07
CA ASN A 139 9.51 18.28 3.84
C ASN A 139 10.55 19.40 3.64
N ASN A 140 10.10 20.66 3.70
CA ASN A 140 10.99 21.83 3.60
C ASN A 140 11.20 22.56 4.93
N PRO A 141 12.39 22.41 5.54
CA PRO A 141 12.76 23.08 6.78
C PRO A 141 12.51 24.60 6.83
N LEU A 142 12.47 25.26 5.67
CA LEU A 142 12.36 26.72 5.60
C LEU A 142 10.99 27.22 5.11
N ASN A 143 9.96 26.38 5.20
CA ASN A 143 8.61 26.75 4.75
C ASN A 143 7.94 27.75 5.71
N PRO A 144 7.66 28.97 5.24
CA PRO A 144 7.03 29.98 6.11
C PRO A 144 5.51 29.83 6.26
N VAL A 145 4.80 29.70 5.14
CA VAL A 145 3.33 29.68 5.16
C VAL A 145 2.77 28.41 5.82
N ILE A 146 3.16 27.24 5.33
CA ILE A 146 2.75 25.97 5.92
C ILE A 146 3.93 25.53 6.74
N GLY A 147 3.90 25.80 8.03
CA GLY A 147 4.97 25.35 8.89
C GLY A 147 4.37 24.27 9.73
N VAL A 148 3.96 24.66 10.93
CA VAL A 148 3.27 23.75 11.86
C VAL A 148 1.81 23.52 11.45
N ARG A 149 1.38 24.13 10.35
CA ARG A 149 0.05 23.87 9.79
C ARG A 149 -0.03 22.50 9.12
N SER A 150 1.12 21.93 8.75
CA SER A 150 1.17 20.57 8.24
C SER A 150 1.43 19.59 9.38
N TYR A 151 0.85 18.39 9.27
CA TYR A 151 1.00 17.37 10.31
C TYR A 151 2.46 16.89 10.41
N GLY A 152 3.20 16.97 9.30
CA GLY A 152 4.61 16.59 9.32
C GLY A 152 5.19 16.27 7.95
N GLN A 153 6.32 15.57 7.99
CA GLN A 153 7.18 15.32 6.83
C GLN A 153 6.76 14.11 6.01
N ASP A 154 6.18 13.12 6.69
CA ASP A 154 5.79 11.86 6.08
C ASP A 154 4.36 11.97 5.49
N PRO A 155 4.21 11.79 4.17
CA PRO A 155 2.88 11.91 3.55
C PRO A 155 1.86 10.91 4.07
N GLU A 156 2.33 9.77 4.57
CA GLU A 156 1.44 8.77 5.16
C GLU A 156 0.88 9.26 6.50
N LEU A 157 1.74 9.86 7.32
CA LEU A 157 1.29 10.47 8.57
C LEU A 157 0.30 11.60 8.32
N VAL A 158 0.51 12.37 7.26
CA VAL A 158 -0.40 13.45 6.90
C VAL A 158 -1.76 12.91 6.48
N ALA A 159 -1.75 11.78 5.77
CA ALA A 159 -2.99 11.12 5.34
C ALA A 159 -3.76 10.61 6.54
N ARG A 160 -3.04 9.85 7.37
CA ARG A 160 -3.59 9.25 8.58
C ARG A 160 -4.33 10.29 9.42
N MET A 161 -3.66 11.41 9.69
CA MET A 161 -4.21 12.46 10.54
C MET A 161 -5.28 13.27 9.80
N GLY A 162 -5.05 13.49 8.50
CA GLY A 162 -5.98 14.24 7.66
C GLY A 162 -7.37 13.61 7.62
N LEU A 163 -7.43 12.36 7.18
CA LEU A 163 -8.68 11.58 7.19
C LEU A 163 -9.41 11.71 8.50
N ALA A 164 -8.68 11.54 9.60
CA ALA A 164 -9.26 11.54 10.94
C ALA A 164 -10.00 12.82 11.24
N GLN A 165 -9.42 13.94 10.81
CA GLN A 165 -10.00 15.26 11.08
C GLN A 165 -11.18 15.56 10.17
N VAL A 166 -11.06 15.20 8.89
CA VAL A 166 -12.18 15.29 7.95
C VAL A 166 -13.38 14.51 8.49
N GLU A 167 -13.14 13.29 8.97
CA GLU A 167 -14.18 12.55 9.69
C GLU A 167 -14.69 13.40 10.84
N GLY A 168 -13.80 13.75 11.77
CA GLY A 168 -14.18 14.48 12.98
C GLY A 168 -15.05 15.71 12.71
N TYR A 169 -14.61 16.56 11.79
CA TYR A 169 -15.33 17.79 11.47
C TYR A 169 -16.70 17.48 10.90
N GLN A 170 -16.74 16.61 9.90
CA GLN A 170 -17.98 16.29 9.18
C GLN A 170 -18.93 15.46 10.03
N ARG A 171 -18.37 14.73 10.99
CA ARG A 171 -19.15 13.97 11.94
C ARG A 171 -19.99 14.92 12.79
N GLY A 172 -19.45 16.11 13.05
CA GLY A 172 -20.17 17.17 13.76
C GLY A 172 -21.00 18.08 12.86
N LYS A 173 -21.39 17.58 11.69
CA LYS A 173 -22.25 18.31 10.74
C LYS A 173 -21.64 19.63 10.27
N VAL A 174 -20.33 19.60 9.96
CA VAL A 174 -19.60 20.77 9.45
C VAL A 174 -18.81 20.37 8.21
N ALA A 175 -18.94 21.14 7.14
CA ALA A 175 -18.28 20.83 5.87
C ALA A 175 -16.77 21.04 5.94
N THR A 176 -16.03 20.43 5.01
CA THR A 176 -14.58 20.49 5.02
C THR A 176 -13.98 20.85 3.67
N SER A 177 -12.70 21.21 3.69
CA SER A 177 -11.94 21.52 2.50
C SER A 177 -10.50 21.11 2.74
N ILE A 178 -10.07 20.03 2.10
CA ILE A 178 -8.68 19.62 2.17
C ILE A 178 -7.86 20.55 1.27
N LYS A 179 -6.74 21.03 1.80
CA LYS A 179 -5.93 22.04 1.10
C LYS A 179 -4.46 21.85 1.39
N HIS A 180 -3.57 22.37 0.55
CA HIS A 180 -3.88 23.18 -0.63
C HIS A 180 -3.47 22.41 -1.87
N PHE A 181 -4.45 21.96 -2.65
CA PHE A 181 -4.18 21.12 -3.80
C PHE A 181 -3.35 21.90 -4.81
N PRO A 182 -2.32 21.26 -5.40
CA PRO A 182 -1.86 19.87 -5.28
C PRO A 182 -0.80 19.61 -4.20
N GLY A 183 -0.52 20.58 -3.34
CA GLY A 183 0.49 20.40 -2.30
C GLY A 183 1.41 21.59 -2.19
N HIS A 184 1.23 22.36 -1.12
CA HIS A 184 1.97 23.59 -0.89
C HIS A 184 3.12 23.41 0.10
N GLY A 185 3.35 22.17 0.55
CA GLY A 185 4.30 21.93 1.63
C GLY A 185 5.78 22.01 1.25
N ASP A 186 6.09 21.91 -0.03
CA ASP A 186 7.49 21.95 -0.48
C ASP A 186 7.83 23.23 -1.22
N THR A 187 8.08 24.29 -0.45
CA THR A 187 8.69 25.52 -0.95
C THR A 187 9.17 26.36 0.24
N ALA A 188 10.05 27.32 -0.03
CA ALA A 188 10.43 28.36 0.94
C ALA A 188 9.65 29.66 0.70
N THR A 189 8.90 29.71 -0.41
CA THR A 189 8.15 30.92 -0.79
C THR A 189 6.75 30.94 -0.17
N ASP A 190 6.35 32.12 0.31
CA ASP A 190 5.03 32.32 0.92
C ASP A 190 4.02 32.71 -0.16
N SER A 191 2.84 32.09 -0.10
CA SER A 191 1.77 32.32 -1.08
C SER A 191 1.20 33.74 -1.01
N HIS A 192 1.17 34.31 0.19
CA HIS A 192 0.60 35.64 0.42
C HIS A 192 1.47 36.76 -0.18
N LEU A 193 2.80 36.55 -0.17
CA LEU A 193 3.75 37.57 -0.62
C LEU A 193 4.11 37.43 -2.10
N ASP A 194 4.62 36.26 -2.48
CA ASP A 194 5.13 36.02 -3.84
C ASP A 194 4.48 34.77 -4.45
N VAL A 195 4.83 34.45 -5.69
CA VAL A 195 4.32 33.27 -6.40
C VAL A 195 5.22 32.06 -6.17
N PRO A 196 4.71 31.03 -5.48
CA PRO A 196 5.55 29.86 -5.24
C PRO A 196 5.58 28.94 -6.46
N VAL A 197 6.74 28.36 -6.73
CA VAL A 197 6.94 27.51 -7.89
C VAL A 197 7.18 26.09 -7.40
N ILE A 198 6.39 25.15 -7.92
CA ILE A 198 6.59 23.73 -7.66
C ILE A 198 6.99 23.08 -8.98
N ASN A 199 8.29 22.88 -9.15
CA ASN A 199 8.85 22.35 -10.38
C ASN A 199 8.94 20.83 -10.30
N LYS A 200 7.78 20.18 -10.39
CA LYS A 200 7.69 18.72 -10.24
C LYS A 200 6.76 18.11 -11.29
N THR A 201 7.09 16.89 -11.68
CA THR A 201 6.26 16.11 -12.60
C THR A 201 5.18 15.36 -11.81
N LEU A 202 4.21 14.81 -12.54
CA LEU A 202 3.13 14.06 -11.91
C LEU A 202 3.67 12.86 -11.13
N GLU A 203 4.73 12.22 -11.65
CA GLU A 203 5.33 11.07 -10.98
C GLU A 203 5.95 11.46 -9.64
N GLU A 204 6.64 12.61 -9.60
CA GLU A 204 7.18 13.14 -8.35
C GLU A 204 6.05 13.50 -7.39
N LEU A 205 5.02 14.16 -7.91
CA LEU A 205 3.86 14.56 -7.10
C LEU A 205 3.14 13.36 -6.48
N ASP A 206 3.05 12.27 -7.24
CA ASP A 206 2.41 11.05 -6.73
C ASP A 206 3.13 10.46 -5.52
N LYS A 207 4.45 10.61 -5.46
CA LYS A 207 5.24 10.01 -4.39
C LYS A 207 5.07 10.73 -3.04
N THR A 208 4.77 12.03 -3.05
CA THR A 208 4.63 12.78 -1.78
C THR A 208 3.41 13.71 -1.73
N GLU A 209 3.40 14.75 -2.56
CA GLU A 209 2.38 15.80 -2.48
C GLU A 209 0.96 15.27 -2.49
N LEU A 210 0.67 14.37 -3.44
CA LEU A 210 -0.69 13.91 -3.66
C LEU A 210 -1.09 12.70 -2.81
N VAL A 211 -0.14 12.09 -2.10
CA VAL A 211 -0.45 10.90 -1.29
C VAL A 211 -1.63 11.17 -0.35
N PRO A 212 -1.53 12.22 0.49
CA PRO A 212 -2.65 12.46 1.42
C PRO A 212 -3.97 12.85 0.74
N PHE A 213 -3.90 13.58 -0.38
CA PHE A 213 -5.08 13.94 -1.17
C PHE A 213 -5.74 12.69 -1.77
N LYS A 214 -4.93 11.82 -2.33
CA LYS A 214 -5.43 10.58 -2.92
C LYS A 214 -6.15 9.75 -1.86
N LYS A 215 -5.53 9.62 -0.69
CA LYS A 215 -6.08 8.80 0.37
C LYS A 215 -7.41 9.35 0.89
N ALA A 216 -7.52 10.67 0.95
CA ALA A 216 -8.77 11.31 1.39
C ALA A 216 -9.88 11.07 0.38
N LEU A 217 -9.60 11.33 -0.89
CA LEU A 217 -10.58 11.12 -1.96
C LEU A 217 -11.09 9.68 -2.03
N GLU A 218 -10.22 8.72 -1.73
CA GLU A 218 -10.57 7.30 -1.76
C GLU A 218 -11.22 6.78 -0.47
N ALA A 219 -11.33 7.62 0.56
CA ALA A 219 -11.90 7.17 1.84
C ALA A 219 -13.33 6.65 1.67
N GLY A 220 -13.71 5.74 2.55
CA GLY A 220 -14.93 4.94 2.37
C GLY A 220 -16.27 5.60 2.64
N GLY A 221 -16.31 6.55 3.57
CA GLY A 221 -17.57 7.20 3.94
C GLY A 221 -17.43 8.61 4.45
N ILE A 222 -17.69 8.78 5.74
CA ILE A 222 -17.66 10.11 6.39
C ILE A 222 -16.27 10.76 6.33
N ALA A 223 -15.22 9.93 6.20
CA ALA A 223 -13.84 10.43 6.15
C ALA A 223 -13.44 11.02 4.79
N CYS A 224 -14.28 10.83 3.76
CA CYS A 224 -14.02 11.45 2.47
C CYS A 224 -14.49 12.90 2.52
N PRO A 225 -13.66 13.85 2.08
CA PRO A 225 -14.02 15.26 2.24
C PRO A 225 -15.08 15.70 1.26
N THR A 226 -15.79 16.78 1.61
CA THR A 226 -16.93 17.24 0.85
C THR A 226 -16.53 18.33 -0.14
N SER A 227 -15.36 18.94 0.08
CA SER A 227 -14.78 19.86 -0.88
C SER A 227 -13.24 19.79 -0.88
N VAL A 228 -12.65 20.29 -1.96
CA VAL A 228 -11.20 20.36 -2.12
C VAL A 228 -10.81 21.78 -2.51
N MET A 229 -9.81 22.35 -1.84
CA MET A 229 -9.34 23.69 -2.16
C MET A 229 -8.03 23.66 -2.95
N VAL A 230 -7.99 24.43 -4.03
CA VAL A 230 -6.81 24.54 -4.87
C VAL A 230 -6.07 25.82 -4.52
N GLY A 231 -4.88 25.68 -3.95
CA GLY A 231 -4.04 26.84 -3.64
C GLY A 231 -3.48 27.50 -4.88
N HIS A 232 -2.64 28.50 -4.67
CA HIS A 232 -2.01 29.25 -5.75
C HIS A 232 -0.53 28.92 -5.82
N MET A 233 -0.16 28.04 -6.76
CA MET A 233 1.22 27.70 -7.01
C MET A 233 1.47 27.38 -8.48
N LEU A 234 2.66 27.74 -8.96
CA LEU A 234 3.02 27.59 -10.36
C LEU A 234 3.66 26.22 -10.55
N LEU A 235 3.11 25.44 -11.49
CA LEU A 235 3.59 24.11 -11.81
C LEU A 235 4.00 24.03 -13.28
N PRO A 236 5.27 24.37 -13.58
CA PRO A 236 5.75 24.47 -14.96
C PRO A 236 5.50 23.23 -15.82
N HIS A 237 5.61 22.04 -15.23
CA HIS A 237 5.35 20.79 -15.97
C HIS A 237 3.88 20.57 -16.34
N PHE A 238 2.98 21.39 -15.78
CA PHE A 238 1.55 21.32 -16.09
C PHE A 238 1.08 22.58 -16.81
N ASN A 239 1.33 23.74 -16.21
CA ASN A 239 1.01 25.03 -16.81
C ASN A 239 1.96 26.11 -16.29
N LYS A 240 2.80 26.61 -17.19
CA LYS A 240 3.83 27.60 -16.84
C LYS A 240 3.36 29.05 -17.03
N ASP A 241 2.15 29.23 -17.57
CA ASP A 241 1.61 30.56 -17.79
C ASP A 241 0.90 31.09 -16.53
N VAL A 242 0.09 30.25 -15.89
CA VAL A 242 -0.75 30.70 -14.78
C VAL A 242 -0.72 29.79 -13.56
N VAL A 243 -1.17 30.34 -12.44
CA VAL A 243 -1.10 29.69 -11.15
C VAL A 243 -2.16 28.57 -11.05
N SER A 244 -1.88 27.57 -10.21
CA SER A 244 -2.67 26.32 -10.16
C SER A 244 -4.19 26.48 -10.06
N SER A 245 -4.65 27.47 -9.29
CA SER A 245 -6.08 27.69 -9.06
C SER A 245 -6.87 27.97 -10.33
N ILE A 246 -6.21 28.55 -11.33
CA ILE A 246 -6.87 28.98 -12.56
C ILE A 246 -6.37 28.24 -13.80
N ALA A 247 -5.57 27.18 -13.58
CA ALA A 247 -5.07 26.33 -14.66
C ALA A 247 -5.95 25.10 -14.80
N PRO A 248 -6.54 24.88 -15.99
CA PRO A 248 -7.36 23.68 -16.18
C PRO A 248 -6.56 22.37 -16.15
N GLU A 249 -5.24 22.45 -16.34
CA GLU A 249 -4.37 21.28 -16.26
C GLU A 249 -4.32 20.73 -14.84
N ILE A 250 -4.50 21.61 -13.86
CA ILE A 250 -4.50 21.21 -12.45
C ILE A 250 -5.91 20.89 -11.95
N VAL A 251 -6.86 21.75 -12.25
CA VAL A 251 -8.22 21.61 -11.71
C VAL A 251 -9.02 20.53 -12.45
N ARG A 252 -9.26 20.71 -13.74
CA ARG A 252 -10.08 19.77 -14.51
C ARG A 252 -9.35 18.47 -14.78
N ASP A 253 -8.19 18.56 -15.41
CA ASP A 253 -7.44 17.40 -15.87
C ASP A 253 -6.97 16.48 -14.75
N LEU A 254 -6.60 17.06 -13.62
CA LEU A 254 -5.99 16.27 -12.55
C LEU A 254 -7.02 15.89 -11.50
N LEU A 255 -7.66 16.89 -10.90
CA LEU A 255 -8.59 16.64 -9.81
C LEU A 255 -9.89 16.00 -10.29
N ARG A 256 -10.45 16.53 -11.37
CA ARG A 256 -11.74 16.07 -11.87
C ARG A 256 -11.61 14.81 -12.73
N ARG A 257 -10.76 14.84 -13.74
CA ARG A 257 -10.62 13.72 -14.65
C ARG A 257 -9.80 12.56 -14.05
N ARG A 258 -8.49 12.75 -13.88
CA ARG A 258 -7.61 11.70 -13.35
C ARG A 258 -8.13 11.08 -12.05
N PHE A 259 -8.24 11.90 -11.00
CA PHE A 259 -8.69 11.41 -9.69
C PHE A 259 -10.18 11.10 -9.64
N GLY A 260 -10.96 11.66 -10.56
CA GLY A 260 -12.39 11.35 -10.65
C GLY A 260 -13.19 11.91 -9.48
N TYR A 261 -12.76 13.06 -8.96
CA TYR A 261 -13.43 13.67 -7.80
C TYR A 261 -14.76 14.27 -8.21
N LYS A 262 -15.83 13.87 -7.50
CA LYS A 262 -17.19 14.33 -7.82
C LYS A 262 -17.67 15.50 -6.96
N GLY A 263 -16.91 15.86 -5.93
CA GLY A 263 -17.32 16.90 -4.98
C GLY A 263 -17.04 18.34 -5.41
N VAL A 264 -17.19 19.27 -4.48
CA VAL A 264 -16.99 20.69 -4.75
C VAL A 264 -15.50 21.05 -4.80
N ILE A 265 -15.10 21.78 -5.85
CA ILE A 265 -13.77 22.35 -5.93
C ILE A 265 -13.87 23.86 -5.73
N ILE A 266 -13.06 24.38 -4.81
CA ILE A 266 -13.06 25.81 -4.47
C ILE A 266 -11.61 26.34 -4.52
N THR A 267 -11.44 27.65 -4.71
CA THR A 267 -10.11 28.26 -4.72
C THR A 267 -9.71 28.73 -3.33
N ASP A 268 -8.42 28.95 -3.14
CA ASP A 268 -7.92 29.70 -2.00
C ASP A 268 -8.26 31.18 -2.28
N CYS A 269 -8.10 32.04 -1.26
CA CYS A 269 -8.41 33.46 -1.38
C CYS A 269 -7.83 34.09 -2.66
N LEU A 270 -8.71 34.59 -3.53
CA LEU A 270 -8.31 35.21 -4.78
C LEU A 270 -7.70 36.62 -4.61
N GLU A 271 -7.56 37.09 -3.37
CA GLU A 271 -6.98 38.42 -3.11
C GLU A 271 -5.53 38.34 -2.64
N MET A 272 -4.97 37.15 -2.54
CA MET A 272 -3.55 36.98 -2.23
C MET A 272 -2.75 37.45 -3.44
N ASP A 273 -1.51 37.87 -3.21
CA ASP A 273 -0.68 38.44 -4.27
C ASP A 273 -0.36 37.45 -5.39
N ALA A 274 -0.33 36.16 -5.05
CA ALA A 274 -0.08 35.11 -6.04
C ALA A 274 -1.07 35.10 -7.21
N VAL A 275 -2.30 35.57 -6.98
CA VAL A 275 -3.27 35.70 -8.06
C VAL A 275 -3.71 37.15 -8.31
N LYS A 276 -3.55 38.03 -7.33
CA LYS A 276 -3.90 39.45 -7.51
C LYS A 276 -2.84 40.19 -8.31
N GLU A 277 -1.58 39.78 -8.16
CA GLU A 277 -0.46 40.41 -8.86
C GLU A 277 -0.05 39.65 -10.13
N THR A 278 -0.79 38.61 -10.50
CA THR A 278 -0.64 37.95 -11.80
C THR A 278 -1.77 38.39 -12.74
N VAL A 279 -2.99 38.36 -12.23
CA VAL A 279 -4.14 38.93 -12.94
C VAL A 279 -5.04 39.63 -11.91
N GLY A 280 -6.09 40.29 -12.40
CA GLY A 280 -7.06 40.89 -11.50
C GLY A 280 -7.76 39.81 -10.70
N THR A 281 -8.14 40.12 -9.46
CA THR A 281 -8.90 39.19 -8.64
C THR A 281 -10.33 39.02 -9.20
N PRO A 282 -10.89 40.05 -9.87
CA PRO A 282 -12.14 39.81 -10.60
C PRO A 282 -11.94 38.96 -11.86
N LYS A 283 -10.78 39.13 -12.50
CA LYS A 283 -10.39 38.30 -13.65
C LYS A 283 -10.03 36.89 -13.19
N GLY A 284 -9.34 36.80 -12.06
CA GLY A 284 -8.97 35.52 -11.46
C GLY A 284 -10.16 34.68 -11.08
N ALA A 285 -11.29 35.34 -10.77
CA ALA A 285 -12.54 34.64 -10.50
C ALA A 285 -13.09 33.95 -11.75
N LEU A 286 -13.02 34.65 -12.88
CA LEU A 286 -13.50 34.09 -14.15
C LEU A 286 -12.64 32.92 -14.61
N MET A 287 -11.32 33.10 -14.54
CA MET A 287 -10.38 32.07 -14.96
C MET A 287 -10.40 30.84 -14.04
N ALA A 288 -10.83 31.04 -12.79
CA ALA A 288 -10.99 29.94 -11.84
C ALA A 288 -12.12 29.02 -12.27
N LEU A 289 -13.30 29.60 -12.50
CA LEU A 289 -14.46 28.82 -12.94
C LEU A 289 -14.27 28.23 -14.34
N GLN A 290 -13.45 28.89 -15.16
CA GLN A 290 -13.08 28.36 -16.47
C GLN A 290 -12.19 27.10 -16.33
N ALA A 291 -11.33 27.10 -15.33
CA ALA A 291 -10.43 25.96 -15.08
C ALA A 291 -11.16 24.71 -14.59
N GLY A 292 -12.38 24.89 -14.06
CA GLY A 292 -13.19 23.76 -13.59
C GLY A 292 -13.57 23.85 -12.11
N ASN A 293 -13.11 24.90 -11.43
CA ASN A 293 -13.55 25.16 -10.06
C ASN A 293 -15.07 25.34 -10.01
N ASP A 294 -15.69 24.83 -8.94
CA ASP A 294 -17.12 25.06 -8.71
C ASP A 294 -17.36 26.36 -7.96
N MET A 295 -16.33 26.92 -7.32
CA MET A 295 -16.54 28.00 -6.38
C MET A 295 -15.33 28.94 -6.31
N ALA A 296 -15.60 30.23 -6.11
CA ALA A 296 -14.55 31.24 -6.01
C ALA A 296 -14.59 31.98 -4.67
N MET A 297 -13.43 32.13 -4.06
CA MET A 297 -13.31 32.74 -2.74
C MET A 297 -12.76 34.16 -2.89
N ILE A 298 -13.43 35.12 -2.25
CA ILE A 298 -13.00 36.52 -2.26
C ILE A 298 -13.15 37.10 -0.86
N SER A 299 -12.25 36.70 0.03
CA SER A 299 -12.25 37.20 1.41
C SER A 299 -11.76 38.64 1.46
N HIS A 300 -12.22 39.38 2.47
CA HIS A 300 -11.78 40.76 2.75
C HIS A 300 -12.46 41.86 1.90
N THR A 301 -11.73 42.48 0.97
CA THR A 301 -12.10 43.81 0.44
C THR A 301 -13.16 43.80 -0.66
N LEU A 302 -14.35 44.25 -0.30
CA LEU A 302 -15.44 44.48 -1.26
C LEU A 302 -15.03 45.58 -2.25
N ALA A 303 -15.33 45.32 -3.52
CA ALA A 303 -14.97 46.15 -4.68
C ALA A 303 -14.59 45.14 -5.73
N PHE A 304 -13.71 44.23 -5.35
CA PHE A 304 -13.40 43.04 -6.14
C PHE A 304 -14.62 42.13 -6.21
N GLN A 305 -15.29 41.96 -5.07
CA GLN A 305 -16.53 41.19 -4.98
C GLN A 305 -17.61 41.74 -5.92
N LYS A 306 -17.70 43.06 -6.00
CA LYS A 306 -18.61 43.72 -6.94
C LYS A 306 -18.16 43.50 -8.39
N ASP A 307 -16.89 43.81 -8.65
CA ASP A 307 -16.30 43.64 -9.99
C ASP A 307 -16.47 42.22 -10.50
N ALA A 308 -15.96 41.27 -9.73
CA ALA A 308 -16.02 39.85 -10.08
C ALA A 308 -17.42 39.44 -10.51
N PHE A 309 -18.43 39.93 -9.79
CA PHE A 309 -19.81 39.63 -10.13
C PHE A 309 -20.20 40.15 -11.51
N LYS A 310 -19.85 41.40 -11.81
CA LYS A 310 -20.16 41.97 -13.13
C LYS A 310 -19.31 41.33 -14.24
N VAL A 311 -18.09 40.91 -13.89
CA VAL A 311 -17.23 40.18 -14.82
C VAL A 311 -17.88 38.84 -15.22
N LEU A 312 -18.49 38.17 -14.24
CA LEU A 312 -19.15 36.88 -14.46
C LEU A 312 -20.44 37.02 -15.26
N TYR A 313 -21.17 38.12 -15.05
CA TYR A 313 -22.44 38.35 -15.74
C TYR A 313 -22.25 38.53 -17.24
N SER A 314 -21.28 39.37 -17.60
CA SER A 314 -20.97 39.64 -19.01
C SER A 314 -20.40 38.39 -19.68
N ALA A 315 -19.41 37.76 -19.04
CA ALA A 315 -18.83 36.51 -19.54
C ALA A 315 -19.89 35.44 -19.76
N LEU A 316 -20.92 35.44 -18.91
CA LEU A 316 -22.04 34.51 -19.03
C LEU A 316 -22.87 34.78 -20.28
N GLN A 317 -23.03 36.07 -20.62
CA GLN A 317 -23.74 36.49 -21.84
C GLN A 317 -23.03 36.08 -23.14
N GLU A 318 -21.72 36.31 -23.21
CA GLU A 318 -20.91 35.94 -24.39
C GLU A 318 -21.02 34.47 -24.74
N GLY A 319 -20.86 33.61 -23.74
CA GLY A 319 -20.52 32.21 -23.94
C GLY A 319 -19.05 31.96 -23.61
N GLN A 320 -18.45 32.87 -22.84
CA GLN A 320 -17.10 32.69 -22.31
C GLN A 320 -17.07 31.74 -21.10
N LEU A 321 -18.24 31.39 -20.59
CA LEU A 321 -18.39 30.32 -19.60
C LEU A 321 -19.31 29.25 -20.17
N ASP A 322 -18.88 27.99 -20.10
CA ASP A 322 -19.71 26.88 -20.54
C ASP A 322 -20.91 26.77 -19.60
N LYS A 323 -22.08 27.18 -20.09
CA LYS A 323 -23.32 27.15 -19.33
C LYS A 323 -23.69 25.76 -18.81
N ASP A 324 -23.34 24.73 -19.57
CA ASP A 324 -23.59 23.35 -19.16
C ASP A 324 -22.75 22.97 -17.93
N GLU A 325 -21.52 23.47 -17.87
CA GLU A 325 -20.60 23.17 -16.76
C GLU A 325 -21.01 23.89 -15.47
N ILE A 326 -21.54 25.11 -15.61
CA ILE A 326 -22.00 25.89 -14.46
C ILE A 326 -23.24 25.25 -13.80
N ARG A 327 -24.09 24.61 -14.61
CA ARG A 327 -25.23 23.85 -14.10
C ARG A 327 -24.76 22.73 -13.17
N GLN A 328 -23.78 21.96 -13.64
CA GLN A 328 -23.18 20.87 -12.85
C GLN A 328 -22.53 21.38 -11.57
N SER A 329 -21.92 22.56 -11.63
CA SER A 329 -21.35 23.20 -10.45
C SER A 329 -22.44 23.59 -9.44
N LEU A 330 -23.51 24.20 -9.94
CA LEU A 330 -24.65 24.58 -9.10
C LEU A 330 -25.34 23.35 -8.50
N GLN A 331 -25.33 22.25 -9.25
CA GLN A 331 -25.81 20.95 -8.77
C GLN A 331 -24.96 20.43 -7.60
N ARG A 332 -23.63 20.50 -7.74
CA ARG A 332 -22.71 20.04 -6.69
C ARG A 332 -22.85 20.87 -5.42
N VAL A 333 -23.07 22.17 -5.59
CA VAL A 333 -23.23 23.08 -4.45
C VAL A 333 -24.59 22.87 -3.76
N ALA A 334 -25.61 22.55 -4.54
CA ALA A 334 -26.91 22.18 -3.99
C ALA A 334 -26.79 20.90 -3.15
N GLN A 335 -26.20 19.86 -3.74
CA GLN A 335 -25.94 18.61 -3.04
C GLN A 335 -25.18 18.84 -1.71
N LEU A 336 -24.14 19.67 -1.78
CA LEU A 336 -23.33 19.96 -0.59
C LEU A 336 -24.16 20.66 0.48
N LYS A 337 -24.95 21.65 0.07
CA LYS A 337 -25.85 22.34 1.01
C LYS A 337 -26.90 21.39 1.59
N ASP A 338 -27.48 20.54 0.75
CA ASP A 338 -28.49 19.57 1.20
C ASP A 338 -27.93 18.56 2.21
N GLN A 339 -26.62 18.29 2.13
CA GLN A 339 -25.97 17.38 3.06
C GLN A 339 -25.89 17.98 4.47
N PHE A 340 -25.71 19.28 4.56
CA PHE A 340 -25.42 19.94 5.84
C PHE A 340 -26.46 20.97 6.30
N LEU A 341 -27.25 21.52 5.39
CA LEU A 341 -28.06 22.71 5.67
C LEU A 341 -29.56 22.48 5.56
N ASN A 342 -30.31 22.99 6.55
CA ASN A 342 -31.76 23.04 6.49
C ASN A 342 -32.25 24.25 7.29
N TRP A 343 -33.28 24.91 6.79
CA TRP A 343 -33.70 26.21 7.34
C TRP A 343 -34.07 26.21 8.82
N ASP A 344 -34.68 25.13 9.29
CA ASP A 344 -35.19 25.06 10.67
C ASP A 344 -34.09 25.30 11.70
N ASP A 345 -33.17 24.35 11.81
CA ASP A 345 -32.10 24.43 12.84
C ASP A 345 -31.00 25.45 12.50
N VAL A 346 -30.96 25.90 11.26
CA VAL A 346 -30.05 26.96 10.83
C VAL A 346 -30.52 28.32 11.40
N LEU A 347 -31.83 28.49 11.55
CA LEU A 347 -32.42 29.70 12.14
C LEU A 347 -32.70 29.57 13.64
N GLN A 348 -33.10 28.38 14.08
CA GLN A 348 -33.44 28.13 15.48
C GLN A 348 -32.34 28.56 16.45
N GLN A 349 -31.07 28.34 16.09
CA GLN A 349 -29.93 28.62 16.97
C GLN A 349 -29.96 27.70 18.20
N ALA A 350 -28.79 27.35 18.70
CA ALA A 350 -28.67 26.48 19.88
C ALA A 350 -28.21 27.29 21.08
N ASP A 351 -28.47 26.77 22.27
CA ASP A 351 -28.09 27.45 23.51
C ASP A 351 -26.57 27.54 23.61
N LEU A 352 -26.10 28.61 24.23
CA LEU A 352 -24.66 28.87 24.34
C LEU A 352 -23.92 27.80 25.16
N LYS A 353 -24.63 27.14 26.07
CA LYS A 353 -24.02 26.12 26.93
C LYS A 353 -23.85 24.76 26.24
N THR A 354 -24.40 24.61 25.04
CA THR A 354 -24.26 23.37 24.26
C THR A 354 -22.91 23.27 23.52
N MET A 355 -22.08 24.31 23.62
CA MET A 355 -20.66 24.18 23.31
C MET A 355 -20.07 23.32 24.42
N GLY A 356 -19.20 22.38 24.07
CA GLY A 356 -18.61 21.50 25.07
C GLY A 356 -17.51 22.17 25.88
N SER A 357 -17.70 23.44 26.24
CA SER A 357 -16.62 24.28 26.77
C SER A 357 -15.82 23.59 27.87
N GLU A 358 -16.53 23.08 28.89
CA GLU A 358 -15.87 22.46 30.04
C GLU A 358 -15.16 21.17 29.64
N ALA A 359 -15.87 20.31 28.90
CA ALA A 359 -15.31 19.04 28.44
C ALA A 359 -14.13 19.25 27.49
N HIS A 360 -14.27 20.22 26.60
CA HIS A 360 -13.22 20.56 25.64
C HIS A 360 -12.01 21.16 26.34
N ALA A 361 -12.24 21.87 27.45
CA ALA A 361 -11.16 22.43 28.23
C ALA A 361 -10.30 21.32 28.82
N THR A 362 -10.93 20.26 29.32
CA THR A 362 -10.18 19.18 29.96
C THR A 362 -9.52 18.28 28.90
N LEU A 363 -10.05 18.29 27.68
CA LEU A 363 -9.41 17.61 26.56
C LEU A 363 -8.09 18.32 26.23
N SER A 364 -8.14 19.65 26.16
CA SER A 364 -6.97 20.46 25.87
C SER A 364 -5.82 20.19 26.85
N LYS A 365 -6.12 20.21 28.16
CA LYS A 365 -5.11 19.90 29.18
C LYS A 365 -4.52 18.51 28.95
N GLU A 366 -5.40 17.53 28.72
CA GLU A 366 -5.01 16.14 28.55
C GLU A 366 -4.13 15.93 27.31
N LEU A 367 -4.50 16.55 26.19
CA LEU A 367 -3.76 16.39 24.96
C LEU A 367 -2.41 17.08 25.01
N TYR A 368 -2.41 18.35 25.42
CA TYR A 368 -1.19 19.15 25.36
C TYR A 368 -0.04 18.59 26.20
N ASP A 369 -0.36 17.83 27.25
CA ASP A 369 0.68 17.14 28.03
C ASP A 369 1.42 16.06 27.22
N ARG A 370 0.85 15.66 26.09
CA ARG A 370 1.43 14.66 25.22
C ARG A 370 2.03 15.27 23.93
N VAL A 371 2.13 16.60 23.87
CA VAL A 371 2.53 17.30 22.64
C VAL A 371 4.03 17.68 22.57
N PRO A 372 4.53 18.53 23.48
CA PRO A 372 5.90 18.98 23.26
C PRO A 372 6.93 17.86 23.33
N THR A 373 8.01 18.04 22.57
CA THR A 373 9.08 17.06 22.44
C THR A 373 10.39 17.65 22.97
N VAL A 374 11.11 16.87 23.77
CA VAL A 374 12.49 17.19 24.13
C VAL A 374 13.35 16.57 23.04
N VAL A 375 14.05 17.41 22.29
CA VAL A 375 14.77 16.96 21.10
C VAL A 375 16.22 16.60 21.44
N THR A 376 16.89 17.46 22.20
CA THR A 376 18.20 17.12 22.72
C THR A 376 18.30 17.51 24.18
N ASN A 377 19.19 16.82 24.88
CA ASN A 377 19.38 17.00 26.30
C ASN A 377 20.71 16.35 26.68
N ARG A 378 21.77 16.80 26.00
CA ARG A 378 23.10 16.20 26.12
C ARG A 378 23.69 16.24 27.54
N LYS A 379 23.40 17.30 28.29
CA LYS A 379 23.92 17.45 29.66
C LYS A 379 22.89 17.09 30.74
N ASN A 380 21.76 16.51 30.34
CA ASN A 380 20.64 16.23 31.26
C ASN A 380 20.19 17.46 32.06
N THR A 381 20.31 18.65 31.46
CA THR A 381 19.82 19.88 32.05
C THR A 381 18.34 19.75 32.42
N LEU A 382 17.56 19.19 31.50
CA LEU A 382 16.16 18.90 31.74
C LEU A 382 16.02 17.54 32.41
N PRO A 383 15.11 17.42 33.39
CA PRO A 383 14.26 18.50 33.92
C PRO A 383 15.07 19.38 34.85
N ILE A 384 14.70 20.65 34.91
CA ILE A 384 15.38 21.60 35.81
C ILE A 384 14.70 21.58 37.18
N ARG A 385 15.52 21.67 38.22
CA ARG A 385 15.04 21.67 39.59
C ARG A 385 15.77 22.77 40.32
N PRO A 386 15.48 24.03 39.95
CA PRO A 386 16.18 25.16 40.57
C PRO A 386 15.82 25.33 42.05
N ALA A 387 16.73 25.96 42.79
CA ALA A 387 16.45 26.37 44.15
C ALA A 387 15.71 27.70 44.11
N GLN A 388 14.79 27.88 45.06
CA GLN A 388 13.95 29.09 45.12
C GLN A 388 14.73 30.38 44.87
N THR A 389 15.94 30.45 45.42
CA THR A 389 16.79 31.63 45.34
C THR A 389 17.64 31.74 44.06
N ASP A 390 17.57 30.73 43.20
CA ASP A 390 18.24 30.80 41.90
C ASP A 390 17.58 31.85 41.01
N LYS A 391 18.40 32.50 40.19
CA LYS A 391 17.91 33.51 39.26
C LYS A 391 17.72 32.86 37.89
N ILE A 392 16.49 32.91 37.38
CA ILE A 392 16.18 32.42 36.04
C ILE A 392 15.98 33.59 35.09
N LEU A 393 16.73 33.59 33.98
CA LEU A 393 16.55 34.61 32.93
C LEU A 393 15.76 34.04 31.76
N PHE A 394 14.57 34.58 31.53
CA PHE A 394 13.75 34.15 30.41
C PHE A 394 13.79 35.20 29.31
N LEU A 395 14.43 34.85 28.19
CA LEU A 395 14.53 35.72 27.02
C LEU A 395 13.59 35.21 25.95
N ALA A 396 12.65 36.06 25.51
CA ALA A 396 11.69 35.70 24.47
C ALA A 396 11.85 36.61 23.26
N ALA A 397 11.75 36.04 22.06
CA ALA A 397 11.86 36.81 20.82
C ALA A 397 10.60 37.65 20.55
N HIS A 398 10.78 38.78 19.87
CA HIS A 398 9.65 39.63 19.48
C HIS A 398 8.90 38.98 18.31
N VAL A 399 7.63 39.24 18.17
CA VAL A 399 6.92 38.67 17.06
C VAL A 399 6.79 39.75 15.99
N PRO A 400 6.71 39.33 14.75
CA PRO A 400 6.80 40.24 13.62
C PRO A 400 5.63 41.21 13.60
N GLU A 408 -0.90 37.05 20.70
CA GLU A 408 -0.52 37.36 19.32
C GLU A 408 0.46 38.51 19.28
N LYS A 409 0.24 39.53 20.11
CA LYS A 409 1.15 40.65 20.18
C LYS A 409 2.35 40.34 21.05
N GLU A 410 2.09 39.83 22.23
CA GLU A 410 3.16 39.36 23.06
C GLU A 410 2.83 37.93 23.35
N PRO A 411 3.30 37.03 22.39
CA PRO A 411 2.75 35.69 22.53
C PRO A 411 3.48 34.83 23.51
N PHE A 412 4.59 35.34 24.00
CA PHE A 412 5.43 34.62 24.93
C PHE A 412 5.11 34.98 26.36
N ASN A 413 4.11 35.78 26.54
CA ASN A 413 3.62 36.12 27.88
C ASN A 413 2.98 34.96 28.62
N SER A 414 2.28 34.09 27.87
CA SER A 414 1.71 32.88 28.46
C SER A 414 2.84 31.98 28.98
N PHE A 415 3.91 31.88 28.20
CA PHE A 415 5.11 31.19 28.64
C PHE A 415 5.52 31.79 29.99
N HIS A 416 5.62 33.11 30.04
CA HIS A 416 5.98 33.84 31.25
C HIS A 416 5.08 33.49 32.42
N ALA A 417 3.77 33.58 32.19
CA ALA A 417 2.78 33.19 33.20
C ALA A 417 3.02 31.78 33.74
N SER A 418 3.27 30.85 32.87
CA SER A 418 3.41 29.49 33.26
C SER A 418 4.68 29.26 34.01
N LEU A 419 5.69 30.06 33.74
CA LEU A 419 6.94 29.94 34.46
C LEU A 419 6.77 30.42 35.88
N LEU A 420 5.98 31.45 36.03
CA LEU A 420 5.66 32.06 37.33
C LEU A 420 5.01 31.09 38.32
N LYS A 421 4.17 30.18 37.82
CA LYS A 421 3.53 29.19 38.71
C LYS A 421 4.58 28.29 39.40
N ARG A 422 5.73 28.08 38.75
CA ARG A 422 6.79 27.22 39.30
C ARG A 422 7.91 27.98 40.00
N HIS A 423 8.19 29.21 39.57
CA HIS A 423 9.40 29.91 40.03
C HIS A 423 9.33 31.42 39.82
N THR A 424 9.40 32.16 40.93
CA THR A 424 9.11 33.60 40.93
C THR A 424 10.35 34.47 40.74
N ASN A 425 11.50 33.97 41.15
CA ASN A 425 12.76 34.72 40.98
C ASN A 425 13.14 34.69 39.49
N LEU A 426 12.44 35.51 38.71
CA LEU A 426 12.40 35.37 37.27
C LEU A 426 12.45 36.73 36.58
N GLU A 427 13.26 36.83 35.53
CA GLU A 427 13.31 38.03 34.69
C GLU A 427 12.86 37.72 33.27
N TYR A 428 11.92 38.50 32.77
CA TYR A 428 11.37 38.24 31.48
C TYR A 428 11.66 39.43 30.61
N ILE A 429 12.42 39.17 29.57
CA ILE A 429 12.81 40.18 28.59
C ILE A 429 12.44 39.70 27.20
N ILE A 430 11.80 40.58 26.44
CA ILE A 430 11.51 40.33 25.03
C ILE A 430 12.62 40.99 24.18
N TYR A 431 13.53 40.16 23.68
CA TYR A 431 14.68 40.63 22.91
C TYR A 431 14.33 40.79 21.42
N ASN A 432 14.97 41.76 20.78
CA ASN A 432 14.80 42.02 19.35
C ASN A 432 16.14 42.50 18.78
N GLU A 433 16.16 42.91 17.51
CA GLU A 433 17.40 43.37 16.84
C GLU A 433 18.07 44.52 17.58
N GLU A 434 17.26 45.46 18.07
CA GLU A 434 17.76 46.67 18.74
C GLU A 434 18.25 46.41 20.16
N THR A 435 17.74 45.37 20.81
CA THR A 435 18.02 45.10 22.22
C THR A 435 19.51 45.22 22.55
N PRO A 436 19.85 46.12 23.50
CA PRO A 436 21.22 46.25 23.98
C PRO A 436 21.82 44.94 24.48
N ASP A 437 23.14 44.87 24.49
CA ASP A 437 23.87 43.64 24.83
C ASP A 437 23.53 43.12 26.24
N LEU A 438 23.11 41.85 26.31
CA LEU A 438 22.64 41.25 27.54
C LEU A 438 23.63 40.26 28.15
N SER A 439 24.85 40.22 27.62
CA SER A 439 25.88 39.30 28.10
C SER A 439 25.86 39.16 29.61
N GLN A 440 26.01 40.27 30.32
CA GLN A 440 26.17 40.29 31.78
C GLN A 440 25.04 39.58 32.52
N LYS A 441 23.82 39.71 32.03
CA LYS A 441 22.67 39.06 32.65
C LYS A 441 22.74 37.55 32.45
N ILE A 442 23.19 37.15 31.27
CA ILE A 442 23.29 35.74 30.89
C ILE A 442 24.33 34.99 31.74
N GLN A 443 25.45 35.62 32.02
CA GLN A 443 26.53 34.99 32.79
C GLN A 443 26.15 34.90 34.27
N GLU A 444 25.44 35.92 34.74
CA GLU A 444 25.07 36.02 36.16
C GLU A 444 23.93 35.08 36.54
N ALA A 445 22.96 34.90 35.65
CA ALA A 445 21.82 34.03 35.92
C ALA A 445 22.26 32.59 36.15
N ASP A 446 21.49 31.88 36.96
CA ASP A 446 21.76 30.47 37.23
C ASP A 446 21.17 29.59 36.13
N TRP A 447 20.07 30.05 35.54
CA TRP A 447 19.43 29.36 34.43
C TRP A 447 18.94 30.38 33.40
N VAL A 448 19.24 30.13 32.13
CA VAL A 448 18.77 30.96 31.02
C VAL A 448 17.83 30.14 30.16
N ILE A 449 16.63 30.65 29.93
CA ILE A 449 15.67 30.01 29.03
C ILE A 449 15.39 30.97 27.88
N ILE A 450 15.63 30.52 26.66
CA ILE A 450 15.40 31.35 25.49
C ILE A 450 14.22 30.84 24.68
N GLY A 451 13.34 31.75 24.29
CA GLY A 451 12.17 31.43 23.49
C GLY A 451 12.42 31.88 22.07
N THR A 452 12.60 30.92 21.17
CA THR A 452 12.71 31.23 19.74
C THR A 452 11.36 31.00 19.08
N ALA A 453 11.11 31.80 18.05
CA ALA A 453 9.93 31.67 17.21
C ALA A 453 10.41 31.85 15.78
N ASN A 454 10.60 30.73 15.08
CA ASN A 454 11.16 30.70 13.72
C ASN A 454 12.47 31.46 13.60
N ALA A 455 13.42 31.15 14.49
CA ALA A 455 14.78 31.69 14.41
C ALA A 455 15.37 31.46 13.02
N ASN A 456 15.15 30.28 12.46
CA ASN A 456 15.61 29.94 11.10
C ASN A 456 15.05 30.85 9.99
N LEU A 457 14.28 31.86 10.38
CA LEU A 457 13.77 32.92 9.51
C LEU A 457 14.06 34.35 10.03
N TYR A 458 14.69 34.46 11.20
CA TYR A 458 14.89 35.76 11.88
C TYR A 458 16.24 35.81 12.60
N PRO A 459 17.32 36.09 11.86
CA PRO A 459 18.73 36.08 12.30
C PRO A 459 19.04 36.59 13.71
N PHE A 460 18.33 37.61 14.19
CA PHE A 460 18.63 38.16 15.52
C PHE A 460 18.48 37.12 16.62
N GLN A 461 17.55 36.19 16.43
CA GLN A 461 17.32 35.09 17.35
C GLN A 461 18.47 34.09 17.35
N VAL A 462 19.01 33.79 16.17
CA VAL A 462 20.13 32.86 16.06
C VAL A 462 21.35 33.42 16.79
N ARG A 463 21.60 34.71 16.64
CA ARG A 463 22.73 35.38 17.32
C ARG A 463 22.54 35.36 18.83
N MET A 464 21.34 35.71 19.28
CA MET A 464 20.98 35.64 20.70
C MET A 464 21.29 34.27 21.30
N VAL A 465 20.87 33.21 20.62
CA VAL A 465 21.05 31.84 21.11
C VAL A 465 22.52 31.43 21.07
N GLN A 466 23.23 31.79 19.99
CA GLN A 466 24.67 31.51 19.87
C GLN A 466 25.48 32.26 20.92
N GLN A 467 25.06 33.50 21.19
CA GLN A 467 25.70 34.30 22.23
C GLN A 467 25.53 33.61 23.58
N ALA A 468 24.28 33.33 23.94
CA ALA A 468 23.96 32.73 25.23
C ALA A 468 24.60 31.35 25.41
N GLN A 469 24.72 30.61 24.33
CA GLN A 469 25.42 29.32 24.35
C GLN A 469 26.85 29.45 24.88
N LYS A 470 27.52 30.54 24.52
CA LYS A 470 28.90 30.78 24.98
C LYS A 470 28.97 31.17 26.44
N LEU A 471 27.95 31.86 26.93
CA LEU A 471 27.99 32.49 28.26
C LEU A 471 27.18 31.80 29.38
N ALA A 472 26.03 31.24 29.03
CA ALA A 472 25.09 30.74 30.03
C ALA A 472 25.67 29.57 30.82
N LYS A 473 25.37 29.53 32.12
CA LYS A 473 25.73 28.40 32.97
C LYS A 473 24.91 27.17 32.58
N ARG A 474 23.59 27.36 32.48
CA ARG A 474 22.67 26.29 32.08
C ARG A 474 21.58 26.85 31.17
N LEU A 475 21.68 26.53 29.88
CA LEU A 475 20.80 27.07 28.86
C LEU A 475 19.78 26.02 28.44
N VAL A 476 18.53 26.43 28.25
CA VAL A 476 17.55 25.58 27.57
C VAL A 476 16.87 26.46 26.52
N VAL A 477 16.65 25.91 25.33
CA VAL A 477 16.02 26.64 24.24
C VAL A 477 14.70 25.98 23.82
N ALA A 478 13.62 26.74 23.91
CA ALA A 478 12.29 26.28 23.50
C ALA A 478 11.82 27.03 22.26
N ALA A 479 11.72 26.31 21.13
CA ALA A 479 11.19 26.86 19.88
C ALA A 479 9.68 26.61 19.80
N VAL A 480 8.91 27.68 19.65
CA VAL A 480 7.46 27.60 19.80
C VAL A 480 6.69 27.74 18.48
N MET A 481 7.39 28.04 17.38
CA MET A 481 6.76 28.01 16.06
C MET A 481 7.23 26.76 15.32
N ASN A 482 8.05 26.88 14.28
CA ASN A 482 8.57 25.69 13.62
C ASN A 482 9.64 25.04 14.48
N PRO A 483 9.70 23.69 14.47
CA PRO A 483 10.68 22.95 15.27
C PRO A 483 12.10 22.89 14.70
N TYR A 484 12.31 23.47 13.53
CA TYR A 484 13.61 23.34 12.83
C TYR A 484 14.72 24.25 13.39
N ASP A 485 14.35 25.20 14.25
CA ASP A 485 15.27 26.27 14.67
C ASP A 485 16.67 25.81 15.09
N GLN A 486 16.77 24.62 15.69
CA GLN A 486 18.07 24.13 16.19
C GLN A 486 19.06 23.84 15.06
N MET A 487 18.56 23.70 13.84
CA MET A 487 19.44 23.58 12.68
C MET A 487 20.44 24.74 12.61
N CYS A 488 20.05 25.91 13.12
CA CYS A 488 20.91 27.10 13.18
C CYS A 488 21.88 27.14 14.36
N PHE A 489 21.70 26.25 15.35
CA PHE A 489 22.61 26.18 16.50
C PHE A 489 22.71 24.76 17.07
N PRO A 490 23.34 23.83 16.32
CA PRO A 490 23.42 22.44 16.80
C PRO A 490 24.30 22.23 18.04
N GLN A 491 25.10 23.23 18.41
CA GLN A 491 25.93 23.16 19.62
C GLN A 491 25.06 23.10 20.87
N VAL A 492 23.88 23.72 20.80
CA VAL A 492 22.96 23.79 21.93
C VAL A 492 22.63 22.38 22.41
N ASP A 493 22.98 22.11 23.65
CA ASP A 493 22.86 20.77 24.23
C ASP A 493 21.45 20.43 24.66
N THR A 494 20.63 21.44 24.92
CA THR A 494 19.30 21.20 25.49
C THR A 494 18.25 22.07 24.78
N TYR A 495 17.38 21.39 24.01
CA TYR A 495 16.45 22.01 23.09
C TYR A 495 15.14 21.23 23.06
N LEU A 496 14.02 21.95 23.01
CA LEU A 496 12.69 21.33 22.94
C LEU A 496 11.79 22.11 21.99
N VAL A 497 10.66 21.53 21.64
CA VAL A 497 9.76 22.14 20.66
C VAL A 497 8.30 21.98 21.09
N THR A 498 7.50 23.00 20.84
CA THR A 498 6.10 23.02 21.26
C THR A 498 5.14 23.02 20.08
N TYR A 499 5.67 23.18 18.87
CA TYR A 499 4.88 23.15 17.64
C TYR A 499 3.80 24.23 17.51
N GLU A 500 3.68 25.11 18.50
CA GLU A 500 2.75 26.24 18.44
C GLU A 500 2.91 27.12 19.68
N TYR A 501 2.57 28.40 19.54
CA TYR A 501 2.77 29.37 20.61
C TYR A 501 1.50 29.68 21.40
N THR A 502 0.54 28.76 21.37
CA THR A 502 -0.68 28.88 22.14
C THR A 502 -0.39 28.78 23.65
N PRO A 503 -1.22 29.42 24.50
CA PRO A 503 -1.01 29.33 25.96
C PRO A 503 -0.89 27.90 26.54
N PRO A 504 -1.77 26.97 26.12
CA PRO A 504 -1.60 25.61 26.65
C PRO A 504 -0.35 24.88 26.14
N ALA A 505 0.12 25.20 24.94
CA ALA A 505 1.37 24.61 24.44
C ALA A 505 2.56 25.11 25.27
N HIS A 506 2.50 26.39 25.66
CA HIS A 506 3.51 26.95 26.57
C HIS A 506 3.38 26.36 27.98
N GLU A 507 2.15 26.17 28.46
CA GLU A 507 1.96 25.55 29.77
C GLU A 507 2.63 24.18 29.76
N ALA A 508 2.25 23.33 28.81
CA ALA A 508 2.85 22.01 28.67
C ALA A 508 4.37 22.03 28.52
N ALA A 509 4.87 23.03 27.79
CA ALA A 509 6.32 23.18 27.62
C ALA A 509 7.03 23.49 28.94
N VAL A 510 6.39 24.30 29.77
CA VAL A 510 6.94 24.58 31.10
C VAL A 510 6.87 23.34 31.99
N ARG A 511 5.74 22.66 31.97
CA ARG A 511 5.58 21.40 32.71
C ARG A 511 6.70 20.40 32.36
N LEU A 512 7.03 20.33 31.08
CA LEU A 512 8.10 19.46 30.60
C LEU A 512 9.45 19.90 31.15
N ILE A 513 9.70 21.22 31.10
CA ILE A 513 10.97 21.79 31.57
C ILE A 513 11.20 21.53 33.06
N PHE A 514 10.14 21.66 33.86
CA PHE A 514 10.24 21.39 35.30
C PHE A 514 10.00 19.91 35.67
N GLY A 515 9.93 19.04 34.67
CA GLY A 515 9.84 17.61 34.93
C GLY A 515 8.53 17.10 35.51
N GLU A 516 7.48 17.89 35.38
CA GLU A 516 6.15 17.49 35.87
C GLU A 516 5.54 16.48 34.91
N ILE A 517 5.94 16.58 33.65
CA ILE A 517 5.38 15.77 32.58
C ILE A 517 6.58 15.19 31.84
N GLU A 518 6.36 14.16 31.03
CA GLU A 518 7.47 13.56 30.29
C GLU A 518 7.14 13.48 28.80
N THR A 519 8.11 13.87 27.97
CA THR A 519 7.91 13.86 26.52
C THR A 519 7.48 12.48 26.01
N ARG A 520 6.29 12.44 25.43
CA ARG A 520 5.74 11.22 24.83
C ARG A 520 5.69 11.32 23.29
N SER A 521 5.46 12.51 22.78
CA SER A 521 5.49 12.80 21.35
C SER A 521 6.81 12.43 20.70
N ARG A 522 6.79 12.33 19.38
CA ARG A 522 7.99 12.04 18.59
C ARG A 522 8.04 13.07 17.46
N LEU A 523 9.20 13.66 17.23
CA LEU A 523 9.36 14.63 16.15
C LEU A 523 8.68 14.10 14.89
N PRO A 524 7.73 14.86 14.31
CA PRO A 524 7.15 14.51 13.02
C PRO A 524 7.93 15.08 11.85
N ILE A 525 9.23 15.31 12.06
CA ILE A 525 10.05 16.16 11.21
C ILE A 525 11.51 15.73 11.37
N SER A 526 12.32 16.01 10.35
CA SER A 526 13.78 15.91 10.48
C SER A 526 14.34 17.29 10.69
N ILE A 527 15.24 17.43 11.66
CA ILE A 527 15.95 18.68 11.84
C ILE A 527 17.33 18.51 11.21
N PRO A 528 17.64 19.29 10.17
CA PRO A 528 18.96 19.20 9.56
C PRO A 528 20.08 19.53 10.54
N ASN A 529 21.22 18.87 10.37
CA ASN A 529 22.40 19.07 11.23
C ASN A 529 22.23 18.62 12.68
N VAL A 530 21.09 18.01 13.01
CA VAL A 530 20.83 17.47 14.35
C VAL A 530 20.38 16.02 14.20
N ASP A 531 21.33 15.10 14.35
CA ASP A 531 21.08 13.66 14.10
C ASP A 531 20.99 12.82 15.36
N ASP A 532 21.35 13.38 16.51
CA ASP A 532 21.29 12.65 17.78
C ASP A 532 20.00 12.94 18.56
N ALA A 533 18.89 13.06 17.82
CA ALA A 533 17.57 13.26 18.43
C ALA A 533 17.30 12.14 19.44
N ILE A 534 16.67 12.48 20.57
CA ILE A 534 16.37 11.50 21.62
C ILE A 534 15.21 10.61 21.22
N ALA A 535 15.44 9.30 21.21
CA ALA A 535 14.43 8.32 20.82
C ALA A 535 13.71 7.76 22.06
N PRO A 536 12.39 8.01 22.19
CA PRO A 536 11.65 7.28 23.22
C PRO A 536 11.51 5.81 22.82
N ALA A 537 11.18 4.94 23.78
CA ALA A 537 10.95 3.53 23.50
C ALA A 537 9.78 3.43 22.53
N THR A 538 10.00 2.82 21.37
CA THR A 538 9.00 2.79 20.32
C THR A 538 8.50 1.38 20.02
N PHE A 539 7.22 1.32 19.70
CA PHE A 539 6.54 0.08 19.38
C PHE A 539 5.95 0.21 17.99
N ILE A 540 5.98 -0.88 17.22
CA ILE A 540 5.53 -0.83 15.84
C ILE A 540 4.44 -1.89 15.61
N VAL A 541 3.46 -1.52 14.78
CA VAL A 541 2.28 -2.32 14.53
C VAL A 541 2.41 -3.06 13.19
N ASP A 542 2.47 -4.38 13.24
CA ASP A 542 2.47 -5.23 12.05
C ASP A 542 1.14 -5.95 11.90
N ASP A 543 0.93 -6.53 10.72
CA ASP A 543 -0.19 -7.43 10.50
C ASP A 543 0.04 -8.71 11.28
N TYR A 544 -1.02 -9.20 11.89
CA TYR A 544 -1.00 -10.46 12.61
C TYR A 544 -0.79 -11.62 11.61
N ARG A 545 0.16 -12.49 11.92
CA ARG A 545 0.41 -13.69 11.13
C ARG A 545 0.15 -14.89 12.03
N ASN A 546 -0.95 -15.59 11.78
CA ASN A 546 -1.37 -16.68 12.65
C ASN A 546 -0.35 -17.82 12.78
N ASP A 547 0.41 -18.10 11.71
CA ASP A 547 1.43 -19.14 11.76
C ASP A 547 2.53 -18.82 12.78
N ASP A 548 2.92 -17.55 12.88
CA ASP A 548 4.02 -17.14 13.74
C ASP A 548 3.60 -16.59 15.11
N ASP A 549 2.43 -15.94 15.17
CA ASP A 549 2.04 -15.13 16.34
C ASP A 549 1.01 -15.78 17.27
N LEU A 550 0.42 -16.89 16.86
CA LEU A 550 -0.69 -17.48 17.62
C LEU A 550 -0.28 -17.92 19.03
N ASP A 551 0.87 -18.58 19.17
CA ASP A 551 1.34 -19.03 20.49
C ASP A 551 1.55 -17.87 21.44
N HIS A 552 2.11 -16.78 20.93
CA HIS A 552 2.34 -15.59 21.73
C HIS A 552 1.06 -14.90 22.15
N VAL A 553 0.14 -14.76 21.20
CA VAL A 553 -1.18 -14.17 21.48
C VAL A 553 -1.91 -15.01 22.52
N THR A 554 -1.81 -16.33 22.39
CA THR A 554 -2.38 -17.26 23.36
C THR A 554 -1.81 -17.02 24.76
N ALA A 555 -0.48 -16.90 24.84
CA ALA A 555 0.18 -16.62 26.12
C ALA A 555 -0.24 -15.26 26.69
N MET A 556 -0.40 -14.28 25.82
CA MET A 556 -0.83 -12.95 26.25
C MET A 556 -2.25 -13.03 26.85
N TRP A 557 -3.11 -13.85 26.26
CA TRP A 557 -4.48 -13.98 26.75
C TRP A 557 -4.51 -14.56 28.14
N ASP A 558 -3.74 -15.62 28.36
CA ASP A 558 -3.73 -16.27 29.66
C ASP A 558 -3.16 -15.33 30.69
N ASP A 559 -2.13 -14.59 30.29
CA ASP A 559 -1.48 -13.62 31.16
C ASP A 559 -2.45 -12.53 31.65
N ILE A 560 -3.34 -12.09 30.77
CA ILE A 560 -4.26 -10.97 31.04
C ILE A 560 -5.64 -11.42 31.53
N PHE A 561 -6.21 -12.43 30.88
CA PHE A 561 -7.57 -12.91 31.16
C PHE A 561 -7.62 -14.31 31.80
N GLY A 562 -6.45 -14.93 32.02
CA GLY A 562 -6.38 -16.32 32.47
C GLY A 562 -7.14 -16.68 33.74
N LYS A 563 -7.27 -15.73 34.66
CA LYS A 563 -7.93 -15.99 35.95
C LYS A 563 -9.43 -16.25 35.79
N ASP A 564 -10.15 -15.29 35.21
CA ASP A 564 -11.61 -15.40 35.05
C ASP A 564 -12.05 -16.02 33.72
N TRP A 565 -11.17 -16.00 32.72
CA TRP A 565 -11.51 -16.42 31.36
C TRP A 565 -10.42 -17.28 30.74
N PRO A 566 -10.11 -18.43 31.36
CA PRO A 566 -9.13 -19.32 30.73
C PRO A 566 -9.62 -19.81 29.37
N LEU A 567 -8.74 -19.78 28.36
CA LEU A 567 -9.14 -20.05 26.98
C LEU A 567 -8.00 -20.68 26.16
N ARG A 568 -8.18 -21.95 25.76
CA ARG A 568 -7.13 -22.70 25.05
C ARG A 568 -6.82 -22.15 23.65
N LYS A 569 -5.63 -22.47 23.14
CA LYS A 569 -5.12 -21.93 21.87
C LYS A 569 -6.09 -22.06 20.70
N ASP A 570 -6.78 -23.20 20.62
CA ASP A 570 -7.66 -23.47 19.47
C ASP A 570 -8.92 -22.62 19.47
N LYS A 571 -9.43 -22.27 20.65
CA LYS A 571 -10.58 -21.36 20.74
C LYS A 571 -10.22 -19.95 20.27
N ILE A 572 -9.07 -19.47 20.73
CA ILE A 572 -8.56 -18.19 20.28
C ILE A 572 -8.44 -18.22 18.75
N ASN A 573 -7.81 -19.26 18.22
CA ASN A 573 -7.64 -19.41 16.78
C ASN A 573 -8.98 -19.44 16.03
N LEU A 574 -9.95 -20.13 16.60
CA LEU A 574 -11.29 -20.16 16.02
C LEU A 574 -11.88 -18.73 15.95
N GLY A 575 -11.91 -18.05 17.09
CA GLY A 575 -12.37 -16.67 17.18
C GLY A 575 -11.74 -15.86 16.07
N LEU A 576 -10.41 -15.96 15.95
CA LEU A 576 -9.65 -15.09 15.04
C LEU A 576 -9.74 -15.48 13.57
N GLN A 577 -9.60 -16.76 13.26
CA GLN A 577 -9.60 -17.19 11.85
C GLN A 577 -10.97 -17.05 11.18
N ARG A 578 -12.05 -17.15 11.93
CA ARG A 578 -13.42 -17.07 11.39
C ARG A 578 -13.94 -15.64 11.22
N ALA A 579 -13.22 -14.65 11.74
CA ALA A 579 -13.64 -13.25 11.64
C ALA A 579 -13.76 -12.84 10.18
N LYS A 580 -14.87 -12.19 9.84
CA LYS A 580 -15.14 -11.76 8.47
C LYS A 580 -14.37 -10.48 8.14
N LEU A 581 -13.89 -10.39 6.91
CA LEU A 581 -13.12 -9.21 6.49
C LEU A 581 -12.18 -8.81 7.60
N GLN A 582 -11.46 -9.79 8.12
CA GLN A 582 -10.65 -9.59 9.29
C GLN A 582 -9.50 -8.65 9.01
N LYS A 583 -9.02 -7.99 10.06
CA LYS A 583 -7.76 -7.28 10.01
C LYS A 583 -7.20 -7.18 11.42
N HIS A 584 -6.39 -8.17 11.79
CA HIS A 584 -5.77 -8.22 13.11
C HIS A 584 -4.34 -7.71 13.04
N LYS A 585 -3.89 -7.09 14.14
CA LYS A 585 -2.57 -6.49 14.21
C LYS A 585 -1.93 -6.84 15.54
N VAL A 586 -0.59 -6.88 15.56
CA VAL A 586 0.15 -7.03 16.81
C VAL A 586 1.07 -5.82 16.99
N ALA A 587 1.52 -5.59 18.21
CA ALA A 587 2.51 -4.55 18.47
C ALA A 587 3.80 -5.21 18.95
N ARG A 588 4.93 -4.79 18.38
CA ARG A 588 6.24 -5.35 18.71
C ARG A 588 7.20 -4.26 19.19
N ASP A 589 8.06 -4.59 20.14
CA ASP A 589 9.16 -3.68 20.51
C ASP A 589 10.27 -3.76 19.44
N SER A 590 11.34 -3.00 19.66
CA SER A 590 12.49 -2.97 18.74
C SER A 590 13.11 -4.35 18.48
N GLN A 591 12.99 -5.25 19.45
CA GLN A 591 13.49 -6.63 19.33
C GLN A 591 12.46 -7.64 18.80
N GLY A 592 11.33 -7.15 18.26
CA GLY A 592 10.34 -8.00 17.61
C GLY A 592 9.46 -8.82 18.54
N LYS A 593 9.54 -8.55 19.84
CA LYS A 593 8.75 -9.28 20.81
C LYS A 593 7.36 -8.68 20.87
N ILE A 594 6.36 -9.56 20.82
CA ILE A 594 4.97 -9.13 20.78
C ILE A 594 4.55 -8.63 22.16
N VAL A 595 4.01 -7.42 22.20
CA VAL A 595 3.62 -6.79 23.46
C VAL A 595 2.13 -6.46 23.54
N GLY A 596 1.48 -6.27 22.39
CA GLY A 596 0.04 -6.08 22.35
C GLY A 596 -0.59 -6.66 21.11
N PHE A 597 -1.90 -6.85 21.17
CA PHE A 597 -2.66 -7.44 20.08
C PHE A 597 -4.02 -6.75 19.95
N VAL A 598 -4.49 -6.62 18.72
CA VAL A 598 -5.84 -6.15 18.46
C VAL A 598 -6.52 -7.04 17.40
N ALA A 599 -7.79 -7.36 17.63
CA ALA A 599 -8.61 -8.14 16.69
C ALA A 599 -9.75 -7.28 16.18
N THR A 600 -10.25 -7.62 14.99
CA THR A 600 -11.03 -6.69 14.18
C THR A 600 -11.75 -7.42 13.04
N GLN A 601 -13.02 -7.08 12.84
CA GLN A 601 -13.79 -7.61 11.72
C GLN A 601 -14.79 -6.56 11.22
N ILE A 602 -15.26 -6.74 9.99
CA ILE A 602 -16.25 -5.84 9.40
C ILE A 602 -17.44 -6.66 8.92
N VAL A 603 -18.63 -6.26 9.34
CA VAL A 603 -19.86 -6.96 9.02
C VAL A 603 -20.87 -5.98 8.44
N VAL A 604 -21.70 -6.46 7.53
CA VAL A 604 -22.74 -5.63 6.91
C VAL A 604 -24.08 -5.84 7.62
N VAL A 605 -24.70 -4.74 8.07
CA VAL A 605 -26.01 -4.76 8.72
C VAL A 605 -26.86 -3.62 8.13
N ASP A 606 -28.02 -3.96 7.58
CA ASP A 606 -28.86 -3.01 6.83
C ASP A 606 -28.13 -2.43 5.61
N ASN A 607 -27.08 -3.11 5.16
CA ASN A 607 -26.17 -2.63 4.13
C ASN A 607 -25.31 -1.40 4.52
N LYS A 608 -25.13 -1.19 5.82
CA LYS A 608 -24.07 -0.34 6.34
C LYS A 608 -22.91 -1.24 6.74
N LYS A 609 -21.68 -0.87 6.37
CA LYS A 609 -20.50 -1.55 6.90
C LYS A 609 -20.40 -1.26 8.40
N HIS A 610 -20.19 -2.28 9.21
CA HIS A 610 -20.02 -2.12 10.65
C HIS A 610 -18.67 -2.69 11.06
N GLY A 611 -17.85 -1.86 11.71
CA GLY A 611 -16.56 -2.29 12.20
C GLY A 611 -16.71 -2.78 13.62
N GLN A 612 -16.18 -3.97 13.90
CA GLN A 612 -16.26 -4.52 15.24
C GLN A 612 -14.85 -4.68 15.78
N LEU A 613 -14.59 -4.04 16.93
CA LEU A 613 -13.31 -4.16 17.61
C LEU A 613 -13.45 -5.36 18.55
N MET A 614 -13.01 -6.52 18.07
CA MET A 614 -13.26 -7.78 18.75
C MET A 614 -12.48 -7.87 20.05
N LEU A 615 -11.25 -7.41 20.03
CA LEU A 615 -10.39 -7.50 21.19
C LEU A 615 -9.25 -6.50 21.09
N LEU A 616 -8.85 -5.96 22.23
CA LEU A 616 -7.68 -5.12 22.35
C LEU A 616 -7.04 -5.49 23.66
N MET A 617 -5.76 -5.84 23.64
CA MET A 617 -5.07 -6.27 24.86
C MET A 617 -3.57 -6.04 24.73
N VAL A 618 -2.93 -5.63 25.83
CA VAL A 618 -1.47 -5.51 25.88
C VAL A 618 -0.94 -6.07 27.21
N SER A 619 0.26 -6.65 27.16
CA SER A 619 0.88 -7.31 28.30
C SER A 619 1.00 -6.37 29.49
N PRO A 620 0.72 -6.85 30.72
CA PRO A 620 0.69 -6.00 31.92
C PRO A 620 1.95 -5.15 32.09
N SER A 621 3.11 -5.76 31.97
CA SER A 621 4.39 -5.06 32.10
C SER A 621 4.64 -3.98 31.02
N TYR A 622 3.81 -3.96 29.98
CA TYR A 622 3.92 -2.96 28.92
C TYR A 622 2.74 -1.97 28.83
N GLN A 623 1.76 -2.11 29.71
CA GLN A 623 0.65 -1.15 29.76
C GLN A 623 1.13 0.23 30.23
N GLY A 624 0.38 1.26 29.87
CA GLY A 624 0.72 2.64 30.23
C GLY A 624 1.90 3.23 29.49
N LYS A 625 2.21 2.69 28.31
CA LYS A 625 3.30 3.21 27.47
C LYS A 625 2.80 3.69 26.10
N GLY A 626 1.49 3.65 25.88
CA GLY A 626 0.90 4.07 24.61
C GLY A 626 0.74 2.98 23.56
N VAL A 627 0.96 1.72 23.94
CA VAL A 627 0.83 0.60 23.01
C VAL A 627 -0.64 0.36 22.68
N GLY A 628 -1.49 0.35 23.70
CA GLY A 628 -2.92 0.21 23.51
C GLY A 628 -3.44 1.23 22.50
N THR A 629 -2.93 2.45 22.64
CA THR A 629 -3.35 3.56 21.78
C THR A 629 -2.87 3.37 20.34
N LEU A 630 -1.62 2.92 20.18
CA LEU A 630 -1.12 2.58 18.83
C LEU A 630 -2.06 1.63 18.11
N LEU A 631 -2.34 0.50 18.76
CA LEU A 631 -3.16 -0.57 18.17
C LEU A 631 -4.58 -0.09 17.93
N HIS A 632 -5.12 0.62 18.92
CA HIS A 632 -6.47 1.16 18.84
C HIS A 632 -6.65 2.08 17.63
N ASP A 633 -5.66 2.93 17.40
CA ASP A 633 -5.68 3.84 16.26
C ASP A 633 -5.56 3.10 14.93
N ALA A 634 -4.70 2.09 14.87
CA ALA A 634 -4.58 1.23 13.69
C ALA A 634 -5.93 0.61 13.36
N ALA A 635 -6.67 0.22 14.39
CA ALA A 635 -8.01 -0.34 14.20
C ALA A 635 -8.99 0.68 13.60
N LEU A 636 -9.05 1.88 14.17
CA LEU A 636 -10.01 2.88 13.69
C LEU A 636 -9.59 3.46 12.35
N GLU A 637 -8.28 3.55 12.13
CA GLU A 637 -7.77 4.02 10.84
C GLU A 637 -8.18 3.08 9.72
N HIS A 638 -8.11 1.77 9.98
CA HIS A 638 -8.56 0.77 9.02
C HIS A 638 -10.05 0.90 8.75
N PHE A 639 -10.86 0.90 9.81
CA PHE A 639 -12.30 1.07 9.67
C PHE A 639 -12.61 2.33 8.87
N ARG A 640 -11.93 3.41 9.23
CA ARG A 640 -12.13 4.71 8.60
C ARG A 640 -11.95 4.64 7.09
N GLU A 641 -10.86 4.03 6.65
CA GLU A 641 -10.56 3.88 5.22
C GLU A 641 -11.59 2.98 4.52
N GLN A 642 -12.05 1.95 5.24
CA GLN A 642 -13.05 1.02 4.71
C GLN A 642 -14.47 1.59 4.64
N GLY A 643 -14.71 2.68 5.37
CA GLY A 643 -16.05 3.26 5.44
C GLY A 643 -16.94 2.53 6.43
N ALA A 644 -16.33 1.85 7.40
CA ALA A 644 -17.06 1.27 8.51
C ALA A 644 -17.28 2.38 9.54
N ASP A 645 -18.33 3.17 9.32
CA ASP A 645 -18.59 4.36 10.14
C ASP A 645 -19.38 4.07 11.43
N CYS A 646 -20.06 2.93 11.51
CA CYS A 646 -20.66 2.49 12.76
C CYS A 646 -19.74 1.43 13.33
N ILE A 647 -19.15 1.72 14.49
CA ILE A 647 -18.15 0.84 15.08
C ILE A 647 -18.63 0.37 16.45
N LYS A 648 -18.26 -0.86 16.80
CA LYS A 648 -18.75 -1.52 18.02
C LYS A 648 -17.60 -2.02 18.89
N LEU A 649 -17.75 -1.92 20.20
CA LEU A 649 -16.81 -2.57 21.13
C LEU A 649 -17.26 -4.01 21.34
N GLY A 650 -16.34 -4.94 21.10
CA GLY A 650 -16.66 -6.36 21.10
C GLY A 650 -17.21 -6.74 19.75
N SER A 651 -17.74 -7.95 19.63
CA SER A 651 -18.29 -8.42 18.37
C SER A 651 -19.58 -9.21 18.57
N THR A 652 -20.28 -9.45 17.47
CA THR A 652 -21.46 -10.30 17.47
C THR A 652 -21.03 -11.76 17.25
N TYR A 653 -20.66 -12.10 16.01
CA TYR A 653 -20.25 -13.47 15.67
C TYR A 653 -19.15 -13.47 14.60
N PRO A 654 -18.00 -14.10 14.87
CA PRO A 654 -17.54 -14.72 16.12
C PRO A 654 -17.18 -13.67 17.18
N ARG A 655 -16.79 -14.12 18.37
CA ARG A 655 -16.73 -13.23 19.51
C ARG A 655 -15.98 -13.78 20.71
N PHE A 656 -15.14 -12.94 21.31
CA PHE A 656 -14.65 -13.17 22.67
C PHE A 656 -15.62 -12.55 23.68
N PHE A 657 -15.96 -11.27 23.44
CA PHE A 657 -16.89 -10.53 24.30
C PHE A 657 -17.85 -9.71 23.44
N PRO A 658 -19.11 -9.55 23.89
CA PRO A 658 -20.10 -8.72 23.19
C PRO A 658 -19.94 -7.23 23.50
N GLY A 659 -19.33 -6.94 24.64
CA GLY A 659 -19.01 -5.58 25.05
C GLY A 659 -17.79 -5.67 25.91
N VAL A 660 -17.67 -4.78 26.91
CA VAL A 660 -16.51 -4.80 27.78
C VAL A 660 -16.89 -5.43 29.12
N PRO A 661 -16.18 -6.51 29.50
CA PRO A 661 -16.42 -7.15 30.80
C PRO A 661 -16.51 -6.12 31.93
N ASP A 662 -17.29 -6.46 32.95
CA ASP A 662 -17.56 -5.54 34.07
C ASP A 662 -17.19 -6.10 35.45
N ASP A 663 -16.88 -7.39 35.53
CA ASP A 663 -16.79 -8.07 36.82
C ASP A 663 -15.39 -8.07 37.45
N ASP A 664 -14.44 -7.37 36.84
CA ASP A 664 -13.13 -7.17 37.47
C ASP A 664 -12.62 -5.76 37.20
N ALA A 665 -11.64 -5.35 38.01
CA ALA A 665 -11.16 -3.97 38.01
C ALA A 665 -10.41 -3.59 36.74
N GLN A 666 -9.52 -4.48 36.27
CA GLN A 666 -8.78 -4.23 35.04
C GLN A 666 -9.71 -4.05 33.84
N SER A 667 -10.84 -4.75 33.84
CA SER A 667 -11.84 -4.59 32.79
C SER A 667 -12.58 -3.26 32.87
N ARG A 668 -13.05 -2.90 34.06
CA ARG A 668 -13.73 -1.61 34.25
C ARG A 668 -12.78 -0.46 33.90
N LYS A 669 -11.52 -0.62 34.26
CA LYS A 669 -10.48 0.34 33.86
C LYS A 669 -10.39 0.47 32.34
N ALA A 670 -10.46 -0.65 31.63
CA ALA A 670 -10.47 -0.66 30.17
C ALA A 670 -11.73 0.00 29.59
N GLN A 671 -12.82 0.02 30.34
CA GLN A 671 -14.02 0.74 29.92
C GLN A 671 -13.77 2.25 29.91
N ALA A 672 -13.08 2.73 30.93
CA ALA A 672 -12.69 4.14 31.01
C ALA A 672 -11.73 4.49 29.87
N PHE A 673 -10.79 3.59 29.58
CA PHE A 673 -9.88 3.78 28.47
C PHE A 673 -10.65 4.10 27.19
N PHE A 674 -11.67 3.28 26.91
CA PHE A 674 -12.45 3.41 25.68
C PHE A 674 -13.35 4.65 25.63
N SER A 675 -14.05 4.96 26.73
CA SER A 675 -14.90 6.16 26.74
C SER A 675 -14.07 7.42 26.59
N LYS A 676 -12.90 7.45 27.24
CA LYS A 676 -11.98 8.57 27.15
C LYS A 676 -11.48 8.86 25.73
N LYS A 677 -11.43 7.83 24.88
CA LYS A 677 -11.07 7.98 23.46
C LYS A 677 -12.25 8.44 22.62
N GLY A 678 -13.47 8.36 23.16
CA GLY A 678 -14.66 8.84 22.46
C GLY A 678 -15.79 7.84 22.29
N TRP A 679 -15.57 6.59 22.69
CA TRP A 679 -16.59 5.56 22.60
C TRP A 679 -17.77 5.90 23.51
N ARG A 680 -18.98 5.77 22.99
CA ARG A 680 -20.20 6.01 23.77
C ARG A 680 -20.68 4.72 24.46
N MET A 681 -20.29 4.56 25.73
CA MET A 681 -20.67 3.38 26.54
C MET A 681 -22.12 3.51 27.02
N ASP A 682 -22.84 2.39 27.06
CA ASP A 682 -24.23 2.36 27.53
C ASP A 682 -24.31 2.50 29.05
N ASP A 683 -25.46 2.98 29.52
CA ASP A 683 -25.69 3.18 30.96
C ASP A 683 -25.91 1.86 31.69
N ASN A 684 -26.67 0.97 31.04
CA ASN A 684 -27.04 -0.33 31.62
C ASN A 684 -26.07 -1.42 31.18
N LEU A 685 -26.12 -2.55 31.89
CA LEU A 685 -25.26 -3.70 31.57
C LEU A 685 -25.99 -4.71 30.70
N VAL A 686 -25.23 -5.71 30.25
CA VAL A 686 -25.72 -6.80 29.43
C VAL A 686 -25.06 -8.05 30.00
N HIS A 687 -25.78 -9.18 29.96
CA HIS A 687 -25.37 -10.37 30.73
C HIS A 687 -25.25 -11.66 29.92
N ASP A 688 -24.30 -12.50 30.35
CA ASP A 688 -24.27 -13.92 29.99
C ASP A 688 -24.82 -14.69 31.19
N LEU A 689 -25.68 -15.68 30.91
CA LEU A 689 -26.28 -16.51 31.97
C LEU A 689 -25.68 -17.91 32.00
N ILE A 690 -25.72 -18.53 33.18
CA ILE A 690 -25.33 -19.94 33.34
C ILE A 690 -26.45 -20.70 34.04
N GLY A 691 -26.72 -21.92 33.58
CA GLY A 691 -27.78 -22.75 34.15
C GLY A 691 -27.34 -24.18 34.38
N ASP A 692 -27.56 -24.69 35.59
CA ASP A 692 -27.31 -26.09 35.92
C ASP A 692 -28.46 -26.95 35.38
N LEU A 693 -28.13 -27.98 34.62
CA LEU A 693 -29.13 -28.91 34.08
C LEU A 693 -29.00 -30.32 34.66
N GLN A 694 -28.11 -30.49 35.64
CA GLN A 694 -27.81 -31.79 36.24
C GLN A 694 -29.05 -32.68 36.31
N ASP A 695 -30.08 -32.19 37.02
CA ASP A 695 -31.38 -32.85 37.06
C ASP A 695 -32.46 -31.82 36.76
N TYR A 696 -32.61 -31.50 35.47
CA TYR A 696 -33.59 -30.53 35.02
C TYR A 696 -34.83 -31.23 34.48
N LYS A 697 -35.99 -30.81 34.97
CA LYS A 697 -37.28 -31.27 34.48
C LYS A 697 -38.07 -30.07 33.99
N VAL A 698 -38.77 -30.22 32.86
CA VAL A 698 -39.63 -29.17 32.34
C VAL A 698 -40.80 -28.99 33.30
N PRO A 699 -40.95 -27.79 33.90
CA PRO A 699 -42.05 -27.54 34.82
C PRO A 699 -43.41 -27.91 34.24
N ASP A 700 -44.32 -28.39 35.09
CA ASP A 700 -45.59 -28.96 34.65
C ASP A 700 -46.52 -27.91 34.03
N LYS A 701 -46.47 -26.70 34.55
CA LYS A 701 -47.29 -25.59 34.05
C LYS A 701 -47.03 -25.37 32.55
N ILE A 702 -45.77 -25.47 32.18
CA ILE A 702 -45.33 -25.20 30.81
C ILE A 702 -45.69 -26.37 29.90
N GLN A 703 -45.47 -27.59 30.39
CA GLN A 703 -45.90 -28.81 29.69
C GLN A 703 -47.37 -28.75 29.38
N ALA A 704 -48.17 -28.43 30.40
CA ALA A 704 -49.62 -28.30 30.28
C ALA A 704 -50.00 -27.19 29.31
N ARG A 705 -49.32 -26.05 29.41
CA ARG A 705 -49.56 -24.91 28.52
C ARG A 705 -49.27 -25.28 27.06
N MET A 706 -48.09 -25.84 26.82
CA MET A 706 -47.72 -26.25 25.46
C MET A 706 -48.59 -27.37 24.93
N LEU A 707 -49.03 -28.25 25.83
CA LEU A 707 -50.00 -29.30 25.48
C LEU A 707 -51.33 -28.66 25.10
N LYS A 708 -51.82 -27.74 25.93
CA LYS A 708 -53.09 -27.06 25.67
C LYS A 708 -53.07 -26.22 24.39
N GLU A 709 -51.97 -25.51 24.15
CA GLU A 709 -51.82 -24.68 22.95
C GLU A 709 -51.55 -25.50 21.67
N LYS A 710 -51.28 -26.79 21.84
CA LYS A 710 -50.99 -27.72 20.73
C LYS A 710 -49.76 -27.28 19.93
N ILE A 711 -48.69 -27.05 20.66
CA ILE A 711 -47.44 -26.60 20.07
C ILE A 711 -46.54 -27.81 19.79
N TRP A 712 -45.93 -27.84 18.61
CA TRP A 712 -44.98 -28.87 18.25
C TRP A 712 -43.56 -28.31 18.21
N PHE A 713 -42.62 -29.01 18.83
CA PHE A 713 -41.20 -28.65 18.74
C PHE A 713 -40.42 -29.68 17.94
N GLY A 714 -39.31 -29.24 17.35
CA GLY A 714 -38.40 -30.14 16.64
C GLY A 714 -37.50 -29.44 15.64
N ARG A 715 -36.60 -30.22 15.05
CA ARG A 715 -35.60 -29.69 14.12
C ARG A 715 -36.24 -29.21 12.83
N ILE A 716 -35.48 -28.42 12.09
CA ILE A 716 -35.85 -28.05 10.73
C ILE A 716 -35.09 -28.99 9.79
N LYS A 717 -35.76 -29.47 8.74
CA LYS A 717 -35.09 -30.31 7.74
C LYS A 717 -34.60 -29.42 6.60
N PRO A 718 -33.57 -29.88 5.86
CA PRO A 718 -33.00 -29.11 4.76
C PRO A 718 -34.02 -28.57 3.75
N SER A 719 -35.01 -29.38 3.39
CA SER A 719 -36.06 -28.95 2.46
C SER A 719 -37.01 -27.91 3.08
N GLU A 720 -37.00 -27.78 4.40
CA GLU A 720 -37.84 -26.80 5.11
C GLU A 720 -37.07 -25.54 5.52
N THR A 721 -35.80 -25.42 5.15
CA THR A 721 -34.99 -24.28 5.57
C THR A 721 -35.67 -22.93 5.26
N TRP A 722 -36.24 -22.80 4.06
CA TRP A 722 -36.91 -21.58 3.65
C TRP A 722 -37.94 -21.08 4.68
N GLU A 723 -38.62 -22.00 5.36
CA GLU A 723 -39.62 -21.64 6.35
C GLU A 723 -38.99 -20.96 7.55
N LEU A 724 -37.77 -21.39 7.91
CA LEU A 724 -37.02 -20.77 9.00
C LEU A 724 -36.48 -19.40 8.58
N TYR A 725 -35.99 -19.31 7.34
CA TYR A 725 -35.52 -18.03 6.81
C TYR A 725 -36.69 -17.04 6.66
N ALA A 726 -37.81 -17.50 6.11
CA ALA A 726 -39.02 -16.67 6.01
C ALA A 726 -39.42 -16.11 7.37
N PHE A 727 -39.34 -16.95 8.40
CA PHE A 727 -39.64 -16.56 9.76
C PHE A 727 -38.71 -15.44 10.23
N GLN A 728 -37.40 -15.69 10.14
CA GLN A 728 -36.39 -14.71 10.55
C GLN A 728 -36.52 -13.40 9.77
N GLN A 729 -36.79 -13.47 8.48
CA GLN A 729 -36.96 -12.28 7.65
C GLN A 729 -38.11 -11.41 8.13
N ARG A 730 -39.24 -12.02 8.47
CA ARG A 730 -40.38 -11.25 8.95
C ARG A 730 -40.18 -10.73 10.38
N ASN A 731 -39.62 -11.56 11.25
CA ASN A 731 -39.67 -11.30 12.69
C ASN A 731 -38.35 -10.87 13.36
N PHE A 732 -37.23 -11.43 12.91
CA PHE A 732 -35.93 -11.10 13.51
C PHE A 732 -34.83 -11.01 12.47
N PRO A 733 -35.00 -10.09 11.48
CA PRO A 733 -34.10 -10.04 10.31
C PRO A 733 -32.64 -9.86 10.67
N HIS A 734 -32.39 -9.21 11.81
CA HIS A 734 -31.05 -9.05 12.34
C HIS A 734 -30.38 -10.36 12.74
N TRP A 735 -31.12 -11.47 12.79
CA TRP A 735 -30.53 -12.79 13.08
C TRP A 735 -30.39 -13.72 11.88
N LEU A 736 -31.08 -13.42 10.78
CA LEU A 736 -31.05 -14.28 9.59
C LEU A 736 -29.66 -14.81 9.27
N SER A 737 -28.66 -13.93 9.25
CA SER A 737 -27.29 -14.32 8.88
C SER A 737 -26.67 -15.36 9.84
N THR A 738 -27.09 -15.35 11.10
CA THR A 738 -26.59 -16.32 12.07
C THR A 738 -27.15 -17.71 11.81
N TYR A 739 -28.45 -17.78 11.51
CA TYR A 739 -29.09 -19.02 11.11
C TYR A 739 -28.48 -19.52 9.81
N GLN A 740 -28.30 -18.61 8.85
CA GLN A 740 -27.66 -18.94 7.57
C GLN A 740 -26.24 -19.46 7.73
N HIS A 741 -25.51 -18.92 8.71
CA HIS A 741 -24.12 -19.31 8.92
C HIS A 741 -24.05 -20.77 9.38
N HIS A 742 -24.94 -21.14 10.30
CA HIS A 742 -25.01 -22.51 10.80
C HIS A 742 -25.46 -23.49 9.70
N VAL A 743 -26.47 -23.10 8.92
CA VAL A 743 -26.92 -23.94 7.81
C VAL A 743 -25.78 -24.24 6.85
N GLU A 744 -24.90 -23.28 6.61
CA GLU A 744 -23.75 -23.50 5.72
C GLU A 744 -22.87 -24.61 6.26
N LEU A 745 -22.75 -24.70 7.58
CA LEU A 745 -22.01 -25.79 8.25
C LEU A 745 -22.79 -27.10 8.40
N GLY A 746 -24.09 -27.09 8.10
CA GLY A 746 -24.93 -28.28 8.22
C GLY A 746 -25.37 -28.62 9.64
N ASP A 747 -25.40 -27.62 10.51
CA ASP A 747 -25.85 -27.83 11.90
C ASP A 747 -27.35 -27.68 12.02
N TYR A 748 -28.08 -28.54 11.29
CA TYR A 748 -29.53 -28.53 11.30
C TYR A 748 -30.09 -29.05 12.63
N GLN A 749 -29.33 -29.91 13.32
CA GLN A 749 -29.81 -30.47 14.59
C GLN A 749 -29.87 -29.44 15.71
N ASP A 750 -29.23 -28.29 15.50
CA ASP A 750 -29.26 -27.20 16.46
C ASP A 750 -30.37 -26.16 16.18
N LEU A 751 -30.98 -26.23 14.99
CA LEU A 751 -32.00 -25.26 14.63
C LEU A 751 -33.37 -25.82 14.99
N ILE A 752 -33.87 -25.39 16.14
CA ILE A 752 -35.15 -25.82 16.65
C ILE A 752 -36.23 -24.79 16.32
N VAL A 753 -37.40 -25.28 15.96
CA VAL A 753 -38.54 -24.42 15.68
C VAL A 753 -39.74 -24.94 16.44
N ALA A 754 -40.64 -24.03 16.78
CA ALA A 754 -41.97 -24.38 17.26
C ALA A 754 -42.93 -24.28 16.08
N ARG A 755 -43.81 -25.27 15.95
CA ARG A 755 -44.84 -25.28 14.89
C ARG A 755 -46.23 -25.46 15.50
N GLN A 756 -47.25 -25.00 14.78
CA GLN A 756 -48.62 -25.15 15.22
C GLN A 756 -49.09 -26.57 14.97
N ASP A 757 -49.67 -27.19 16.00
CA ASP A 757 -50.28 -28.52 15.89
C ASP A 757 -49.26 -29.66 15.78
N ASP A 758 -48.52 -29.70 14.68
CA ASP A 758 -47.63 -30.82 14.40
C ASP A 758 -46.44 -30.43 13.51
N GLU A 759 -45.66 -31.44 13.11
CA GLU A 759 -44.46 -31.25 12.31
C GLU A 759 -44.66 -30.57 10.94
N ASN A 760 -45.92 -30.40 10.51
CA ASN A 760 -46.20 -29.70 9.25
C ASN A 760 -46.77 -28.29 9.42
N GLY A 761 -47.07 -27.90 10.65
CA GLY A 761 -47.63 -26.57 10.90
C GLY A 761 -46.66 -25.46 10.57
N ARG A 762 -47.19 -24.25 10.41
CA ARG A 762 -46.35 -23.08 10.11
C ARG A 762 -45.42 -22.83 11.29
N VAL A 763 -44.25 -22.28 11.00
CA VAL A 763 -43.27 -21.96 12.04
C VAL A 763 -43.73 -20.72 12.80
N ILE A 764 -43.79 -20.84 14.12
CA ILE A 764 -44.26 -19.74 14.98
C ILE A 764 -43.22 -19.25 15.99
N ALA A 765 -42.10 -19.97 16.09
CA ALA A 765 -41.02 -19.57 16.98
C ALA A 765 -39.78 -20.34 16.55
N SER A 766 -38.63 -19.95 17.07
CA SER A 766 -37.39 -20.66 16.78
C SER A 766 -36.28 -20.29 17.74
N LEU A 767 -35.26 -21.14 17.83
CA LEU A 767 -34.02 -20.80 18.52
C LEU A 767 -32.86 -21.66 18.03
N ILE A 768 -31.66 -21.28 18.44
CA ILE A 768 -30.43 -21.94 18.01
C ILE A 768 -29.75 -22.61 19.19
N LEU A 769 -29.73 -23.94 19.19
CA LEU A 769 -28.98 -24.71 20.17
C LEU A 769 -27.51 -24.73 19.83
N ASN A 770 -26.71 -25.11 20.82
CA ASN A 770 -25.33 -25.48 20.62
C ASN A 770 -24.91 -26.45 21.72
N THR A 771 -24.01 -27.36 21.41
CA THR A 771 -23.50 -28.31 22.40
C THR A 771 -22.07 -28.70 22.06
N THR A 772 -21.21 -28.61 23.07
CA THR A 772 -19.82 -29.00 22.93
C THR A 772 -19.69 -30.45 22.42
N HIS A 773 -18.89 -30.62 21.37
CA HIS A 773 -18.66 -31.90 20.67
C HIS A 773 -19.81 -32.44 19.83
N VAL A 774 -20.88 -31.67 19.68
CA VAL A 774 -22.01 -32.07 18.84
C VAL A 774 -22.14 -31.11 17.67
N SER A 775 -22.19 -29.81 17.98
CA SER A 775 -22.17 -28.76 16.97
C SER A 775 -20.85 -28.75 16.20
N HIS A 776 -20.87 -28.17 15.00
CA HIS A 776 -19.70 -28.16 14.12
C HIS A 776 -18.52 -27.52 14.81
N GLU A 777 -17.31 -27.95 14.45
CA GLU A 777 -16.08 -27.44 15.10
C GLU A 777 -15.84 -25.94 14.89
N TYR A 778 -16.43 -25.36 13.85
CA TYR A 778 -16.33 -23.93 13.58
C TYR A 778 -17.45 -23.10 14.22
N ARG A 779 -18.19 -23.69 15.14
CA ARG A 779 -19.17 -22.95 15.92
C ARG A 779 -18.47 -22.33 17.13
N SER A 780 -18.59 -21.02 17.26
CA SER A 780 -17.96 -20.28 18.35
C SER A 780 -19.01 -19.79 19.36
N ASP A 781 -20.22 -20.35 19.30
CA ASP A 781 -21.30 -20.04 20.26
C ASP A 781 -20.78 -20.12 21.70
N LEU A 782 -20.16 -21.26 22.01
CA LEU A 782 -19.60 -21.48 23.33
C LEU A 782 -18.13 -21.81 23.19
N ILE A 783 -17.28 -20.92 23.71
CA ILE A 783 -15.84 -21.15 23.71
C ILE A 783 -15.32 -21.35 25.13
N TRP A 784 -16.18 -21.16 26.13
CA TRP A 784 -15.75 -21.16 27.52
C TRP A 784 -15.85 -22.56 28.12
N THR A 785 -15.19 -23.52 27.48
CA THR A 785 -15.34 -24.93 27.83
C THR A 785 -14.30 -25.43 28.82
N ASP A 786 -13.47 -24.53 29.36
CA ASP A 786 -12.47 -24.89 30.36
C ASP A 786 -13.16 -25.51 31.57
N ASP A 787 -12.49 -26.44 32.24
CA ASP A 787 -13.06 -27.13 33.40
C ASP A 787 -13.57 -26.18 34.49
N LYS A 788 -12.91 -25.04 34.64
CA LYS A 788 -13.26 -24.09 35.71
C LYS A 788 -14.46 -23.19 35.35
N LEU A 789 -14.95 -23.29 34.12
CA LEU A 789 -16.07 -22.47 33.65
C LEU A 789 -17.26 -23.38 33.34
N PHE A 790 -17.63 -23.49 32.06
CA PHE A 790 -18.55 -24.51 31.60
C PHE A 790 -17.67 -25.70 31.27
N GLY A 791 -18.18 -26.91 31.35
CA GLY A 791 -17.32 -28.08 31.22
C GLY A 791 -17.14 -28.55 29.80
N GLU A 792 -16.83 -29.84 29.67
CA GLU A 792 -16.99 -30.58 28.43
C GLU A 792 -18.47 -30.82 28.17
N ARG A 793 -19.18 -31.21 29.22
CA ARG A 793 -20.60 -31.49 29.15
C ARG A 793 -21.35 -30.16 29.25
N SER A 794 -21.37 -29.45 28.12
CA SER A 794 -21.83 -28.07 28.09
C SER A 794 -22.47 -27.71 26.76
N GLY A 795 -23.37 -26.73 26.81
CA GLY A 795 -24.07 -26.25 25.61
C GLY A 795 -24.80 -24.96 25.91
N GLY A 796 -25.76 -24.60 25.07
CA GLY A 796 -26.52 -23.38 25.27
C GLY A 796 -27.49 -23.09 24.14
N MET A 797 -28.05 -21.89 24.15
CA MET A 797 -29.01 -21.49 23.13
C MET A 797 -28.86 -20.01 22.79
N ALA A 798 -29.51 -19.58 21.71
CA ALA A 798 -29.41 -18.21 21.22
C ALA A 798 -30.52 -17.89 20.22
N CYS A 799 -30.59 -16.63 19.82
CA CYS A 799 -31.57 -16.17 18.84
C CYS A 799 -32.95 -16.78 19.07
N VAL A 800 -33.39 -16.69 20.33
CA VAL A 800 -34.71 -17.11 20.76
C VAL A 800 -35.71 -16.03 20.36
N GLY A 801 -36.81 -16.45 19.73
CA GLY A 801 -37.82 -15.51 19.24
C GLY A 801 -39.13 -16.17 18.88
N VAL A 802 -40.22 -15.50 19.23
CA VAL A 802 -41.56 -15.92 18.88
C VAL A 802 -42.10 -14.92 17.86
N ALA A 803 -43.01 -15.37 16.99
CA ALA A 803 -43.63 -14.48 16.00
C ALA A 803 -44.46 -13.43 16.73
N GLN A 804 -44.62 -12.26 16.11
CA GLN A 804 -45.45 -11.20 16.70
C GLN A 804 -46.89 -11.66 16.96
N GLU A 805 -47.50 -12.20 15.90
CA GLU A 805 -48.86 -12.75 15.98
C GLU A 805 -49.09 -13.68 17.19
N GLU A 806 -48.09 -14.48 17.52
CA GLU A 806 -48.25 -15.61 18.46
C GLU A 806 -47.79 -15.28 19.89
N ARG A 807 -47.57 -14.02 20.18
CA ARG A 807 -47.06 -13.62 21.49
C ARG A 807 -48.13 -13.81 22.57
N GLY A 808 -47.69 -14.09 23.79
CA GLY A 808 -48.59 -14.20 24.94
C GLY A 808 -49.30 -15.54 25.07
N ARG A 809 -48.78 -16.57 24.39
CA ARG A 809 -49.29 -17.94 24.52
C ARG A 809 -48.36 -18.80 25.36
N GLY A 810 -47.27 -18.20 25.86
CA GLY A 810 -46.29 -18.92 26.67
C GLY A 810 -45.29 -19.74 25.88
N ILE A 811 -45.25 -19.51 24.56
CA ILE A 811 -44.40 -20.28 23.65
C ILE A 811 -42.91 -20.05 23.92
N GLY A 812 -42.52 -18.78 24.00
CA GLY A 812 -41.13 -18.42 24.25
C GLY A 812 -40.52 -19.16 25.42
N ILE A 813 -41.27 -19.26 26.51
CA ILE A 813 -40.78 -19.93 27.71
C ILE A 813 -40.81 -21.44 27.47
N GLY A 814 -41.79 -21.87 26.69
CA GLY A 814 -41.90 -23.26 26.28
C GLY A 814 -40.71 -23.74 25.48
N ILE A 815 -40.43 -23.05 24.37
CA ILE A 815 -39.33 -23.41 23.48
C ILE A 815 -37.97 -23.34 24.19
N VAL A 816 -37.81 -22.41 25.11
CA VAL A 816 -36.59 -22.35 25.90
C VAL A 816 -36.53 -23.55 26.84
N ALA A 817 -37.65 -23.87 27.48
CA ALA A 817 -37.70 -24.99 28.41
C ALA A 817 -37.44 -26.29 27.66
N HIS A 818 -37.95 -26.38 26.45
CA HIS A 818 -37.69 -27.52 25.59
C HIS A 818 -36.21 -27.60 25.24
N ALA A 819 -35.62 -26.45 24.89
CA ALA A 819 -34.19 -26.37 24.61
C ALA A 819 -33.34 -26.89 25.79
N ASN A 820 -33.77 -26.58 27.00
CA ASN A 820 -33.10 -27.13 28.19
C ASN A 820 -33.22 -28.65 28.27
N TRP A 821 -34.39 -29.18 27.91
CA TRP A 821 -34.63 -30.63 27.92
C TRP A 821 -33.69 -31.29 26.94
N LEU A 822 -33.70 -30.80 25.70
CA LEU A 822 -32.83 -31.28 24.63
C LEU A 822 -31.35 -31.25 25.02
N LEU A 823 -30.93 -30.19 25.70
CA LEU A 823 -29.55 -30.10 26.17
C LEU A 823 -29.30 -31.17 27.23
N LYS A 824 -30.23 -31.32 28.17
CA LYS A 824 -30.12 -32.38 29.19
C LYS A 824 -30.02 -33.76 28.55
N GLN A 825 -30.80 -34.00 27.50
CA GLN A 825 -30.74 -35.27 26.76
C GLN A 825 -29.33 -35.53 26.23
N ARG A 826 -28.71 -34.48 25.71
CA ARG A 826 -27.34 -34.56 25.16
C ARG A 826 -26.25 -34.67 26.23
N GLY A 827 -26.63 -34.73 27.50
CA GLY A 827 -25.68 -34.90 28.59
C GLY A 827 -25.14 -33.60 29.15
N VAL A 828 -25.67 -32.47 28.69
CA VAL A 828 -25.18 -31.16 29.10
C VAL A 828 -25.55 -30.90 30.54
N THR A 829 -24.54 -30.60 31.36
CA THR A 829 -24.73 -30.25 32.76
C THR A 829 -24.74 -28.72 33.01
N LYS A 830 -24.01 -27.97 32.18
CA LYS A 830 -23.91 -26.51 32.34
C LYS A 830 -24.27 -25.80 31.04
N SER A 831 -25.17 -24.82 31.11
CA SER A 831 -25.75 -24.21 29.91
C SER A 831 -25.49 -22.71 29.80
N TYR A 832 -25.15 -22.26 28.59
CA TYR A 832 -24.68 -20.90 28.33
C TYR A 832 -25.71 -20.11 27.54
N VAL A 833 -26.35 -19.14 28.18
CA VAL A 833 -27.24 -18.21 27.50
C VAL A 833 -26.54 -16.85 27.42
N ASP A 834 -26.10 -16.49 26.21
CA ASP A 834 -25.20 -15.37 26.04
C ASP A 834 -25.94 -14.11 25.61
N TRP A 835 -25.48 -12.97 26.14
CA TRP A 835 -25.94 -11.64 25.72
C TRP A 835 -27.45 -11.52 25.80
N VAL A 836 -27.96 -11.42 27.03
CA VAL A 836 -29.38 -11.22 27.26
C VAL A 836 -29.63 -10.26 28.43
N GLU A 837 -30.85 -9.73 28.48
CA GLU A 837 -31.22 -8.73 29.49
C GLU A 837 -32.42 -9.15 30.36
N LEU A 838 -33.37 -9.88 29.79
CA LEU A 838 -34.58 -10.30 30.52
C LEU A 838 -34.25 -11.41 31.51
N LEU A 839 -33.62 -11.01 32.62
CA LEU A 839 -33.11 -11.96 33.61
C LEU A 839 -34.21 -12.69 34.37
N ASP A 840 -35.36 -12.06 34.54
CA ASP A 840 -36.49 -12.71 35.21
C ASP A 840 -37.13 -13.79 34.33
N PHE A 841 -37.04 -13.62 33.02
CA PHE A 841 -37.51 -14.61 32.06
C PHE A 841 -36.72 -15.92 32.17
N TYR A 842 -35.40 -15.81 32.14
CA TYR A 842 -34.53 -16.97 32.20
C TYR A 842 -34.31 -17.49 33.63
N SER A 843 -34.73 -16.69 34.62
CA SER A 843 -34.77 -17.14 36.02
C SER A 843 -35.82 -18.25 36.20
N ARG A 844 -36.88 -18.19 35.40
CA ARG A 844 -37.97 -19.18 35.46
C ARG A 844 -37.60 -20.57 34.94
N VAL A 845 -36.39 -20.73 34.42
CA VAL A 845 -35.90 -22.03 33.96
C VAL A 845 -34.46 -22.29 34.46
N GLY A 846 -34.11 -21.71 35.61
CA GLY A 846 -32.88 -22.06 36.32
C GLY A 846 -31.60 -21.34 35.93
N TYR A 847 -31.69 -20.29 35.11
CA TYR A 847 -30.50 -19.52 34.72
C TYR A 847 -30.25 -18.33 35.65
N LYS A 848 -29.07 -18.32 36.28
CA LYS A 848 -28.59 -17.16 37.02
C LYS A 848 -27.45 -16.52 36.25
N THR A 849 -27.17 -15.24 36.52
CA THR A 849 -26.22 -14.49 35.69
C THR A 849 -24.79 -14.94 35.98
N TRP A 850 -23.99 -15.01 34.93
CA TRP A 850 -22.66 -15.60 35.01
C TRP A 850 -21.59 -14.51 34.94
N ARG A 851 -21.70 -13.65 33.93
CA ARG A 851 -20.79 -12.53 33.74
C ARG A 851 -21.57 -11.38 33.12
N SER A 852 -21.13 -10.14 33.38
CA SER A 852 -21.79 -8.95 32.83
C SER A 852 -20.85 -8.11 31.97
N TYR A 853 -21.40 -7.43 30.98
CA TYR A 853 -20.64 -6.56 30.08
C TYR A 853 -21.35 -5.23 29.87
N ARG A 854 -20.58 -4.19 29.59
CA ARG A 854 -21.15 -2.90 29.18
C ARG A 854 -20.82 -2.68 27.72
N LEU A 855 -21.86 -2.55 26.90
CA LEU A 855 -21.67 -2.32 25.48
C LEU A 855 -21.10 -0.94 25.22
N GLY A 856 -20.46 -0.78 24.07
CA GLY A 856 -19.94 0.50 23.62
C GLY A 856 -20.07 0.56 22.12
N HIS A 857 -20.29 1.76 21.59
N HIS A 857 -20.32 1.75 21.59
CA HIS A 857 -20.43 1.95 20.14
CA HIS A 857 -20.48 1.95 20.15
C HIS A 857 -19.90 3.33 19.77
C HIS A 857 -19.93 3.32 19.77
N PHE A 858 -19.88 3.60 18.47
CA PHE A 858 -19.37 4.88 17.96
C PHE A 858 -19.82 5.11 16.51
CA ASN B 8 27.36 -36.74 16.05
C ASN B 8 26.85 -35.63 15.12
N LEU B 9 27.50 -34.48 15.11
CA LEU B 9 27.05 -33.31 14.33
C LEU B 9 28.21 -32.47 13.77
N ASP B 10 29.43 -33.01 13.79
CA ASP B 10 30.63 -32.25 13.45
C ASP B 10 30.90 -32.29 11.95
N LYS B 11 30.69 -33.46 11.34
CA LYS B 11 30.84 -33.61 9.89
C LYS B 11 29.78 -32.75 9.20
N GLU B 12 28.57 -32.81 9.74
CA GLU B 12 27.40 -32.17 9.11
C GLU B 12 27.50 -30.64 8.96
N ILE B 13 28.21 -29.99 9.87
CA ILE B 13 28.25 -28.52 9.94
C ILE B 13 28.95 -27.86 8.75
N GLY B 14 29.65 -28.65 7.92
CA GLY B 14 30.23 -28.14 6.68
C GLY B 14 29.21 -27.63 5.67
N GLN B 15 27.97 -28.14 5.76
CA GLN B 15 26.86 -27.67 4.91
C GLN B 15 26.50 -26.20 5.17
N LEU B 16 26.84 -25.70 6.36
CA LEU B 16 26.60 -24.30 6.73
C LEU B 16 27.71 -23.34 6.30
N LEU B 17 28.63 -23.79 5.44
CA LEU B 17 29.76 -22.96 5.03
C LEU B 17 29.87 -22.78 3.53
N MET B 18 30.44 -21.64 3.13
CA MET B 18 30.68 -21.32 1.73
C MET B 18 32.08 -20.74 1.60
N CYS B 19 32.94 -21.43 0.85
CA CYS B 19 34.34 -21.01 0.71
C CYS B 19 34.81 -21.01 -0.74
N GLY B 20 35.73 -20.08 -1.04
CA GLY B 20 36.34 -19.98 -2.36
C GLY B 20 37.80 -20.38 -2.31
N PHE B 21 38.49 -20.16 -3.41
CA PHE B 21 39.88 -20.59 -3.55
C PHE B 21 40.51 -19.92 -4.76
N ASP B 22 41.81 -20.16 -4.94
CA ASP B 22 42.56 -19.60 -6.06
C ASP B 22 42.77 -20.61 -7.18
N GLY B 23 42.73 -20.10 -8.42
CA GLY B 23 43.07 -20.90 -9.58
C GLY B 23 41.88 -21.29 -10.43
N LEU B 24 42.17 -22.01 -11.50
CA LEU B 24 41.16 -22.41 -12.47
C LEU B 24 40.89 -23.91 -12.33
N GLU B 25 41.52 -24.54 -11.34
CA GLU B 25 41.26 -25.93 -10.99
C GLU B 25 41.26 -26.04 -9.47
N PRO B 26 40.64 -27.10 -8.93
CA PRO B 26 40.59 -27.27 -7.49
C PRO B 26 41.98 -27.25 -6.83
N THR B 27 42.11 -26.49 -5.75
CA THR B 27 43.31 -26.52 -4.92
C THR B 27 43.29 -27.77 -4.06
N PRO B 28 44.45 -28.14 -3.48
CA PRO B 28 44.42 -29.13 -2.40
C PRO B 28 43.55 -28.67 -1.23
N GLY B 29 43.51 -27.36 -0.98
CA GLY B 29 42.74 -26.76 0.10
C GLY B 29 41.25 -27.10 0.12
N ILE B 30 40.52 -26.64 -0.90
CA ILE B 30 39.09 -26.97 -1.00
C ILE B 30 38.84 -28.47 -1.16
N ILE B 31 39.73 -29.18 -1.86
CA ILE B 31 39.64 -30.63 -1.93
C ILE B 31 39.58 -31.22 -0.52
N ASP B 32 40.44 -30.72 0.37
CA ASP B 32 40.42 -31.12 1.76
C ASP B 32 39.07 -30.78 2.41
N LEU B 33 38.64 -29.53 2.26
CA LEU B 33 37.40 -29.05 2.87
C LEU B 33 36.18 -29.86 2.43
N ILE B 34 36.13 -30.21 1.14
CA ILE B 34 35.03 -31.00 0.60
C ILE B 34 35.09 -32.44 1.08
N GLU B 35 36.27 -33.05 1.00
CA GLU B 35 36.44 -34.47 1.24
C GLU B 35 36.35 -34.85 2.72
N ASN B 36 36.95 -34.03 3.58
CA ASN B 36 37.04 -34.33 5.01
C ASN B 36 36.04 -33.55 5.86
N HIS B 37 35.94 -32.24 5.61
CA HIS B 37 35.12 -31.35 6.43
C HIS B 37 33.68 -31.16 5.94
N ASN B 38 33.32 -31.84 4.84
CA ASN B 38 31.94 -31.86 4.32
C ASN B 38 31.42 -30.47 3.93
N LEU B 39 32.32 -29.64 3.41
CA LEU B 39 31.97 -28.31 2.89
C LEU B 39 30.83 -28.45 1.88
N GLY B 40 29.77 -27.68 2.05
CA GLY B 40 28.56 -27.84 1.25
C GLY B 40 28.40 -26.86 0.10
N SER B 41 29.08 -25.72 0.18
CA SER B 41 28.90 -24.66 -0.80
C SER B 41 30.24 -24.00 -1.17
N ILE B 42 30.38 -23.70 -2.45
CA ILE B 42 31.58 -23.03 -2.97
C ILE B 42 31.19 -21.64 -3.45
N ILE B 43 32.14 -20.71 -3.43
CA ILE B 43 31.98 -19.41 -4.07
C ILE B 43 33.16 -19.17 -5.01
N LEU B 44 32.87 -18.65 -6.21
CA LEU B 44 33.88 -18.41 -7.23
C LEU B 44 33.97 -16.92 -7.55
N PHE B 45 35.16 -16.50 -7.97
CA PHE B 45 35.40 -15.12 -8.40
C PHE B 45 36.06 -15.12 -9.77
N SER B 46 36.37 -13.93 -10.29
CA SER B 46 36.98 -13.81 -11.62
C SER B 46 38.28 -14.61 -11.72
N ARG B 47 39.01 -14.70 -10.61
CA ARG B 47 40.14 -15.63 -10.46
C ARG B 47 39.84 -17.00 -11.07
N ASN B 48 38.66 -17.54 -10.72
CA ASN B 48 38.28 -18.91 -11.04
C ASN B 48 37.64 -19.10 -12.42
N ILE B 49 37.29 -18.00 -13.07
CA ILE B 49 36.67 -18.04 -14.40
C ILE B 49 37.62 -17.53 -15.49
N ALA B 50 37.94 -18.41 -16.45
CA ALA B 50 38.71 -18.04 -17.64
C ALA B 50 37.86 -18.19 -18.89
N THR B 51 37.40 -19.42 -19.13
CA THR B 51 36.62 -19.75 -20.33
C THR B 51 35.52 -20.76 -20.01
N PRO B 52 34.44 -20.77 -20.80
CA PRO B 52 33.35 -21.73 -20.63
C PRO B 52 33.79 -23.19 -20.42
N LYS B 53 34.66 -23.68 -21.31
CA LYS B 53 35.16 -25.06 -21.23
C LYS B 53 35.81 -25.38 -19.87
N GLN B 54 36.63 -24.47 -19.36
CA GLN B 54 37.37 -24.72 -18.12
C GLN B 54 36.53 -24.54 -16.85
N VAL B 55 35.52 -23.66 -16.91
CA VAL B 55 34.60 -23.49 -15.78
C VAL B 55 33.76 -24.76 -15.60
N GLN B 56 33.23 -25.29 -16.71
CA GLN B 56 32.50 -26.56 -16.69
C GLN B 56 33.35 -27.68 -16.10
N LYS B 57 34.62 -27.74 -16.51
CA LYS B 57 35.56 -28.72 -15.99
C LYS B 57 35.79 -28.50 -14.49
N LEU B 58 35.88 -27.23 -14.10
CA LEU B 58 36.09 -26.86 -12.70
C LEU B 58 34.89 -27.26 -11.83
N THR B 59 33.69 -26.81 -12.22
CA THR B 59 32.48 -27.11 -11.48
C THR B 59 32.22 -28.61 -11.47
N HIS B 60 32.53 -29.29 -12.57
CA HIS B 60 32.38 -30.73 -12.63
C HIS B 60 33.38 -31.47 -11.73
N SER B 61 34.61 -30.98 -11.67
CA SER B 61 35.64 -31.58 -10.81
C SER B 61 35.25 -31.46 -9.33
N LEU B 62 34.87 -30.25 -8.93
CA LEU B 62 34.41 -29.96 -7.58
C LEU B 62 33.22 -30.84 -7.23
N GLN B 63 32.34 -31.03 -8.21
CA GLN B 63 31.13 -31.80 -8.01
C GLN B 63 31.42 -33.30 -7.88
N GLN B 64 32.28 -33.83 -8.76
CA GLN B 64 32.70 -35.23 -8.68
C GLN B 64 33.32 -35.57 -7.34
N ILE B 65 34.30 -34.77 -6.93
CA ILE B 65 35.01 -35.00 -5.68
C ILE B 65 34.04 -35.08 -4.50
N ALA B 66 33.05 -34.20 -4.49
CA ALA B 66 31.99 -34.21 -3.48
C ALA B 66 31.19 -35.52 -3.55
N ARG B 67 30.80 -35.91 -4.75
CA ARG B 67 30.09 -37.17 -4.98
C ARG B 67 30.95 -38.35 -4.51
N ASN B 68 32.17 -38.40 -5.04
CA ASN B 68 33.14 -39.44 -4.69
C ASN B 68 33.36 -39.53 -3.19
N ALA B 69 33.42 -38.38 -2.53
CA ALA B 69 33.69 -38.33 -1.09
C ALA B 69 32.46 -38.65 -0.20
N GLY B 70 31.33 -39.01 -0.82
CA GLY B 70 30.16 -39.49 -0.09
C GLY B 70 29.29 -38.39 0.50
N HIS B 71 29.05 -37.36 -0.29
CA HIS B 71 28.13 -36.29 0.10
C HIS B 71 26.71 -36.73 -0.22
N LYS B 72 25.79 -36.44 0.70
CA LYS B 72 24.40 -36.80 0.52
C LYS B 72 23.81 -36.00 -0.65
N ARG B 73 24.10 -34.69 -0.68
CA ARG B 73 23.60 -33.82 -1.73
C ARG B 73 24.75 -33.09 -2.44
N PRO B 74 24.48 -32.57 -3.65
CA PRO B 74 25.47 -31.78 -4.39
C PRO B 74 25.92 -30.50 -3.68
N LEU B 75 27.14 -30.08 -4.00
CA LEU B 75 27.63 -28.75 -3.62
C LEU B 75 26.82 -27.64 -4.27
N PHE B 76 26.64 -26.55 -3.53
CA PHE B 76 26.22 -25.28 -4.13
C PHE B 76 27.46 -24.59 -4.69
N ILE B 77 27.32 -23.96 -5.84
CA ILE B 77 28.43 -23.20 -6.45
C ILE B 77 27.95 -21.78 -6.73
N ALA B 78 28.34 -20.87 -5.84
CA ALA B 78 27.81 -19.50 -5.83
C ALA B 78 28.70 -18.50 -6.54
N VAL B 79 28.10 -17.39 -6.97
CA VAL B 79 28.84 -16.33 -7.64
C VAL B 79 28.10 -14.99 -7.54
N ASP B 80 28.86 -13.89 -7.48
CA ASP B 80 28.31 -12.53 -7.51
C ASP B 80 28.10 -12.07 -8.93
N GLN B 81 26.94 -12.36 -9.52
CA GLN B 81 26.66 -11.97 -10.89
C GLN B 81 25.54 -10.93 -10.95
N GLU B 82 25.92 -9.67 -10.68
CA GLU B 82 24.97 -8.56 -10.64
C GLU B 82 24.79 -7.87 -11.99
N ASN B 83 25.75 -8.10 -12.91
CA ASN B 83 25.61 -7.81 -14.35
C ASN B 83 26.07 -6.43 -14.84
N GLY B 84 26.20 -5.46 -13.95
CA GLY B 84 26.69 -4.14 -14.35
C GLY B 84 28.18 -4.00 -14.09
N VAL B 85 28.50 -3.28 -13.02
CA VAL B 85 29.88 -3.04 -12.61
C VAL B 85 30.46 -4.23 -11.82
N VAL B 86 29.59 -5.13 -11.36
CA VAL B 86 30.02 -6.35 -10.65
C VAL B 86 29.64 -7.59 -11.45
N ARG B 87 30.64 -8.21 -12.09
CA ARG B 87 30.46 -9.46 -12.82
C ARG B 87 31.68 -10.37 -12.65
N ARG B 88 31.47 -11.68 -12.66
CA ARG B 88 32.56 -12.65 -12.67
C ARG B 88 32.74 -13.34 -14.03
N LEU B 89 31.67 -13.40 -14.81
CA LEU B 89 31.70 -14.10 -16.10
C LEU B 89 32.66 -13.46 -17.12
N GLY B 90 32.78 -12.14 -17.09
CA GLY B 90 33.65 -11.42 -18.02
C GLY B 90 33.16 -11.52 -19.46
N ASP B 91 33.85 -12.32 -20.27
CA ASP B 91 33.46 -12.56 -21.66
C ASP B 91 32.93 -13.99 -21.88
N SER B 92 32.92 -14.79 -20.81
CA SER B 92 32.34 -16.14 -20.86
C SER B 92 30.83 -16.08 -21.02
N GLY B 93 30.21 -15.04 -20.45
CA GLY B 93 28.77 -14.82 -20.51
C GLY B 93 28.45 -13.48 -21.11
N THR B 94 27.19 -13.28 -21.46
CA THR B 94 26.74 -12.06 -22.13
C THR B 94 26.75 -10.86 -21.18
N TYR B 95 27.04 -9.68 -21.72
CA TYR B 95 26.87 -8.43 -20.99
C TYR B 95 25.40 -8.05 -21.09
N LEU B 96 24.71 -8.07 -19.95
CA LEU B 96 23.35 -7.56 -19.86
C LEU B 96 23.27 -6.48 -18.78
N PRO B 97 22.30 -5.55 -18.90
CA PRO B 97 22.20 -4.40 -17.99
C PRO B 97 22.23 -4.75 -16.49
N GLY B 98 23.11 -4.08 -15.74
CA GLY B 98 23.12 -4.17 -14.29
C GLY B 98 21.94 -3.43 -13.69
N ASN B 99 21.95 -3.25 -12.37
CA ASN B 99 20.76 -2.77 -11.67
C ASN B 99 20.27 -1.37 -12.08
N MET B 100 21.05 -0.33 -11.82
CA MET B 100 20.57 1.03 -12.11
C MET B 100 20.25 1.23 -13.60
N ALA B 101 20.97 0.51 -14.46
CA ALA B 101 20.64 0.51 -15.88
C ALA B 101 19.20 0.04 -16.08
N LEU B 102 18.83 -1.03 -15.37
CA LEU B 102 17.47 -1.57 -15.45
C LEU B 102 16.43 -0.65 -14.81
N GLY B 103 16.78 -0.03 -13.68
CA GLY B 103 15.89 0.95 -13.05
C GLY B 103 15.58 2.10 -13.99
N ALA B 104 16.62 2.58 -14.67
CA ALA B 104 16.49 3.63 -15.66
C ALA B 104 15.66 3.21 -16.85
N LEU B 105 15.90 1.99 -17.34
CA LEU B 105 15.13 1.39 -18.44
C LEU B 105 13.65 1.41 -18.09
N GLY B 106 13.34 0.96 -16.88
CA GLY B 106 12.01 1.15 -16.28
C GLY B 106 11.02 0.00 -16.44
N SER B 107 11.49 -1.18 -16.83
CA SER B 107 10.59 -2.33 -17.06
C SER B 107 11.00 -3.57 -16.26
N SER B 108 10.09 -4.06 -15.43
CA SER B 108 10.33 -5.25 -14.60
C SER B 108 10.43 -6.51 -15.46
N THR B 109 9.69 -6.52 -16.56
CA THR B 109 9.78 -7.61 -17.52
C THR B 109 11.19 -7.72 -18.12
N ALA B 110 11.81 -6.57 -18.39
CA ALA B 110 13.19 -6.55 -18.88
C ALA B 110 14.17 -7.08 -17.83
N ALA B 111 13.93 -6.75 -16.57
CA ALA B 111 14.81 -7.23 -15.49
C ALA B 111 14.63 -8.71 -15.26
N ARG B 112 13.39 -9.19 -15.33
CA ARG B 112 13.12 -10.61 -15.22
C ARG B 112 13.84 -11.35 -16.34
N ASN B 113 13.64 -10.90 -17.56
CA ASN B 113 14.23 -11.54 -18.72
C ASN B 113 15.77 -11.57 -18.70
N VAL B 114 16.39 -10.53 -18.14
CA VAL B 114 17.84 -10.53 -17.92
C VAL B 114 18.24 -11.67 -16.98
N ALA B 115 17.58 -11.75 -15.84
CA ALA B 115 17.94 -12.75 -14.82
C ALA B 115 17.79 -14.16 -15.38
N MET B 116 16.73 -14.39 -16.14
CA MET B 116 16.49 -15.69 -16.75
C MET B 116 17.63 -16.08 -17.68
N ALA B 117 18.03 -15.15 -18.55
CA ALA B 117 19.15 -15.37 -19.45
C ALA B 117 20.46 -15.64 -18.70
N ILE B 118 20.65 -14.91 -17.61
CA ILE B 118 21.87 -15.07 -16.80
C ILE B 118 21.88 -16.39 -16.03
N SER B 119 20.75 -16.78 -15.45
CA SER B 119 20.64 -18.07 -14.75
C SER B 119 20.79 -19.25 -15.72
N LYS B 120 20.38 -19.05 -16.97
CA LYS B 120 20.60 -20.03 -18.02
C LYS B 120 22.10 -20.22 -18.25
N GLU B 121 22.80 -19.12 -18.54
CA GLU B 121 24.25 -19.19 -18.78
C GLU B 121 25.03 -19.72 -17.58
N LEU B 122 24.65 -19.29 -16.38
CA LEU B 122 25.28 -19.77 -15.16
C LEU B 122 25.12 -21.29 -14.98
N LEU B 123 23.90 -21.79 -15.18
CA LEU B 123 23.63 -23.22 -14.97
C LEU B 123 24.41 -24.13 -15.90
N THR B 124 24.49 -23.74 -17.17
CA THR B 124 25.21 -24.55 -18.16
C THR B 124 26.69 -24.70 -17.76
N LEU B 125 27.25 -23.70 -17.09
CA LEU B 125 28.63 -23.76 -16.61
C LEU B 125 28.78 -24.44 -15.25
N GLY B 126 27.66 -24.76 -14.61
CA GLY B 126 27.67 -25.39 -13.30
C GLY B 126 27.54 -24.44 -12.13
N MET B 127 27.34 -23.15 -12.40
CA MET B 127 27.04 -22.19 -11.33
C MET B 127 25.54 -22.20 -11.09
N ASN B 128 25.16 -22.43 -9.84
CA ASN B 128 23.75 -22.67 -9.48
C ASN B 128 23.25 -21.84 -8.29
N TRP B 129 23.91 -20.74 -8.01
CA TRP B 129 23.52 -19.82 -6.94
C TRP B 129 24.09 -18.44 -7.27
N ASN B 130 23.22 -17.51 -7.62
CA ASN B 130 23.64 -16.15 -7.87
C ASN B 130 23.42 -15.30 -6.63
N LEU B 131 24.49 -14.74 -6.08
CA LEU B 131 24.40 -13.87 -4.91
C LEU B 131 23.91 -12.51 -5.36
N ALA B 132 22.58 -12.35 -5.39
CA ALA B 132 21.91 -11.26 -6.09
C ALA B 132 20.40 -11.53 -6.05
N PRO B 133 19.57 -10.49 -6.27
CA PRO B 133 19.91 -9.13 -6.62
C PRO B 133 20.17 -8.21 -5.42
N VAL B 134 20.75 -7.05 -5.69
CA VAL B 134 20.94 -6.01 -4.69
C VAL B 134 19.63 -5.26 -4.49
N LEU B 135 19.09 -5.30 -3.27
CA LEU B 135 17.88 -4.53 -2.91
C LEU B 135 18.21 -3.26 -2.11
N ASP B 136 19.49 -2.92 -2.02
CA ASP B 136 19.92 -1.65 -1.46
C ASP B 136 19.30 -0.52 -2.25
N VAL B 137 18.82 0.50 -1.55
CA VAL B 137 18.22 1.67 -2.16
C VAL B 137 19.24 2.82 -2.13
N ASN B 138 19.59 3.34 -3.30
CA ASN B 138 20.61 4.37 -3.39
C ASN B 138 20.05 5.78 -3.35
N ASN B 139 19.75 6.24 -2.14
CA ASN B 139 19.29 7.61 -1.92
C ASN B 139 20.43 8.55 -1.51
N ASN B 140 21.65 8.01 -1.45
CA ASN B 140 22.85 8.79 -1.20
C ASN B 140 23.66 9.00 -2.49
N PRO B 141 23.71 10.25 -2.98
CA PRO B 141 24.53 10.62 -4.14
C PRO B 141 26.04 10.32 -4.08
N LEU B 142 26.61 10.14 -2.88
CA LEU B 142 28.06 9.92 -2.72
C LEU B 142 28.46 8.46 -2.42
N ASN B 143 27.53 7.52 -2.60
CA ASN B 143 27.73 6.13 -2.17
C ASN B 143 28.73 5.37 -3.06
N PRO B 144 29.94 5.05 -2.53
CA PRO B 144 30.97 4.42 -3.36
C PRO B 144 30.73 2.94 -3.61
N VAL B 145 30.42 2.18 -2.56
CA VAL B 145 29.91 0.83 -2.72
C VAL B 145 28.39 0.98 -2.87
N ILE B 146 27.81 0.23 -3.81
CA ILE B 146 26.37 0.33 -4.13
C ILE B 146 26.05 1.67 -4.77
N GLY B 147 26.63 1.92 -5.93
CA GLY B 147 26.25 3.09 -6.70
C GLY B 147 25.17 2.60 -7.64
N VAL B 148 25.59 2.27 -8.85
CA VAL B 148 24.71 1.70 -9.87
C VAL B 148 24.28 0.25 -9.58
N ARG B 149 24.89 -0.38 -8.57
CA ARG B 149 24.47 -1.71 -8.12
C ARG B 149 23.05 -1.73 -7.55
N SER B 150 22.55 -0.56 -7.15
CA SER B 150 21.15 -0.38 -6.76
C SER B 150 20.29 0.05 -7.94
N TYR B 151 19.05 -0.42 -8.00
CA TYR B 151 18.15 -0.07 -9.11
C TYR B 151 17.84 1.44 -9.12
N GLY B 152 17.82 2.06 -7.95
CA GLY B 152 17.54 3.49 -7.88
C GLY B 152 17.21 4.06 -6.51
N GLN B 153 16.61 5.24 -6.53
CA GLN B 153 16.33 6.04 -5.34
C GLN B 153 15.05 5.60 -4.63
N ASP B 154 14.03 5.31 -5.43
CA ASP B 154 12.70 4.98 -4.93
C ASP B 154 12.69 3.52 -4.47
N PRO B 155 12.41 3.28 -3.18
CA PRO B 155 12.33 1.90 -2.67
C PRO B 155 11.28 1.05 -3.40
N GLU B 156 10.24 1.69 -3.89
CA GLU B 156 9.20 1.01 -4.63
C GLU B 156 9.71 0.50 -5.98
N LEU B 157 10.61 1.28 -6.61
CA LEU B 157 11.26 0.85 -7.85
C LEU B 157 12.20 -0.32 -7.60
N VAL B 158 12.95 -0.24 -6.50
CA VAL B 158 13.88 -1.30 -6.12
C VAL B 158 13.13 -2.62 -5.85
N ALA B 159 11.99 -2.54 -5.17
CA ALA B 159 11.16 -3.71 -4.92
C ALA B 159 10.68 -4.30 -6.23
N ARG B 160 10.07 -3.44 -7.05
CA ARG B 160 9.53 -3.82 -8.34
C ARG B 160 10.53 -4.65 -9.14
N MET B 161 11.72 -4.11 -9.36
CA MET B 161 12.75 -4.77 -10.16
C MET B 161 13.31 -5.98 -9.40
N GLY B 162 13.47 -5.83 -8.08
CA GLY B 162 14.00 -6.88 -7.23
C GLY B 162 13.20 -8.17 -7.27
N LEU B 163 11.89 -8.07 -7.10
CA LEU B 163 10.99 -9.24 -7.22
C LEU B 163 11.16 -9.93 -8.58
N ALA B 164 11.11 -9.13 -9.64
CA ALA B 164 11.23 -9.63 -11.01
C ALA B 164 12.52 -10.38 -11.30
N GLN B 165 13.62 -9.98 -10.67
CA GLN B 165 14.91 -10.67 -10.87
C GLN B 165 15.01 -11.93 -10.03
N VAL B 166 14.49 -11.89 -8.81
CA VAL B 166 14.43 -13.06 -7.96
C VAL B 166 13.59 -14.15 -8.63
N GLU B 167 12.50 -13.73 -9.28
CA GLU B 167 11.72 -14.63 -10.13
C GLU B 167 12.63 -15.18 -11.21
N GLY B 168 13.10 -14.30 -12.09
CA GLY B 168 13.93 -14.69 -13.23
C GLY B 168 15.06 -15.67 -12.93
N TYR B 169 15.81 -15.41 -11.87
CA TYR B 169 16.93 -16.29 -11.53
C TYR B 169 16.44 -17.66 -11.07
N GLN B 170 15.45 -17.66 -10.18
CA GLN B 170 14.91 -18.90 -9.61
C GLN B 170 14.04 -19.64 -10.61
N ARG B 171 13.45 -18.88 -11.52
CA ARG B 171 12.73 -19.42 -12.64
C ARG B 171 13.71 -20.27 -13.44
N GLY B 172 14.92 -19.75 -13.65
CA GLY B 172 15.99 -20.49 -14.30
C GLY B 172 16.74 -21.47 -13.42
N LYS B 173 16.10 -21.96 -12.35
CA LYS B 173 16.66 -23.00 -11.48
C LYS B 173 18.02 -22.63 -10.88
N VAL B 174 18.15 -21.37 -10.48
CA VAL B 174 19.34 -20.85 -9.80
C VAL B 174 18.90 -20.13 -8.53
N ALA B 175 19.59 -20.40 -7.42
CA ALA B 175 19.24 -19.79 -6.13
C ALA B 175 19.53 -18.29 -6.11
N THR B 176 19.00 -17.61 -5.09
CA THR B 176 19.23 -16.17 -4.93
C THR B 176 19.52 -15.79 -3.48
N SER B 177 20.13 -14.61 -3.35
CA SER B 177 20.36 -13.95 -2.07
C SER B 177 20.11 -12.46 -2.28
N ILE B 178 19.00 -11.97 -1.76
CA ILE B 178 18.75 -10.53 -1.71
C ILE B 178 19.72 -9.92 -0.71
N LYS B 179 20.23 -8.74 -1.02
CA LYS B 179 21.28 -8.13 -0.21
C LYS B 179 21.32 -6.61 -0.36
N HIS B 180 21.93 -5.90 0.60
CA HIS B 180 22.50 -6.45 1.83
C HIS B 180 21.62 -6.04 3.00
N PHE B 181 20.97 -7.00 3.63
CA PHE B 181 20.08 -6.71 4.76
C PHE B 181 20.89 -6.03 5.87
N PRO B 182 20.33 -4.98 6.50
CA PRO B 182 19.01 -4.38 6.33
C PRO B 182 18.88 -3.27 5.28
N GLY B 183 19.95 -2.99 4.54
CA GLY B 183 19.91 -1.94 3.52
C GLY B 183 21.12 -1.04 3.61
N HIS B 184 22.08 -1.32 2.74
CA HIS B 184 23.38 -0.63 2.72
C HIS B 184 23.35 0.59 1.77
N GLY B 185 22.18 0.96 1.27
CA GLY B 185 22.10 2.03 0.28
C GLY B 185 22.41 3.45 0.76
N ASP B 186 22.36 3.68 2.07
CA ASP B 186 22.51 5.03 2.62
C ASP B 186 23.73 5.17 3.52
N THR B 187 24.88 5.37 2.89
CA THR B 187 26.12 5.72 3.59
C THR B 187 27.13 6.24 2.56
N ALA B 188 28.16 6.93 3.04
CA ALA B 188 29.28 7.34 2.20
C ALA B 188 30.53 6.47 2.46
N THR B 189 30.44 5.60 3.47
CA THR B 189 31.56 4.74 3.86
C THR B 189 31.48 3.39 3.14
N ASP B 190 32.66 2.86 2.77
CA ASP B 190 32.79 1.62 2.01
C ASP B 190 33.01 0.42 2.95
N SER B 191 32.30 -0.67 2.73
CA SER B 191 32.31 -1.84 3.64
C SER B 191 33.61 -2.64 3.58
N HIS B 192 34.23 -2.68 2.40
CA HIS B 192 35.48 -3.41 2.20
C HIS B 192 36.67 -2.75 2.92
N LEU B 193 36.55 -1.45 3.17
CA LEU B 193 37.62 -0.65 3.76
C LEU B 193 37.41 -0.39 5.26
N ASP B 194 36.26 0.20 5.62
CA ASP B 194 35.96 0.59 7.01
C ASP B 194 34.52 0.22 7.39
N VAL B 195 34.19 0.39 8.67
CA VAL B 195 32.85 0.00 9.18
C VAL B 195 31.81 1.09 8.89
N PRO B 196 30.86 0.79 7.97
CA PRO B 196 29.83 1.78 7.66
C PRO B 196 28.76 1.82 8.75
N VAL B 197 28.32 3.02 9.09
CA VAL B 197 27.35 3.22 10.15
C VAL B 197 26.01 3.65 9.58
N ILE B 198 24.94 3.02 10.04
CA ILE B 198 23.59 3.43 9.70
C ILE B 198 22.85 3.76 10.99
N ASN B 199 22.82 5.05 11.32
CA ASN B 199 22.21 5.53 12.54
C ASN B 199 20.73 5.81 12.29
N LYS B 200 19.94 4.74 12.28
CA LYS B 200 18.50 4.85 12.05
C LYS B 200 17.71 3.91 12.94
N THR B 201 16.50 4.32 13.27
CA THR B 201 15.60 3.52 14.09
C THR B 201 14.84 2.55 13.19
N LEU B 202 14.16 1.60 13.81
CA LEU B 202 13.31 0.66 13.09
C LEU B 202 12.26 1.41 12.27
N GLU B 203 11.63 2.40 12.89
CA GLU B 203 10.61 3.19 12.23
C GLU B 203 11.14 3.92 10.98
N GLU B 204 12.39 4.37 11.04
CA GLU B 204 13.04 5.02 9.90
C GLU B 204 13.34 4.01 8.79
N LEU B 205 13.94 2.89 9.17
CA LEU B 205 14.27 1.83 8.21
C LEU B 205 13.04 1.33 7.47
N ASP B 206 11.95 1.06 8.18
CA ASP B 206 10.69 0.66 7.56
C ASP B 206 10.23 1.57 6.41
N LYS B 207 10.62 2.84 6.46
CA LYS B 207 10.21 3.81 5.43
C LYS B 207 10.96 3.64 4.10
N THR B 208 12.26 3.31 4.15
CA THR B 208 13.05 3.14 2.91
C THR B 208 13.85 1.83 2.84
N GLU B 209 14.81 1.63 3.72
CA GLU B 209 15.74 0.50 3.60
C GLU B 209 15.04 -0.86 3.51
N LEU B 210 14.04 -1.05 4.35
CA LEU B 210 13.38 -2.35 4.51
C LEU B 210 12.21 -2.59 3.54
N VAL B 211 11.79 -1.56 2.81
CA VAL B 211 10.67 -1.69 1.87
C VAL B 211 10.90 -2.81 0.84
N PRO B 212 12.03 -2.76 0.10
CA PRO B 212 12.23 -3.83 -0.89
C PRO B 212 12.39 -5.22 -0.28
N PHE B 213 12.97 -5.31 0.91
CA PHE B 213 13.14 -6.60 1.59
C PHE B 213 11.79 -7.19 2.04
N LYS B 214 10.91 -6.34 2.57
CA LYS B 214 9.57 -6.78 2.96
C LYS B 214 8.76 -7.23 1.74
N LYS B 215 8.74 -6.40 0.70
CA LYS B 215 8.01 -6.74 -0.53
C LYS B 215 8.47 -8.09 -1.06
N ALA B 216 9.78 -8.31 -1.09
CA ALA B 216 10.35 -9.58 -1.54
C ALA B 216 9.98 -10.75 -0.62
N LEU B 217 10.10 -10.56 0.69
CA LEU B 217 9.78 -11.63 1.64
C LEU B 217 8.32 -12.05 1.59
N GLU B 218 7.42 -11.12 1.26
CA GLU B 218 5.98 -11.41 1.21
C GLU B 218 5.47 -11.86 -0.17
N ALA B 219 6.36 -11.90 -1.16
CA ALA B 219 5.98 -12.36 -2.50
C ALA B 219 5.37 -13.76 -2.42
N GLY B 220 4.42 -14.04 -3.31
CA GLY B 220 3.55 -15.20 -3.19
C GLY B 220 4.14 -16.54 -3.56
N GLY B 221 5.07 -16.57 -4.51
CA GLY B 221 5.62 -17.83 -4.98
C GLY B 221 7.08 -17.75 -5.35
N ILE B 222 7.35 -17.92 -6.64
CA ILE B 222 8.72 -18.05 -7.15
C ILE B 222 9.53 -16.75 -7.02
N ALA B 223 8.84 -15.61 -6.93
CA ALA B 223 9.53 -14.32 -6.77
C ALA B 223 9.96 -14.07 -5.33
N CYS B 224 9.56 -14.94 -4.40
CA CYS B 224 10.07 -14.87 -3.03
C CYS B 224 11.45 -15.50 -2.98
N PRO B 225 12.44 -14.80 -2.43
CA PRO B 225 13.80 -15.30 -2.51
C PRO B 225 14.06 -16.41 -1.53
N THR B 226 15.09 -17.19 -1.81
CA THR B 226 15.37 -18.44 -1.12
C THR B 226 16.46 -18.29 -0.08
N SER B 227 17.28 -17.24 -0.23
CA SER B 227 18.18 -16.84 0.85
C SER B 227 18.17 -15.32 0.96
N VAL B 228 18.69 -14.82 2.07
CA VAL B 228 18.84 -13.39 2.31
C VAL B 228 20.21 -13.19 2.91
N MET B 229 20.97 -12.24 2.37
CA MET B 229 22.31 -11.95 2.88
C MET B 229 22.31 -10.74 3.80
N VAL B 230 23.06 -10.85 4.90
CA VAL B 230 23.19 -9.76 5.86
C VAL B 230 24.57 -9.12 5.69
N GLY B 231 24.58 -7.83 5.36
CA GLY B 231 25.82 -7.08 5.21
C GLY B 231 26.48 -6.77 6.54
N HIS B 232 27.61 -6.09 6.46
CA HIS B 232 28.36 -5.67 7.64
C HIS B 232 28.23 -4.17 7.81
N MET B 233 27.28 -3.75 8.64
CA MET B 233 27.09 -2.33 8.92
C MET B 233 26.64 -2.15 10.36
N LEU B 234 27.11 -1.08 10.99
CA LEU B 234 26.80 -0.80 12.38
C LEU B 234 25.47 -0.06 12.49
N LEU B 235 24.58 -0.60 13.33
CA LEU B 235 23.28 0.00 13.58
C LEU B 235 23.14 0.28 15.08
N PRO B 236 23.59 1.48 15.52
CA PRO B 236 23.69 1.82 16.95
C PRO B 236 22.38 1.74 17.73
N HIS B 237 21.25 1.94 17.04
CA HIS B 237 19.94 1.81 17.68
C HIS B 237 19.55 0.37 18.01
N PHE B 238 20.20 -0.60 17.36
CA PHE B 238 19.93 -2.02 17.61
C PHE B 238 21.07 -2.70 18.34
N ASN B 239 22.30 -2.47 17.88
CA ASN B 239 23.50 -3.03 18.48
C ASN B 239 24.67 -2.14 18.07
N LYS B 240 25.28 -1.47 19.06
CA LYS B 240 26.37 -0.53 18.83
C LYS B 240 27.75 -1.14 19.08
N ASP B 241 27.79 -2.42 19.49
CA ASP B 241 29.04 -3.12 19.73
C ASP B 241 29.57 -3.79 18.45
N VAL B 242 28.69 -4.47 17.71
CA VAL B 242 29.10 -5.25 16.53
C VAL B 242 28.23 -5.04 15.29
N VAL B 243 28.79 -5.37 14.13
CA VAL B 243 28.09 -5.20 12.84
C VAL B 243 26.93 -6.18 12.65
N SER B 244 25.96 -5.75 11.85
CA SER B 244 24.67 -6.45 11.68
C SER B 244 24.79 -7.95 11.45
N SER B 245 25.78 -8.37 10.68
CA SER B 245 26.06 -9.79 10.40
C SER B 245 26.06 -10.66 11.65
N ILE B 246 26.68 -10.17 12.71
CA ILE B 246 26.91 -10.95 13.92
C ILE B 246 26.12 -10.41 15.13
N ALA B 247 25.20 -9.49 14.87
CA ALA B 247 24.33 -8.93 15.90
C ALA B 247 22.98 -9.64 15.87
N PRO B 248 22.62 -10.34 16.96
CA PRO B 248 21.34 -11.06 16.98
C PRO B 248 20.11 -10.14 16.91
N GLU B 249 20.31 -8.87 17.25
CA GLU B 249 19.25 -7.87 17.19
C GLU B 249 18.81 -7.59 15.74
N ILE B 250 19.69 -7.87 14.78
CA ILE B 250 19.39 -7.71 13.35
C ILE B 250 18.99 -9.04 12.71
N VAL B 251 19.75 -10.08 12.98
CA VAL B 251 19.56 -11.36 12.31
C VAL B 251 18.33 -12.10 12.84
N ARG B 252 18.36 -12.50 14.11
CA ARG B 252 17.24 -13.26 14.66
C ARG B 252 16.03 -12.38 14.98
N ASP B 253 16.26 -11.32 15.75
CA ASP B 253 15.17 -10.45 16.22
C ASP B 253 14.40 -9.79 15.10
N LEU B 254 15.09 -9.37 14.05
CA LEU B 254 14.47 -8.59 12.98
C LEU B 254 14.05 -9.48 11.81
N LEU B 255 14.99 -10.27 11.29
CA LEU B 255 14.73 -11.07 10.10
C LEU B 255 13.93 -12.33 10.44
N ARG B 256 14.32 -13.04 11.48
CA ARG B 256 13.70 -14.33 11.81
C ARG B 256 12.40 -14.17 12.58
N ARG B 257 12.40 -13.32 13.60
CA ARG B 257 11.22 -13.14 14.46
C ARG B 257 10.21 -12.17 13.86
N ARG B 258 10.63 -10.92 13.66
CA ARG B 258 9.72 -9.85 13.26
C ARG B 258 9.12 -10.06 11.86
N PHE B 259 9.95 -10.42 10.88
CA PHE B 259 9.48 -10.70 9.54
C PHE B 259 9.04 -12.15 9.37
N GLY B 260 9.49 -13.04 10.26
CA GLY B 260 9.09 -14.44 10.20
C GLY B 260 9.58 -15.17 8.97
N TYR B 261 10.77 -14.81 8.49
CA TYR B 261 11.35 -15.45 7.32
C TYR B 261 11.75 -16.89 7.64
N LYS B 262 11.40 -17.82 6.73
CA LYS B 262 11.69 -19.24 6.92
C LYS B 262 12.82 -19.76 6.05
N GLY B 263 13.35 -18.93 5.15
CA GLY B 263 14.43 -19.32 4.27
C GLY B 263 15.81 -19.27 4.91
N VAL B 264 16.83 -19.33 4.06
CA VAL B 264 18.22 -19.34 4.50
C VAL B 264 18.73 -17.93 4.73
N ILE B 265 19.41 -17.71 5.85
CA ILE B 265 20.11 -16.45 6.08
C ILE B 265 21.62 -16.70 6.00
N ILE B 266 22.31 -15.88 5.22
CA ILE B 266 23.74 -16.03 4.99
C ILE B 266 24.47 -14.70 5.22
N THR B 267 25.73 -14.76 5.62
CA THR B 267 26.53 -13.56 5.82
C THR B 267 27.12 -13.10 4.50
N ASP B 268 27.46 -11.82 4.43
CA ASP B 268 28.38 -11.33 3.40
C ASP B 268 29.74 -11.91 3.80
N CYS B 269 30.76 -11.69 2.98
CA CYS B 269 32.08 -12.30 3.23
C CYS B 269 32.66 -11.90 4.58
N LEU B 270 32.99 -12.89 5.40
CA LEU B 270 33.56 -12.64 6.71
C LEU B 270 35.03 -12.22 6.66
N GLU B 271 35.63 -12.17 5.48
CA GLU B 271 37.00 -11.68 5.31
C GLU B 271 37.09 -10.17 5.09
N MET B 272 35.95 -9.51 4.91
CA MET B 272 35.93 -8.05 4.77
C MET B 272 36.42 -7.39 6.05
N ASP B 273 37.02 -6.21 5.92
CA ASP B 273 37.64 -5.53 7.07
C ASP B 273 36.65 -5.20 8.19
N ALA B 274 35.40 -4.91 7.81
CA ALA B 274 34.33 -4.68 8.79
C ALA B 274 34.19 -5.79 9.83
N VAL B 275 34.48 -7.03 9.43
CA VAL B 275 34.42 -8.20 10.32
C VAL B 275 35.80 -8.64 10.79
N LYS B 276 36.78 -8.63 9.89
CA LYS B 276 38.12 -9.15 10.19
C LYS B 276 38.91 -8.22 11.13
N GLU B 277 38.85 -6.92 10.87
CA GLU B 277 39.58 -5.95 11.68
C GLU B 277 38.82 -5.48 12.93
N THR B 278 37.57 -5.95 13.11
CA THR B 278 36.88 -5.79 14.39
C THR B 278 37.17 -7.00 15.27
N VAL B 279 36.93 -8.19 14.69
CA VAL B 279 37.12 -9.45 15.40
C VAL B 279 37.63 -10.51 14.41
N GLY B 280 38.29 -11.55 14.91
CA GLY B 280 38.83 -12.59 14.05
C GLY B 280 37.81 -13.13 13.04
N THR B 281 38.24 -13.38 11.81
CA THR B 281 37.37 -13.96 10.79
C THR B 281 36.91 -15.38 11.19
N PRO B 282 37.81 -16.18 11.79
CA PRO B 282 37.35 -17.45 12.40
C PRO B 282 36.35 -17.22 13.54
N LYS B 283 36.71 -16.33 14.47
CA LYS B 283 35.82 -15.95 15.57
C LYS B 283 34.48 -15.43 15.05
N GLY B 284 34.54 -14.63 13.97
CA GLY B 284 33.35 -14.04 13.35
C GLY B 284 32.34 -15.04 12.82
N ALA B 285 32.82 -16.18 12.33
CA ALA B 285 31.94 -17.24 11.82
C ALA B 285 31.14 -17.86 12.96
N LEU B 286 31.77 -17.98 14.12
CA LEU B 286 31.10 -18.50 15.31
C LEU B 286 29.98 -17.54 15.71
N MET B 287 30.33 -16.26 15.82
CA MET B 287 29.37 -15.21 16.19
C MET B 287 28.23 -15.05 15.17
N ALA B 288 28.51 -15.34 13.91
CA ALA B 288 27.50 -15.27 12.85
C ALA B 288 26.42 -16.30 13.09
N LEU B 289 26.81 -17.54 13.37
CA LEU B 289 25.85 -18.60 13.64
C LEU B 289 25.17 -18.40 15.00
N GLN B 290 25.89 -17.80 15.94
CA GLN B 290 25.30 -17.40 17.23
C GLN B 290 24.23 -16.33 17.05
N ALA B 291 24.47 -15.37 16.15
CA ALA B 291 23.51 -14.30 15.85
C ALA B 291 22.22 -14.82 15.23
N GLY B 292 22.27 -15.99 14.60
CA GLY B 292 21.12 -16.60 13.97
C GLY B 292 21.25 -16.87 12.48
N ASN B 293 22.42 -16.55 11.91
CA ASN B 293 22.69 -16.89 10.50
C ASN B 293 22.67 -18.40 10.32
N ASP B 294 22.19 -18.85 9.15
CA ASP B 294 22.24 -20.26 8.81
C ASP B 294 23.60 -20.64 8.25
N MET B 295 24.21 -19.72 7.51
CA MET B 295 25.37 -20.03 6.67
C MET B 295 26.45 -18.94 6.75
N ALA B 296 27.70 -19.37 6.82
CA ALA B 296 28.85 -18.44 6.88
C ALA B 296 29.66 -18.43 5.58
N MET B 297 30.09 -17.25 5.17
CA MET B 297 30.88 -17.06 3.95
C MET B 297 32.32 -16.69 4.29
N ILE B 298 33.28 -17.38 3.67
CA ILE B 298 34.71 -17.09 3.83
C ILE B 298 35.41 -17.27 2.47
N SER B 299 35.36 -16.24 1.64
CA SER B 299 35.61 -16.40 0.21
C SER B 299 37.04 -16.65 -0.30
N HIS B 300 38.08 -16.41 0.51
CA HIS B 300 39.45 -16.38 -0.04
C HIS B 300 40.53 -17.23 0.67
N THR B 301 40.69 -17.05 1.97
CA THR B 301 41.91 -17.46 2.66
C THR B 301 41.77 -18.80 3.37
N LEU B 302 42.66 -19.73 3.03
CA LEU B 302 42.60 -21.12 3.51
C LEU B 302 42.81 -21.24 5.02
N ALA B 303 43.77 -20.47 5.54
CA ALA B 303 44.05 -20.46 6.98
C ALA B 303 42.78 -20.13 7.79
N PHE B 304 42.02 -19.14 7.34
CA PHE B 304 40.78 -18.76 8.01
C PHE B 304 39.73 -19.85 7.89
N GLN B 305 39.59 -20.40 6.69
CA GLN B 305 38.64 -21.49 6.42
C GLN B 305 38.95 -22.69 7.30
N LYS B 306 40.25 -23.00 7.43
CA LYS B 306 40.72 -24.05 8.34
C LYS B 306 40.40 -23.74 9.80
N ASP B 307 40.80 -22.55 10.25
CA ASP B 307 40.61 -22.13 11.66
C ASP B 307 39.14 -22.01 12.05
N ALA B 308 38.36 -21.34 11.21
CA ALA B 308 36.92 -21.20 11.43
C ALA B 308 36.28 -22.53 11.76
N PHE B 309 36.61 -23.56 10.98
CA PHE B 309 36.14 -24.93 11.25
C PHE B 309 36.57 -25.43 12.62
N LYS B 310 37.84 -25.20 12.98
CA LYS B 310 38.36 -25.61 14.29
C LYS B 310 37.64 -24.89 15.42
N VAL B 311 37.34 -23.61 15.20
CA VAL B 311 36.61 -22.81 16.18
C VAL B 311 35.18 -23.34 16.37
N LEU B 312 34.54 -23.77 15.28
CA LEU B 312 33.18 -24.33 15.33
C LEU B 312 33.12 -25.72 15.97
N TYR B 313 34.15 -26.53 15.76
CA TYR B 313 34.21 -27.88 16.34
C TYR B 313 34.30 -27.83 17.87
N SER B 314 35.15 -26.93 18.36
CA SER B 314 35.29 -26.70 19.79
C SER B 314 34.01 -26.06 20.35
N ALA B 315 33.51 -25.03 19.68
CA ALA B 315 32.26 -24.38 20.08
C ALA B 315 31.10 -25.39 20.16
N LEU B 316 31.16 -26.41 19.33
CA LEU B 316 30.16 -27.48 19.33
C LEU B 316 30.30 -28.35 20.59
N GLN B 317 31.55 -28.58 21.01
CA GLN B 317 31.88 -29.37 22.21
C GLN B 317 31.31 -28.77 23.50
N GLU B 318 31.64 -27.51 23.77
CA GLU B 318 31.19 -26.81 24.98
C GLU B 318 29.66 -26.77 25.13
N GLY B 319 28.98 -26.41 24.04
CA GLY B 319 27.61 -25.91 24.12
C GLY B 319 27.61 -24.39 24.02
N GLN B 320 28.62 -23.84 23.34
CA GLN B 320 28.63 -22.43 22.96
C GLN B 320 27.74 -22.20 21.73
N LEU B 321 27.30 -23.29 21.09
CA LEU B 321 26.30 -23.24 20.04
C LEU B 321 25.08 -24.06 20.44
N ASP B 322 23.90 -23.46 20.32
CA ASP B 322 22.65 -24.17 20.51
C ASP B 322 22.55 -25.23 19.43
N LYS B 323 22.84 -26.47 19.80
CA LYS B 323 22.79 -27.60 18.85
C LYS B 323 21.42 -27.72 18.19
N ASP B 324 20.36 -27.45 18.95
CA ASP B 324 19.00 -27.48 18.43
C ASP B 324 18.82 -26.51 17.27
N GLU B 325 19.44 -25.35 17.38
CA GLU B 325 19.36 -24.30 16.36
C GLU B 325 20.14 -24.64 15.08
N ILE B 326 21.24 -25.37 15.24
CA ILE B 326 22.06 -25.80 14.10
C ILE B 326 21.31 -26.83 13.25
N ARG B 327 20.55 -27.71 13.89
CA ARG B 327 19.76 -28.71 13.16
C ARG B 327 18.71 -28.03 12.30
N GLN B 328 18.05 -27.02 12.85
CA GLN B 328 17.08 -26.22 12.10
C GLN B 328 17.74 -25.61 10.86
N SER B 329 18.93 -25.03 11.04
CA SER B 329 19.71 -24.45 9.95
C SER B 329 20.07 -25.49 8.88
N LEU B 330 20.70 -26.57 9.31
CA LEU B 330 21.04 -27.67 8.39
C LEU B 330 19.83 -28.13 7.59
N GLN B 331 18.66 -28.16 8.23
CA GLN B 331 17.42 -28.54 7.54
C GLN B 331 17.01 -27.49 6.51
N ARG B 332 17.21 -26.21 6.85
CA ARG B 332 16.94 -25.13 5.89
C ARG B 332 17.84 -25.21 4.67
N VAL B 333 19.10 -25.58 4.89
CA VAL B 333 20.07 -25.75 3.80
C VAL B 333 19.70 -26.97 2.96
N ALA B 334 19.33 -28.05 3.65
CA ALA B 334 18.88 -29.26 2.98
C ALA B 334 17.66 -28.98 2.13
N GLN B 335 16.73 -28.22 2.71
CA GLN B 335 15.52 -27.76 2.01
C GLN B 335 15.89 -27.11 0.68
N LEU B 336 16.81 -26.15 0.77
CA LEU B 336 17.21 -25.30 -0.34
C LEU B 336 17.88 -26.11 -1.43
N LYS B 337 18.83 -26.95 -1.03
CA LYS B 337 19.51 -27.85 -1.96
C LYS B 337 18.51 -28.74 -2.69
N ASP B 338 17.58 -29.35 -1.96
CA ASP B 338 16.55 -30.20 -2.56
C ASP B 338 15.65 -29.46 -3.55
N GLN B 339 15.53 -28.14 -3.39
CA GLN B 339 14.74 -27.32 -4.31
C GLN B 339 15.44 -27.10 -5.65
N PHE B 340 16.77 -27.10 -5.66
CA PHE B 340 17.53 -26.70 -6.86
C PHE B 340 18.54 -27.72 -7.40
N LEU B 341 18.89 -28.74 -6.62
CA LEU B 341 20.04 -29.58 -6.93
C LEU B 341 19.70 -31.06 -6.95
N ASN B 342 20.12 -31.74 -8.01
CA ASN B 342 20.10 -33.20 -8.05
C ASN B 342 21.33 -33.73 -8.81
N TRP B 343 21.86 -34.84 -8.33
CA TRP B 343 23.15 -35.37 -8.80
C TRP B 343 23.27 -35.54 -10.32
N ASP B 344 22.20 -35.95 -10.99
CA ASP B 344 22.27 -36.22 -12.43
C ASP B 344 22.58 -34.98 -13.26
N ASP B 345 21.78 -33.92 -13.10
CA ASP B 345 21.98 -32.66 -13.84
C ASP B 345 23.27 -31.97 -13.41
N VAL B 346 23.57 -32.10 -12.12
CA VAL B 346 24.72 -31.47 -11.51
C VAL B 346 26.03 -32.15 -11.96
N LEU B 347 25.98 -33.43 -12.29
CA LEU B 347 27.16 -34.15 -12.80
C LEU B 347 27.23 -34.20 -14.34
N GLN B 348 26.13 -33.90 -15.03
CA GLN B 348 26.17 -33.75 -16.49
C GLN B 348 26.79 -32.40 -16.83
N GLN B 349 27.40 -32.31 -18.02
CA GLN B 349 27.93 -31.06 -18.53
C GLN B 349 27.18 -30.74 -19.81
N ALA B 350 26.15 -29.89 -19.69
CA ALA B 350 25.31 -29.54 -20.83
C ALA B 350 26.14 -28.95 -21.96
N ASP B 351 25.64 -29.11 -23.17
CA ASP B 351 26.33 -28.61 -24.36
C ASP B 351 26.45 -27.09 -24.26
N LEU B 352 27.60 -26.55 -24.66
CA LEU B 352 27.81 -25.09 -24.63
C LEU B 352 26.97 -24.36 -25.68
N LYS B 353 26.34 -25.11 -26.58
CA LYS B 353 25.34 -24.54 -27.50
C LYS B 353 24.07 -24.13 -26.75
N THR B 354 23.80 -24.79 -25.62
CA THR B 354 22.59 -24.50 -24.84
C THR B 354 22.70 -23.27 -23.92
N MET B 355 23.87 -22.63 -23.87
CA MET B 355 23.95 -21.24 -23.42
C MET B 355 23.23 -20.44 -24.48
N GLY B 356 22.33 -19.54 -24.08
CA GLY B 356 21.56 -18.77 -25.05
C GLY B 356 22.34 -17.67 -25.76
N SER B 357 23.63 -17.90 -26.01
CA SER B 357 24.56 -16.85 -26.40
C SER B 357 24.05 -15.94 -27.53
N GLU B 358 23.60 -16.55 -28.63
CA GLU B 358 23.16 -15.77 -29.78
C GLU B 358 21.86 -15.00 -29.48
N ALA B 359 20.96 -15.63 -28.74
CA ALA B 359 19.71 -14.99 -28.32
C ALA B 359 19.95 -13.90 -27.28
N HIS B 360 20.86 -14.18 -26.34
CA HIS B 360 21.22 -13.22 -25.29
C HIS B 360 22.00 -12.05 -25.85
N ALA B 361 22.83 -12.30 -26.86
CA ALA B 361 23.51 -11.23 -27.57
C ALA B 361 22.47 -10.29 -28.18
N THR B 362 21.45 -10.87 -28.81
CA THR B 362 20.35 -10.10 -29.40
C THR B 362 19.59 -9.32 -28.31
N LEU B 363 19.42 -9.92 -27.14
CA LEU B 363 18.75 -9.25 -26.02
C LEU B 363 19.57 -8.08 -25.50
N SER B 364 20.88 -8.30 -25.32
CA SER B 364 21.80 -7.22 -24.95
C SER B 364 21.66 -6.01 -25.88
N LYS B 365 21.79 -6.23 -27.19
CA LYS B 365 21.64 -5.13 -28.15
C LYS B 365 20.31 -4.40 -27.95
N GLU B 366 19.22 -5.18 -27.93
CA GLU B 366 17.86 -4.61 -27.87
C GLU B 366 17.62 -3.79 -26.61
N LEU B 367 18.12 -4.27 -25.47
CA LEU B 367 17.90 -3.60 -24.19
C LEU B 367 18.76 -2.34 -24.01
N TYR B 368 20.05 -2.44 -24.31
CA TYR B 368 20.98 -1.33 -24.07
C TYR B 368 20.62 -0.07 -24.87
N ASP B 369 19.87 -0.19 -25.95
CA ASP B 369 19.34 0.98 -26.68
C ASP B 369 18.30 1.75 -25.86
N ARG B 370 17.67 1.06 -24.91
CA ARG B 370 16.67 1.65 -24.02
C ARG B 370 17.25 2.05 -22.64
N VAL B 371 18.58 2.09 -22.52
CA VAL B 371 19.25 2.30 -21.23
C VAL B 371 19.72 3.75 -21.00
N PRO B 372 20.73 4.22 -21.76
CA PRO B 372 21.30 5.53 -21.38
C PRO B 372 20.32 6.69 -21.54
N THR B 373 20.52 7.72 -20.74
CA THR B 373 19.62 8.87 -20.67
C THR B 373 20.34 10.18 -21.01
N VAL B 374 19.73 10.96 -21.90
CA VAL B 374 20.15 12.33 -22.11
C VAL B 374 19.50 13.14 -20.99
N VAL B 375 20.32 13.66 -20.08
CA VAL B 375 19.83 14.32 -18.89
C VAL B 375 19.56 15.80 -19.18
N THR B 376 20.59 16.51 -19.65
CA THR B 376 20.43 17.89 -20.11
C THR B 376 21.01 18.02 -21.52
N ASN B 377 20.41 18.89 -22.32
CA ASN B 377 20.83 19.15 -23.70
C ASN B 377 20.37 20.54 -24.11
N ARG B 378 20.78 21.53 -23.34
CA ARG B 378 20.31 22.91 -23.51
C ARG B 378 20.60 23.49 -24.90
N LYS B 379 21.76 23.15 -25.45
CA LYS B 379 22.21 23.69 -26.73
C LYS B 379 21.81 22.84 -27.94
N ASN B 380 21.05 21.77 -27.71
CA ASN B 380 20.73 20.79 -28.76
C ASN B 380 21.99 20.30 -29.48
N THR B 381 23.08 20.18 -28.73
CA THR B 381 24.33 19.64 -29.24
C THR B 381 24.13 18.20 -29.70
N LEU B 382 23.39 17.42 -28.91
CA LEU B 382 22.96 16.09 -29.31
C LEU B 382 21.69 16.17 -30.15
N PRO B 383 21.64 15.42 -31.26
CA PRO B 383 22.69 14.53 -31.77
C PRO B 383 23.72 15.28 -32.61
N ILE B 384 24.99 14.91 -32.48
CA ILE B 384 26.07 15.53 -33.26
C ILE B 384 26.13 14.94 -34.67
N ARG B 385 26.50 15.78 -35.64
CA ARG B 385 26.62 15.35 -37.03
C ARG B 385 27.92 15.93 -37.62
N PRO B 386 29.08 15.42 -37.14
CA PRO B 386 30.36 15.97 -37.57
C PRO B 386 30.74 15.57 -38.99
N ALA B 387 31.25 16.53 -39.77
CA ALA B 387 31.80 16.25 -41.09
C ALA B 387 33.06 15.41 -40.93
N GLN B 388 33.40 14.63 -41.94
CA GLN B 388 34.47 13.63 -41.84
C GLN B 388 35.81 14.23 -41.41
N THR B 389 36.07 15.46 -41.84
CA THR B 389 37.34 16.15 -41.57
C THR B 389 37.40 16.85 -40.20
N ASP B 390 36.24 17.01 -39.54
CA ASP B 390 36.24 17.58 -38.18
C ASP B 390 37.14 16.77 -37.25
N LYS B 391 37.73 17.43 -36.27
CA LYS B 391 38.55 16.75 -35.27
C LYS B 391 37.74 16.54 -33.99
N ILE B 392 37.69 15.29 -33.52
CA ILE B 392 37.05 14.96 -32.26
C ILE B 392 38.11 14.53 -31.24
N LEU B 393 38.06 15.15 -30.07
CA LEU B 393 38.94 14.77 -28.96
C LEU B 393 38.11 14.06 -27.90
N PHE B 394 38.58 12.90 -27.47
CA PHE B 394 37.91 12.13 -26.41
C PHE B 394 38.82 11.98 -25.20
N LEU B 395 38.42 12.60 -24.08
CA LEU B 395 39.18 12.56 -22.84
C LEU B 395 38.45 11.70 -21.83
N ALA B 396 39.16 10.75 -21.23
CA ALA B 396 38.55 9.81 -20.29
C ALA B 396 39.35 9.69 -19.00
N ALA B 397 38.65 9.42 -17.90
CA ALA B 397 39.29 9.33 -16.58
C ALA B 397 39.99 8.00 -16.36
N HIS B 398 41.10 8.01 -15.63
CA HIS B 398 41.81 6.78 -15.26
C HIS B 398 41.00 5.98 -14.25
N VAL B 399 41.15 4.69 -14.21
CA VAL B 399 40.44 4.07 -13.13
C VAL B 399 41.37 3.76 -12.00
N PRO B 400 40.77 3.58 -10.84
CA PRO B 400 41.50 3.62 -9.57
C PRO B 400 42.48 2.44 -9.41
N GLU B 408 39.22 -4.05 -14.14
CA GLU B 408 38.98 -4.24 -15.56
C GLU B 408 40.27 -4.05 -16.29
N LYS B 409 40.60 -2.79 -16.50
CA LYS B 409 41.63 -2.39 -17.41
C LYS B 409 41.34 -0.95 -17.78
N GLU B 410 41.17 -0.66 -19.05
CA GLU B 410 40.93 0.70 -19.48
C GLU B 410 39.51 0.84 -19.93
N PRO B 411 38.59 0.90 -18.88
CA PRO B 411 37.19 0.84 -19.32
C PRO B 411 36.71 1.66 -20.49
N PHE B 412 37.05 2.92 -20.61
CA PHE B 412 36.51 3.75 -21.66
C PHE B 412 37.01 3.36 -23.00
N ASN B 413 37.73 2.27 -23.03
CA ASN B 413 38.33 1.83 -24.27
C ASN B 413 37.26 1.44 -25.26
N SER B 414 36.40 0.55 -24.83
CA SER B 414 35.22 0.19 -25.62
C SER B 414 34.50 1.43 -26.12
N PHE B 415 34.41 2.46 -25.27
CA PHE B 415 33.85 3.75 -25.68
C PHE B 415 34.64 4.27 -26.88
N HIS B 416 35.97 4.23 -26.78
CA HIS B 416 36.86 4.63 -27.87
C HIS B 416 36.60 3.85 -29.16
N ALA B 417 36.53 2.52 -29.04
CA ALA B 417 36.24 1.66 -30.19
C ALA B 417 34.91 1.98 -30.87
N SER B 418 33.93 2.41 -30.08
CA SER B 418 32.63 2.64 -30.62
C SER B 418 32.54 3.92 -31.40
N LEU B 419 33.36 4.88 -31.02
CA LEU B 419 33.37 6.17 -31.71
C LEU B 419 34.09 6.01 -33.02
N LEU B 420 35.16 5.25 -32.98
CA LEU B 420 35.94 4.98 -34.21
C LEU B 420 35.06 4.53 -35.38
N LYS B 421 34.07 3.68 -35.10
CA LYS B 421 33.15 3.20 -36.14
C LYS B 421 32.34 4.32 -36.81
N ARG B 422 32.07 5.42 -36.09
CA ARG B 422 31.32 6.54 -36.65
C ARG B 422 32.20 7.67 -37.16
N HIS B 423 33.47 7.68 -36.76
CA HIS B 423 34.35 8.81 -37.05
C HIS B 423 35.84 8.45 -36.93
N THR B 424 36.59 8.66 -38.02
CA THR B 424 37.99 8.24 -38.10
C THR B 424 38.95 9.25 -37.47
N ASN B 425 38.66 10.54 -37.67
CA ASN B 425 39.51 11.64 -37.18
C ASN B 425 39.25 11.85 -35.67
N LEU B 426 39.95 11.07 -34.84
CA LEU B 426 39.65 11.00 -33.40
C LEU B 426 40.91 10.75 -32.56
N GLU B 427 41.07 11.52 -31.48
CA GLU B 427 42.18 11.31 -30.53
C GLU B 427 41.65 10.88 -29.17
N TYR B 428 42.37 9.98 -28.52
CA TYR B 428 41.92 9.40 -27.28
C TYR B 428 43.01 9.46 -26.22
N ILE B 429 42.71 10.15 -25.14
CA ILE B 429 43.67 10.38 -24.05
C ILE B 429 43.04 10.02 -22.71
N ILE B 430 43.66 9.10 -21.98
CA ILE B 430 43.21 8.75 -20.63
C ILE B 430 43.87 9.70 -19.62
N TYR B 431 43.10 10.69 -19.15
CA TYR B 431 43.63 11.72 -18.24
C TYR B 431 43.64 11.25 -16.77
N ASN B 432 44.56 11.82 -16.00
CA ASN B 432 44.67 11.56 -14.56
C ASN B 432 45.28 12.80 -13.87
N GLU B 433 45.58 12.68 -12.57
CA GLU B 433 46.13 13.79 -11.79
C GLU B 433 47.47 14.28 -12.34
N GLU B 434 48.31 13.35 -12.76
CA GLU B 434 49.67 13.66 -13.25
C GLU B 434 49.65 14.33 -14.63
N THR B 435 48.59 14.08 -15.40
CA THR B 435 48.47 14.59 -16.77
C THR B 435 48.85 16.07 -16.84
N PRO B 436 49.83 16.40 -17.70
CA PRO B 436 50.10 17.79 -18.05
C PRO B 436 48.88 18.48 -18.65
N ASP B 437 48.92 19.80 -18.75
CA ASP B 437 47.77 20.57 -19.25
C ASP B 437 47.44 20.21 -20.71
N LEU B 438 46.14 20.19 -21.02
CA LEU B 438 45.64 19.83 -22.35
C LEU B 438 44.88 20.94 -23.06
N SER B 439 44.89 22.15 -22.48
CA SER B 439 44.05 23.25 -22.97
C SER B 439 44.14 23.45 -24.48
N GLN B 440 45.35 23.36 -25.03
CA GLN B 440 45.57 23.62 -26.46
C GLN B 440 44.73 22.73 -27.38
N LYS B 441 44.66 21.44 -27.06
CA LYS B 441 43.94 20.47 -27.88
C LYS B 441 42.42 20.68 -27.81
N ILE B 442 41.95 21.11 -26.63
CA ILE B 442 40.53 21.36 -26.40
C ILE B 442 39.99 22.50 -27.29
N GLN B 443 40.75 23.58 -27.38
CA GLN B 443 40.33 24.77 -28.14
C GLN B 443 40.39 24.44 -29.62
N GLU B 444 41.44 23.72 -30.02
CA GLU B 444 41.63 23.30 -31.41
C GLU B 444 40.58 22.32 -31.92
N ALA B 445 40.02 21.51 -31.03
CA ALA B 445 39.06 20.47 -31.42
C ALA B 445 37.67 21.04 -31.67
N ASP B 446 36.99 20.50 -32.69
CA ASP B 446 35.64 20.93 -33.06
C ASP B 446 34.60 20.36 -32.09
N TRP B 447 34.76 19.09 -31.74
CA TRP B 447 33.90 18.44 -30.75
C TRP B 447 34.76 17.80 -29.68
N VAL B 448 34.38 17.99 -28.42
CA VAL B 448 35.05 17.34 -27.30
C VAL B 448 34.05 16.47 -26.54
N ILE B 449 34.51 15.29 -26.15
CA ILE B 449 33.72 14.34 -25.38
C ILE B 449 34.52 13.94 -24.15
N ILE B 450 33.90 14.07 -22.98
CA ILE B 450 34.58 13.72 -21.73
C ILE B 450 33.87 12.57 -21.02
N GLY B 451 34.62 11.51 -20.75
CA GLY B 451 34.14 10.40 -19.96
C GLY B 451 34.50 10.65 -18.52
N THR B 452 33.49 10.62 -17.64
CA THR B 452 33.73 10.74 -16.20
C THR B 452 33.33 9.43 -15.54
N ALA B 453 34.07 9.08 -14.49
CA ALA B 453 33.82 7.86 -13.73
C ALA B 453 33.78 8.22 -12.25
N ASN B 454 32.59 8.57 -11.77
CA ASN B 454 32.40 9.09 -10.42
C ASN B 454 33.27 10.31 -10.14
N ALA B 455 33.10 11.34 -10.98
CA ALA B 455 33.76 12.64 -10.76
C ALA B 455 33.50 13.22 -9.36
N ASN B 456 32.28 13.05 -8.87
CA ASN B 456 31.94 13.48 -7.50
C ASN B 456 32.78 12.84 -6.38
N LEU B 457 33.56 11.81 -6.73
CA LEU B 457 34.51 11.18 -5.80
C LEU B 457 35.98 11.49 -6.13
N TYR B 458 36.23 12.02 -7.33
CA TYR B 458 37.58 12.28 -7.82
C TYR B 458 37.71 13.69 -8.43
N PRO B 459 38.19 14.68 -7.63
CA PRO B 459 38.34 16.09 -8.02
C PRO B 459 39.05 16.42 -9.34
N PHE B 460 40.04 15.62 -9.75
CA PHE B 460 40.78 15.90 -11.00
C PHE B 460 39.90 15.86 -12.25
N GLN B 461 38.84 15.05 -12.19
CA GLN B 461 37.87 14.95 -13.27
C GLN B 461 36.99 16.19 -13.33
N VAL B 462 36.63 16.72 -12.16
CA VAL B 462 35.81 17.92 -12.06
C VAL B 462 36.56 19.11 -12.65
N ARG B 463 37.84 19.24 -12.30
CA ARG B 463 38.71 20.27 -12.88
C ARG B 463 38.73 20.16 -14.40
N MET B 464 38.91 18.93 -14.86
CA MET B 464 39.00 18.61 -16.29
C MET B 464 37.75 19.05 -17.04
N VAL B 465 36.58 18.83 -16.43
CA VAL B 465 35.30 19.22 -17.05
C VAL B 465 35.12 20.73 -17.01
N GLN B 466 35.36 21.32 -15.84
CA GLN B 466 35.33 22.78 -15.68
C GLN B 466 36.23 23.45 -16.72
N GLN B 467 37.45 22.94 -16.85
CA GLN B 467 38.40 23.44 -17.84
C GLN B 467 37.79 23.42 -19.25
N ALA B 468 37.26 22.27 -19.64
CA ALA B 468 36.70 22.09 -20.98
C ALA B 468 35.43 22.90 -21.19
N GLN B 469 34.65 23.09 -20.13
CA GLN B 469 33.41 23.85 -20.21
C GLN B 469 33.64 25.23 -20.82
N LYS B 470 34.72 25.90 -20.41
CA LYS B 470 35.04 27.24 -20.94
C LYS B 470 35.69 27.18 -22.32
N LEU B 471 36.69 26.31 -22.50
CA LEU B 471 37.55 26.32 -23.69
C LEU B 471 36.94 25.68 -24.93
N ALA B 472 36.40 24.47 -24.79
CA ALA B 472 35.96 23.66 -25.93
C ALA B 472 34.88 24.36 -26.77
N LYS B 473 34.91 24.11 -28.07
CA LYS B 473 33.87 24.63 -28.97
C LYS B 473 32.51 24.01 -28.63
N ARG B 474 32.46 22.67 -28.66
CA ARG B 474 31.23 21.93 -28.43
C ARG B 474 31.51 20.75 -27.51
N LEU B 475 30.91 20.77 -26.32
CA LEU B 475 31.19 19.79 -25.27
C LEU B 475 30.00 18.85 -25.07
N VAL B 476 30.31 17.57 -24.87
CA VAL B 476 29.36 16.59 -24.37
C VAL B 476 30.08 15.78 -23.29
N VAL B 477 29.39 15.52 -22.18
CA VAL B 477 29.98 14.78 -21.08
C VAL B 477 29.15 13.53 -20.84
N ALA B 478 29.82 12.37 -20.81
CA ALA B 478 29.17 11.10 -20.59
C ALA B 478 29.66 10.48 -19.29
N ALA B 479 28.78 10.34 -18.30
CA ALA B 479 29.15 9.75 -17.01
C ALA B 479 28.89 8.26 -17.04
N VAL B 480 29.95 7.46 -17.03
CA VAL B 480 29.82 6.01 -17.26
C VAL B 480 29.82 5.14 -16.00
N MET B 481 29.93 5.74 -14.82
CA MET B 481 29.71 5.01 -13.58
C MET B 481 28.44 5.55 -12.92
N ASN B 482 28.55 6.17 -11.75
CA ASN B 482 27.39 6.74 -11.09
C ASN B 482 26.93 7.96 -11.88
N PRO B 483 25.60 8.18 -11.96
CA PRO B 483 25.00 9.24 -12.77
C PRO B 483 25.05 10.65 -12.16
N TYR B 484 25.50 10.75 -10.91
CA TYR B 484 25.40 11.99 -10.14
C TYR B 484 26.40 13.06 -10.54
N ASP B 485 27.31 12.75 -11.45
CA ASP B 485 28.49 13.59 -11.68
C ASP B 485 28.18 15.05 -12.03
N GLN B 486 27.06 15.31 -12.68
CA GLN B 486 26.71 16.69 -13.07
C GLN B 486 26.43 17.62 -11.88
N MET B 487 26.20 17.07 -10.70
CA MET B 487 26.09 17.89 -9.49
C MET B 487 27.34 18.75 -9.32
N CYS B 488 28.49 18.18 -9.70
CA CYS B 488 29.76 18.89 -9.62
C CYS B 488 29.96 19.93 -10.74
N PHE B 489 29.13 19.89 -11.78
CA PHE B 489 29.23 20.85 -12.88
C PHE B 489 27.90 21.08 -13.61
N PRO B 490 26.93 21.74 -12.94
CA PRO B 490 25.63 22.03 -13.56
C PRO B 490 25.69 22.98 -14.77
N GLN B 491 26.78 23.73 -14.90
CA GLN B 491 26.97 24.64 -16.04
C GLN B 491 26.90 23.88 -17.37
N VAL B 492 27.39 22.64 -17.35
CA VAL B 492 27.46 21.82 -18.55
C VAL B 492 26.05 21.64 -19.13
N ASP B 493 25.91 22.00 -20.41
CA ASP B 493 24.62 22.00 -21.08
C ASP B 493 24.23 20.64 -21.65
N THR B 494 25.23 19.87 -22.06
CA THR B 494 25.01 18.61 -22.74
C THR B 494 25.63 17.46 -21.97
N TYR B 495 24.80 16.67 -21.29
CA TYR B 495 25.24 15.63 -20.35
C TYR B 495 24.37 14.38 -20.48
N LEU B 496 25.02 13.23 -20.61
CA LEU B 496 24.33 11.94 -20.63
C LEU B 496 24.97 10.96 -19.67
N VAL B 497 24.28 9.85 -19.42
CA VAL B 497 24.76 8.85 -18.48
C VAL B 497 24.43 7.43 -18.97
N THR B 498 25.32 6.49 -18.68
CA THR B 498 25.18 5.11 -19.16
C THR B 498 24.87 4.11 -18.04
N TYR B 499 25.14 4.50 -16.80
CA TYR B 499 24.86 3.67 -15.61
C TYR B 499 25.83 2.50 -15.41
N GLU B 500 26.83 2.39 -16.27
CA GLU B 500 27.84 1.32 -16.20
C GLU B 500 28.81 1.44 -17.37
N TYR B 501 30.02 0.92 -17.19
CA TYR B 501 31.08 1.07 -18.20
C TYR B 501 31.31 -0.21 -19.02
N THR B 502 30.26 -1.03 -19.15
CA THR B 502 30.35 -2.23 -19.97
C THR B 502 30.37 -1.84 -21.45
N PRO B 503 30.97 -2.68 -22.30
CA PRO B 503 31.12 -2.32 -23.71
C PRO B 503 29.83 -1.93 -24.45
N PRO B 504 28.72 -2.66 -24.23
CA PRO B 504 27.48 -2.31 -24.94
C PRO B 504 26.76 -1.08 -24.37
N ALA B 505 26.97 -0.80 -23.09
CA ALA B 505 26.52 0.47 -22.51
C ALA B 505 27.20 1.64 -23.22
N HIS B 506 28.51 1.51 -23.43
CA HIS B 506 29.27 2.52 -24.17
C HIS B 506 28.83 2.63 -25.63
N GLU B 507 28.66 1.48 -26.28
CA GLU B 507 28.17 1.44 -27.65
C GLU B 507 26.85 2.20 -27.74
N ALA B 508 25.91 1.87 -26.87
CA ALA B 508 24.61 2.52 -26.84
C ALA B 508 24.73 4.03 -26.58
N ALA B 509 25.66 4.41 -25.70
CA ALA B 509 25.93 5.82 -25.43
C ALA B 509 26.33 6.56 -26.70
N VAL B 510 27.26 5.97 -27.45
CA VAL B 510 27.71 6.54 -28.73
C VAL B 510 26.57 6.57 -29.75
N ARG B 511 25.76 5.51 -29.78
CA ARG B 511 24.58 5.48 -30.64
C ARG B 511 23.68 6.69 -30.37
N LEU B 512 23.52 7.00 -29.10
CA LEU B 512 22.70 8.14 -28.68
C LEU B 512 23.37 9.46 -29.07
N ILE B 513 24.69 9.53 -28.91
CA ILE B 513 25.47 10.73 -29.26
C ILE B 513 25.33 11.10 -30.73
N PHE B 514 25.45 10.11 -31.61
CA PHE B 514 25.34 10.34 -33.07
C PHE B 514 23.90 10.30 -33.62
N GLY B 515 22.91 10.15 -32.75
CA GLY B 515 21.51 10.21 -33.15
C GLY B 515 20.93 8.93 -33.73
N GLU B 516 21.70 7.85 -33.68
CA GLU B 516 21.26 6.56 -34.23
C GLU B 516 20.08 6.01 -33.44
N ILE B 517 20.03 6.35 -32.16
CA ILE B 517 18.96 5.91 -31.28
C ILE B 517 18.49 7.13 -30.47
N GLU B 518 17.41 6.97 -29.71
CA GLU B 518 16.89 8.06 -28.89
C GLU B 518 16.66 7.63 -27.43
N THR B 519 16.82 8.59 -26.52
CA THR B 519 16.67 8.31 -25.08
C THR B 519 15.25 7.91 -24.71
N ARG B 520 15.10 6.70 -24.20
CA ARG B 520 13.80 6.18 -23.76
C ARG B 520 13.70 6.02 -22.24
N SER B 521 14.85 5.90 -21.57
CA SER B 521 14.90 5.75 -20.12
C SER B 521 14.52 7.04 -19.40
N ARG B 522 14.44 6.94 -18.07
CA ARG B 522 14.22 8.09 -17.19
C ARG B 522 15.12 7.92 -15.97
N LEU B 523 15.81 8.98 -15.57
CA LEU B 523 16.71 8.92 -14.41
C LEU B 523 16.02 8.26 -13.23
N PRO B 524 16.59 7.17 -12.68
CA PRO B 524 16.04 6.55 -11.47
C PRO B 524 16.58 7.21 -10.20
N ILE B 525 17.04 8.45 -10.34
CA ILE B 525 17.87 9.11 -9.34
C ILE B 525 17.62 10.62 -9.42
N SER B 526 17.89 11.33 -8.33
CA SER B 526 17.91 12.79 -8.34
C SER B 526 19.35 13.27 -8.34
N ILE B 527 19.70 14.13 -9.31
CA ILE B 527 21.03 14.73 -9.35
C ILE B 527 20.98 16.10 -8.66
N PRO B 528 21.69 16.25 -7.53
CA PRO B 528 21.68 17.55 -6.85
C PRO B 528 22.17 18.69 -7.74
N ASN B 529 21.59 19.87 -7.57
CA ASN B 529 21.97 21.10 -8.32
C ASN B 529 21.64 21.08 -9.82
N VAL B 530 20.83 20.11 -10.25
CA VAL B 530 20.37 20.02 -11.65
C VAL B 530 18.86 19.85 -11.64
N ASP B 531 18.15 20.97 -11.76
CA ASP B 531 16.69 21.02 -11.59
C ASP B 531 15.93 20.84 -12.89
N ASP B 532 16.59 21.11 -14.01
CA ASP B 532 15.98 21.03 -15.34
C ASP B 532 16.37 19.73 -16.06
N ALA B 533 15.94 18.60 -15.51
CA ALA B 533 16.08 17.31 -16.17
C ALA B 533 15.14 17.28 -17.37
N ILE B 534 15.58 16.70 -18.49
CA ILE B 534 14.70 16.49 -19.63
C ILE B 534 13.65 15.45 -19.25
N ALA B 535 12.43 15.92 -19.00
CA ALA B 535 11.30 15.04 -18.72
C ALA B 535 10.67 14.61 -20.04
N PRO B 536 10.77 13.31 -20.39
CA PRO B 536 10.00 12.85 -21.56
C PRO B 536 8.49 12.85 -21.27
N ALA B 537 7.68 12.88 -22.32
CA ALA B 537 6.22 12.81 -22.16
C ALA B 537 5.90 11.45 -21.55
N THR B 538 5.24 11.46 -20.39
CA THR B 538 5.03 10.24 -19.63
C THR B 538 3.57 9.88 -19.47
N PHE B 539 3.35 8.58 -19.26
CA PHE B 539 2.04 8.01 -19.03
C PHE B 539 2.03 7.33 -17.69
N ILE B 540 1.01 7.58 -16.88
CA ILE B 540 0.89 7.00 -15.55
C ILE B 540 -0.26 5.99 -15.52
N VAL B 541 -0.11 4.94 -14.70
CA VAL B 541 -1.07 3.85 -14.63
C VAL B 541 -1.85 3.85 -13.30
N ASP B 542 -3.18 3.98 -13.39
CA ASP B 542 -4.07 3.90 -12.22
C ASP B 542 -4.99 2.67 -12.29
N ASP B 543 -5.59 2.34 -11.16
CA ASP B 543 -6.61 1.31 -11.10
C ASP B 543 -7.85 1.71 -11.89
N TYR B 544 -8.40 0.77 -12.64
CA TYR B 544 -9.59 1.00 -13.44
C TYR B 544 -10.79 1.28 -12.56
N ARG B 545 -11.46 2.42 -12.79
CA ARG B 545 -12.70 2.77 -12.11
C ARG B 545 -13.86 2.66 -13.10
N ASN B 546 -14.69 1.63 -12.96
CA ASN B 546 -15.74 1.36 -13.95
C ASN B 546 -16.81 2.44 -14.04
N ASP B 547 -17.03 3.18 -12.95
CA ASP B 547 -17.99 4.28 -12.95
C ASP B 547 -17.56 5.46 -13.81
N ASP B 548 -16.27 5.63 -14.01
CA ASP B 548 -15.72 6.76 -14.78
C ASP B 548 -15.17 6.38 -16.16
N ASP B 549 -14.56 5.21 -16.26
CA ASP B 549 -13.73 4.86 -17.42
C ASP B 549 -14.37 3.91 -18.43
N LEU B 550 -15.57 3.40 -18.13
CA LEU B 550 -16.21 2.38 -18.98
C LEU B 550 -16.44 2.85 -20.41
N ASP B 551 -16.99 4.06 -20.55
CA ASP B 551 -17.27 4.63 -21.87
C ASP B 551 -16.01 4.75 -22.72
N HIS B 552 -14.92 5.20 -22.09
CA HIS B 552 -13.64 5.37 -22.78
C HIS B 552 -13.04 4.03 -23.21
N VAL B 553 -13.09 3.05 -22.32
CA VAL B 553 -12.62 1.70 -22.64
C VAL B 553 -13.48 1.11 -23.75
N THR B 554 -14.79 1.35 -23.66
CA THR B 554 -15.72 0.93 -24.71
C THR B 554 -15.35 1.58 -26.03
N ALA B 555 -15.09 2.89 -25.99
CA ALA B 555 -14.65 3.63 -27.17
C ALA B 555 -13.35 3.05 -27.72
N MET B 556 -12.38 2.83 -26.83
CA MET B 556 -11.10 2.26 -27.21
C MET B 556 -11.27 0.91 -27.87
N TRP B 557 -12.22 0.11 -27.38
CA TRP B 557 -12.49 -1.20 -27.98
C TRP B 557 -12.90 -1.02 -29.44
N ASP B 558 -13.78 -0.07 -29.70
CA ASP B 558 -14.30 0.16 -31.05
C ASP B 558 -13.21 0.69 -31.99
N ASP B 559 -12.34 1.55 -31.47
CA ASP B 559 -11.18 2.01 -32.20
C ASP B 559 -10.29 0.87 -32.72
N ILE B 560 -10.06 -0.12 -31.87
CA ILE B 560 -9.04 -1.14 -32.11
C ILE B 560 -9.60 -2.42 -32.72
N PHE B 561 -10.70 -2.91 -32.17
CA PHE B 561 -11.29 -4.17 -32.59
C PHE B 561 -12.62 -4.02 -33.33
N GLY B 562 -13.16 -2.80 -33.36
CA GLY B 562 -14.53 -2.55 -33.83
C GLY B 562 -14.88 -3.08 -35.21
N LYS B 563 -13.88 -3.25 -36.07
CA LYS B 563 -14.09 -3.75 -37.42
C LYS B 563 -14.57 -5.20 -37.46
N ASP B 564 -13.75 -6.13 -36.97
CA ASP B 564 -14.09 -7.55 -36.96
C ASP B 564 -14.82 -8.00 -35.69
N TRP B 565 -14.68 -7.24 -34.60
CA TRP B 565 -15.29 -7.62 -33.31
C TRP B 565 -16.09 -6.46 -32.69
N PRO B 566 -17.16 -6.03 -33.37
CA PRO B 566 -18.01 -5.00 -32.74
C PRO B 566 -18.63 -5.52 -31.45
N LEU B 567 -18.46 -4.78 -30.36
CA LEU B 567 -18.83 -5.25 -29.02
C LEU B 567 -19.47 -4.16 -28.18
N ARG B 568 -20.71 -4.37 -27.76
CA ARG B 568 -21.46 -3.35 -27.05
C ARG B 568 -20.91 -3.12 -25.64
N LYS B 569 -21.18 -1.95 -25.10
CA LYS B 569 -20.70 -1.54 -23.78
C LYS B 569 -21.05 -2.54 -22.68
N ASP B 570 -22.31 -2.95 -22.62
CA ASP B 570 -22.76 -3.88 -21.58
C ASP B 570 -22.05 -5.24 -21.63
N LYS B 571 -21.60 -5.67 -22.81
CA LYS B 571 -20.83 -6.92 -22.94
C LYS B 571 -19.40 -6.72 -22.44
N ILE B 572 -18.84 -5.54 -22.70
CA ILE B 572 -17.50 -5.21 -22.19
C ILE B 572 -17.58 -5.11 -20.68
N ASN B 573 -18.61 -4.43 -20.20
CA ASN B 573 -18.83 -4.28 -18.76
C ASN B 573 -19.07 -5.62 -18.05
N LEU B 574 -19.76 -6.54 -18.72
CA LEU B 574 -19.97 -7.90 -18.19
C LEU B 574 -18.66 -8.67 -18.08
N GLY B 575 -17.91 -8.74 -19.19
CA GLY B 575 -16.57 -9.34 -19.18
C GLY B 575 -15.72 -8.86 -18.02
N LEU B 576 -15.72 -7.55 -17.79
CA LEU B 576 -14.84 -6.94 -16.79
C LEU B 576 -15.34 -7.02 -15.36
N GLN B 577 -16.63 -6.77 -15.13
CA GLN B 577 -17.15 -6.79 -13.75
C GLN B 577 -17.20 -8.20 -13.15
N ARG B 578 -17.45 -9.21 -14.00
CA ARG B 578 -17.48 -10.62 -13.58
C ARG B 578 -16.08 -11.26 -13.43
N ALA B 579 -15.02 -10.49 -13.61
CA ALA B 579 -13.66 -11.03 -13.48
C ALA B 579 -13.37 -11.33 -12.01
N LYS B 580 -12.93 -12.56 -11.75
CA LYS B 580 -12.62 -13.02 -10.40
C LYS B 580 -11.25 -12.51 -9.95
N LEU B 581 -11.15 -12.08 -8.70
CA LEU B 581 -9.92 -11.47 -8.17
C LEU B 581 -9.35 -10.47 -9.17
N GLN B 582 -10.22 -9.59 -9.65
CA GLN B 582 -9.84 -8.70 -10.74
C GLN B 582 -8.88 -7.60 -10.30
N LYS B 583 -8.16 -7.09 -11.28
CA LYS B 583 -7.26 -5.96 -11.08
C LYS B 583 -6.99 -5.36 -12.44
N HIS B 584 -7.86 -4.43 -12.84
CA HIS B 584 -7.78 -3.79 -14.14
C HIS B 584 -7.13 -2.42 -13.99
N LYS B 585 -6.35 -2.04 -15.00
CA LYS B 585 -5.60 -0.78 -14.97
C LYS B 585 -5.87 0.01 -16.24
N VAL B 586 -5.82 1.33 -16.13
CA VAL B 586 -5.83 2.21 -17.31
C VAL B 586 -4.55 3.02 -17.33
N ALA B 587 -4.12 3.41 -18.52
CA ALA B 587 -2.99 4.32 -18.68
C ALA B 587 -3.49 5.67 -19.16
N ARG B 588 -3.11 6.73 -18.44
CA ARG B 588 -3.46 8.09 -18.82
C ARG B 588 -2.23 8.86 -19.27
N ASP B 589 -2.44 9.93 -20.04
CA ASP B 589 -1.37 10.88 -20.32
C ASP B 589 -1.33 11.91 -19.18
N SER B 590 -0.50 12.95 -19.32
CA SER B 590 -0.39 13.98 -18.28
C SER B 590 -1.71 14.70 -17.98
N GLN B 591 -2.59 14.77 -18.99
CA GLN B 591 -3.88 15.45 -18.87
C GLN B 591 -5.02 14.53 -18.41
N GLY B 592 -4.69 13.31 -17.99
CA GLY B 592 -5.69 12.38 -17.45
C GLY B 592 -6.54 11.66 -18.48
N LYS B 593 -6.20 11.83 -19.77
CA LYS B 593 -6.94 11.17 -20.84
C LYS B 593 -6.47 9.72 -20.98
N ILE B 594 -7.43 8.81 -21.04
CA ILE B 594 -7.13 7.38 -21.09
C ILE B 594 -6.62 6.98 -22.47
N VAL B 595 -5.46 6.32 -22.49
CA VAL B 595 -4.80 5.95 -23.74
C VAL B 595 -4.45 4.46 -23.83
N GLY B 596 -4.76 3.70 -22.79
CA GLY B 596 -4.48 2.27 -22.76
C GLY B 596 -5.24 1.57 -21.66
N PHE B 597 -5.46 0.27 -21.83
CA PHE B 597 -6.21 -0.52 -20.86
C PHE B 597 -5.73 -1.96 -20.80
N VAL B 598 -5.67 -2.50 -19.60
CA VAL B 598 -5.32 -3.90 -19.38
C VAL B 598 -6.30 -4.52 -18.40
N ALA B 599 -6.63 -5.79 -18.63
CA ALA B 599 -7.59 -6.50 -17.83
C ALA B 599 -6.98 -7.82 -17.36
N THR B 600 -7.40 -8.25 -16.18
CA THR B 600 -6.66 -9.23 -15.39
C THR B 600 -7.63 -9.92 -14.46
N GLN B 601 -7.47 -11.24 -14.31
CA GLN B 601 -8.09 -11.96 -13.21
C GLN B 601 -7.18 -13.08 -12.75
N ILE B 602 -7.45 -13.59 -11.55
CA ILE B 602 -6.74 -14.75 -11.01
C ILE B 602 -7.75 -15.84 -10.71
N VAL B 603 -7.39 -17.06 -11.10
CA VAL B 603 -8.26 -18.23 -11.00
C VAL B 603 -7.44 -19.42 -10.50
N VAL B 604 -8.07 -20.27 -9.70
CA VAL B 604 -7.38 -21.42 -9.12
C VAL B 604 -7.68 -22.72 -9.90
N VAL B 605 -6.62 -23.37 -10.37
CA VAL B 605 -6.72 -24.69 -11.02
C VAL B 605 -5.58 -25.60 -10.52
N ASP B 606 -5.94 -26.83 -10.15
CA ASP B 606 -5.04 -27.73 -9.40
C ASP B 606 -4.56 -27.10 -8.09
N ASN B 607 -5.33 -26.16 -7.56
CA ASN B 607 -4.95 -25.38 -6.37
C ASN B 607 -3.68 -24.51 -6.52
N LYS B 608 -3.25 -24.28 -7.75
CA LYS B 608 -2.24 -23.27 -8.05
C LYS B 608 -2.95 -21.99 -8.50
N LYS B 609 -2.39 -20.83 -8.16
CA LYS B 609 -2.93 -19.56 -8.66
C LYS B 609 -2.56 -19.41 -10.12
N HIS B 610 -3.55 -19.08 -10.95
CA HIS B 610 -3.31 -18.84 -12.37
C HIS B 610 -3.70 -17.42 -12.74
N GLY B 611 -2.71 -16.63 -13.13
CA GLY B 611 -2.94 -15.27 -13.57
C GLY B 611 -3.36 -15.25 -15.03
N GLN B 612 -4.41 -14.51 -15.35
CA GLN B 612 -4.89 -14.43 -16.71
C GLN B 612 -4.91 -13.01 -17.22
N LEU B 613 -4.15 -12.76 -18.28
CA LEU B 613 -4.12 -11.47 -18.94
C LEU B 613 -5.30 -11.40 -19.90
N MET B 614 -6.44 -10.90 -19.39
CA MET B 614 -7.69 -10.94 -20.16
C MET B 614 -7.61 -10.10 -21.42
N LEU B 615 -6.97 -8.94 -21.33
CA LEU B 615 -6.91 -8.00 -22.46
C LEU B 615 -5.80 -6.98 -22.27
N LEU B 616 -5.18 -6.57 -23.38
CA LEU B 616 -4.20 -5.49 -23.40
C LEU B 616 -4.42 -4.68 -24.68
N MET B 617 -4.74 -3.40 -24.53
CA MET B 617 -5.00 -2.57 -25.70
C MET B 617 -4.59 -1.12 -25.41
N VAL B 618 -4.01 -0.46 -26.42
CA VAL B 618 -3.72 0.98 -26.34
C VAL B 618 -4.15 1.68 -27.63
N SER B 619 -4.64 2.92 -27.51
CA SER B 619 -5.15 3.69 -28.64
C SER B 619 -4.11 3.75 -29.76
N PRO B 620 -4.57 3.65 -31.04
CA PRO B 620 -3.62 3.52 -32.15
C PRO B 620 -2.61 4.67 -32.22
N SER B 621 -3.11 5.89 -32.11
CA SER B 621 -2.26 7.08 -32.14
C SER B 621 -1.21 7.12 -31.00
N TYR B 622 -1.33 6.22 -30.03
CA TYR B 622 -0.41 6.18 -28.88
C TYR B 622 0.45 4.91 -28.80
N GLN B 623 0.35 4.03 -29.80
CA GLN B 623 1.16 2.82 -29.82
C GLN B 623 2.60 3.16 -30.21
N GLY B 624 3.54 2.34 -29.76
CA GLY B 624 4.96 2.55 -30.06
C GLY B 624 5.63 3.63 -29.21
N LYS B 625 5.01 3.94 -28.08
CA LYS B 625 5.53 4.93 -27.14
C LYS B 625 5.76 4.34 -25.75
N GLY B 626 5.67 3.01 -25.63
CA GLY B 626 5.97 2.31 -24.38
C GLY B 626 4.80 2.10 -23.45
N VAL B 627 3.59 2.44 -23.89
CA VAL B 627 2.38 2.33 -23.05
C VAL B 627 1.97 0.87 -22.84
N GLY B 628 1.97 0.09 -23.90
CA GLY B 628 1.70 -1.34 -23.79
C GLY B 628 2.60 -2.01 -22.78
N THR B 629 3.89 -1.66 -22.82
CA THR B 629 4.88 -2.20 -21.87
C THR B 629 4.57 -1.81 -20.43
N LEU B 630 4.20 -0.56 -20.20
CA LEU B 630 3.83 -0.07 -18.88
C LEU B 630 2.68 -0.88 -18.29
N LEU B 631 1.58 -0.99 -19.05
CA LEU B 631 0.42 -1.75 -18.61
C LEU B 631 0.76 -3.22 -18.44
N HIS B 632 1.46 -3.76 -19.42
CA HIS B 632 1.91 -5.16 -19.38
C HIS B 632 2.68 -5.48 -18.11
N ASP B 633 3.64 -4.63 -17.76
CA ASP B 633 4.47 -4.84 -16.57
C ASP B 633 3.68 -4.69 -15.29
N ALA B 634 2.75 -3.74 -15.26
CA ALA B 634 1.89 -3.54 -14.10
C ALA B 634 1.13 -4.83 -13.79
N ALA B 635 0.67 -5.50 -14.84
CA ALA B 635 -0.05 -6.75 -14.71
C ALA B 635 0.84 -7.87 -14.16
N LEU B 636 2.04 -8.01 -14.71
CA LEU B 636 2.94 -9.09 -14.32
C LEU B 636 3.51 -8.90 -12.93
N GLU B 637 3.67 -7.63 -12.52
CA GLU B 637 4.06 -7.31 -11.15
C GLU B 637 2.98 -7.76 -10.16
N HIS B 638 1.72 -7.50 -10.51
CA HIS B 638 0.61 -7.94 -9.69
C HIS B 638 0.56 -9.47 -9.57
N PHE B 639 0.61 -10.19 -10.69
CA PHE B 639 0.65 -11.66 -10.65
C PHE B 639 1.82 -12.11 -9.77
N ARG B 640 3.01 -11.59 -10.07
CA ARG B 640 4.24 -11.94 -9.36
C ARG B 640 4.12 -11.84 -7.84
N GLU B 641 3.54 -10.72 -7.37
CA GLU B 641 3.33 -10.49 -5.93
C GLU B 641 2.31 -11.45 -5.33
N GLN B 642 1.23 -11.71 -6.06
CA GLN B 642 0.17 -12.61 -5.60
C GLN B 642 0.58 -14.08 -5.62
N GLY B 643 1.63 -14.41 -6.35
CA GLY B 643 2.09 -15.79 -6.47
C GLY B 643 1.42 -16.55 -7.59
N ALA B 644 0.74 -15.82 -8.47
CA ALA B 644 0.13 -16.40 -9.67
C ALA B 644 1.21 -16.65 -10.72
N ASP B 645 1.97 -17.73 -10.52
CA ASP B 645 3.16 -18.00 -11.32
C ASP B 645 2.91 -18.65 -12.67
N CYS B 646 1.74 -19.26 -12.86
CA CYS B 646 1.31 -19.72 -14.19
C CYS B 646 0.44 -18.64 -14.80
N ILE B 647 0.88 -18.06 -15.92
CA ILE B 647 0.19 -16.93 -16.51
C ILE B 647 -0.28 -17.27 -17.92
N LYS B 648 -1.43 -16.74 -18.30
CA LYS B 648 -2.06 -17.06 -19.57
C LYS B 648 -2.37 -15.79 -20.37
N LEU B 649 -2.20 -15.86 -21.69
CA LEU B 649 -2.70 -14.80 -22.58
C LEU B 649 -4.17 -15.08 -22.89
N GLY B 650 -5.02 -14.10 -22.61
CA GLY B 650 -6.46 -14.30 -22.68
C GLY B 650 -6.95 -14.97 -21.41
N SER B 651 -8.23 -15.34 -21.40
CA SER B 651 -8.83 -15.93 -20.20
C SER B 651 -9.77 -17.07 -20.55
N THR B 652 -10.09 -17.88 -19.55
CA THR B 652 -11.05 -18.98 -19.69
C THR B 652 -12.48 -18.46 -19.51
N TYR B 653 -12.83 -18.09 -18.27
CA TYR B 653 -14.16 -17.55 -17.97
C TYR B 653 -14.10 -16.49 -16.84
N PRO B 654 -14.58 -15.26 -17.10
CA PRO B 654 -15.09 -14.71 -18.37
C PRO B 654 -13.95 -14.43 -19.35
N ARG B 655 -14.29 -13.90 -20.52
CA ARG B 655 -13.35 -13.92 -21.65
C ARG B 655 -13.75 -13.05 -22.82
N PHE B 656 -12.81 -12.22 -23.29
CA PHE B 656 -12.89 -11.64 -24.62
C PHE B 656 -12.30 -12.63 -25.63
N PHE B 657 -11.08 -13.09 -25.34
CA PHE B 657 -10.37 -14.06 -26.17
C PHE B 657 -9.71 -15.15 -25.32
N PRO B 658 -9.64 -16.39 -25.85
CA PRO B 658 -8.94 -17.49 -25.17
C PRO B 658 -7.43 -17.45 -25.42
N GLY B 659 -7.01 -16.67 -26.41
CA GLY B 659 -5.60 -16.46 -26.72
C GLY B 659 -5.49 -15.19 -27.54
N VAL B 660 -4.45 -15.07 -28.34
CA VAL B 660 -4.28 -13.91 -29.20
C VAL B 660 -4.89 -14.23 -30.57
N PRO B 661 -5.87 -13.41 -31.03
CA PRO B 661 -6.43 -13.53 -32.38
C PRO B 661 -5.37 -13.60 -33.47
N ASP B 662 -5.68 -14.33 -34.55
CA ASP B 662 -4.72 -14.58 -35.63
C ASP B 662 -5.20 -14.10 -37.01
N ASP B 663 -6.42 -13.57 -37.10
CA ASP B 663 -7.05 -13.33 -38.41
C ASP B 663 -6.79 -11.94 -39.01
N ASP B 664 -6.13 -11.06 -38.27
CA ASP B 664 -5.70 -9.78 -38.83
C ASP B 664 -4.24 -9.52 -38.51
N ALA B 665 -3.66 -8.52 -39.19
CA ALA B 665 -2.24 -8.23 -39.08
C ALA B 665 -1.90 -7.66 -37.71
N GLN B 666 -2.69 -6.69 -37.26
CA GLN B 666 -2.49 -6.06 -35.96
C GLN B 666 -2.45 -7.07 -34.81
N SER B 667 -3.31 -8.08 -34.88
CA SER B 667 -3.32 -9.15 -33.88
C SER B 667 -2.10 -10.05 -34.01
N ARG B 668 -1.73 -10.40 -35.25
CA ARG B 668 -0.51 -11.19 -35.48
C ARG B 668 0.74 -10.41 -35.05
N LYS B 669 0.69 -9.10 -35.20
CA LYS B 669 1.76 -8.22 -34.69
C LYS B 669 1.79 -8.25 -33.16
N ALA B 670 0.61 -8.25 -32.52
CA ALA B 670 0.51 -8.34 -31.06
C ALA B 670 1.04 -9.66 -30.52
N GLN B 671 0.98 -10.71 -31.32
CA GLN B 671 1.59 -11.99 -30.92
C GLN B 671 3.11 -11.83 -30.79
N ALA B 672 3.71 -11.18 -31.77
CA ALA B 672 5.15 -10.89 -31.74
C ALA B 672 5.52 -10.07 -30.50
N PHE B 673 4.69 -9.08 -30.19
CA PHE B 673 4.89 -8.24 -29.00
C PHE B 673 5.04 -9.11 -27.75
N PHE B 674 4.16 -10.09 -27.58
CA PHE B 674 4.19 -10.96 -26.40
C PHE B 674 5.38 -11.92 -26.38
N SER B 675 5.69 -12.55 -27.52
CA SER B 675 6.81 -13.51 -27.55
C SER B 675 8.15 -12.82 -27.30
N LYS B 676 8.28 -11.58 -27.78
CA LYS B 676 9.49 -10.78 -27.54
C LYS B 676 9.70 -10.53 -26.04
N LYS B 677 8.60 -10.33 -25.31
CA LYS B 677 8.63 -10.14 -23.87
C LYS B 677 8.90 -11.43 -23.11
N GLY B 678 8.84 -12.58 -23.80
CA GLY B 678 9.18 -13.87 -23.22
C GLY B 678 8.02 -14.84 -23.02
N TRP B 679 6.84 -14.50 -23.56
CA TRP B 679 5.71 -15.43 -23.57
C TRP B 679 5.98 -16.60 -24.52
N ARG B 680 5.68 -17.81 -24.07
CA ARG B 680 5.78 -19.00 -24.91
C ARG B 680 4.47 -19.17 -25.70
N MET B 681 4.52 -18.88 -27.01
CA MET B 681 3.35 -19.02 -27.91
C MET B 681 3.33 -20.39 -28.57
N ASP B 682 2.15 -21.00 -28.68
CA ASP B 682 2.01 -22.33 -29.30
C ASP B 682 2.19 -22.30 -30.81
N ASP B 683 2.79 -23.37 -31.36
CA ASP B 683 3.01 -23.51 -32.81
C ASP B 683 1.69 -23.58 -33.57
N ASN B 684 0.75 -24.31 -32.98
CA ASN B 684 -0.57 -24.53 -33.56
C ASN B 684 -1.59 -23.46 -33.16
N LEU B 685 -2.71 -23.43 -33.87
CA LEU B 685 -3.80 -22.50 -33.61
C LEU B 685 -4.94 -23.20 -32.88
N VAL B 686 -5.92 -22.40 -32.45
CA VAL B 686 -7.09 -22.86 -31.72
C VAL B 686 -8.27 -22.02 -32.23
N HIS B 687 -9.44 -22.65 -32.37
CA HIS B 687 -10.51 -22.07 -33.18
C HIS B 687 -11.84 -21.91 -32.46
N ASP B 688 -12.55 -20.83 -32.81
CA ASP B 688 -13.98 -20.70 -32.59
C ASP B 688 -14.68 -21.14 -33.86
N LEU B 689 -15.85 -21.78 -33.73
CA LEU B 689 -16.62 -22.24 -34.88
C LEU B 689 -17.97 -21.55 -34.99
N ILE B 690 -18.47 -21.49 -36.22
CA ILE B 690 -19.81 -20.96 -36.51
C ILE B 690 -20.58 -22.02 -37.30
N GLY B 691 -21.85 -22.19 -36.97
CA GLY B 691 -22.70 -23.17 -37.64
C GLY B 691 -24.07 -22.59 -37.90
N ASP B 692 -24.53 -22.67 -39.15
CA ASP B 692 -25.87 -22.24 -39.49
C ASP B 692 -26.83 -23.38 -39.15
N LEU B 693 -27.84 -23.07 -38.34
CA LEU B 693 -28.88 -24.02 -37.97
C LEU B 693 -30.21 -23.69 -38.64
N GLN B 694 -30.23 -22.65 -39.47
CA GLN B 694 -31.48 -22.13 -40.05
C GLN B 694 -32.48 -23.23 -40.29
N ASP B 695 -32.06 -24.26 -41.04
CA ASP B 695 -32.82 -25.50 -41.17
C ASP B 695 -31.86 -26.68 -40.96
N TYR B 696 -31.57 -26.96 -39.69
CA TYR B 696 -30.73 -28.11 -39.29
C TYR B 696 -31.58 -29.33 -38.96
N LYS B 697 -31.08 -30.50 -39.32
CA LYS B 697 -31.72 -31.77 -38.97
C LYS B 697 -30.66 -32.75 -38.46
N VAL B 698 -31.03 -33.56 -37.48
CA VAL B 698 -30.12 -34.55 -36.90
C VAL B 698 -29.93 -35.69 -37.90
N PRO B 699 -28.70 -35.92 -38.37
CA PRO B 699 -28.44 -37.00 -39.34
C PRO B 699 -28.98 -38.37 -38.91
N ASP B 700 -29.50 -39.13 -39.88
CA ASP B 700 -30.25 -40.37 -39.60
C ASP B 700 -29.36 -41.46 -39.03
N LYS B 701 -28.10 -41.45 -39.43
CA LYS B 701 -27.11 -42.43 -38.96
C LYS B 701 -26.89 -42.28 -37.45
N ILE B 702 -26.94 -41.04 -36.97
CA ILE B 702 -26.71 -40.73 -35.55
C ILE B 702 -27.95 -41.06 -34.73
N GLN B 703 -29.13 -40.67 -35.22
CA GLN B 703 -30.40 -41.04 -34.57
C GLN B 703 -30.47 -42.54 -34.33
N ALA B 704 -30.06 -43.30 -35.33
CA ALA B 704 -29.99 -44.75 -35.24
C ALA B 704 -29.00 -45.20 -34.17
N ARG B 705 -27.76 -44.70 -34.25
CA ARG B 705 -26.68 -45.07 -33.32
C ARG B 705 -27.08 -44.81 -31.86
N MET B 706 -27.72 -43.67 -31.62
CA MET B 706 -28.22 -43.33 -30.29
C MET B 706 -29.32 -44.29 -29.88
N LEU B 707 -30.33 -44.42 -30.74
CA LEU B 707 -31.41 -45.38 -30.52
C LEU B 707 -30.88 -46.81 -30.31
N LYS B 708 -29.81 -47.16 -31.01
CA LYS B 708 -29.20 -48.49 -30.88
C LYS B 708 -28.46 -48.63 -29.55
N GLU B 709 -27.63 -47.65 -29.24
CA GLU B 709 -26.89 -47.63 -27.97
C GLU B 709 -27.81 -47.27 -26.78
N LYS B 710 -29.06 -46.93 -27.10
CA LYS B 710 -30.11 -46.66 -26.11
C LYS B 710 -29.76 -45.44 -25.24
N ILE B 711 -29.18 -44.41 -25.85
CA ILE B 711 -28.70 -43.25 -25.12
C ILE B 711 -29.82 -42.22 -24.95
N TRP B 712 -29.96 -41.71 -23.73
CA TRP B 712 -30.98 -40.72 -23.39
C TRP B 712 -30.34 -39.36 -23.18
N PHE B 713 -30.98 -38.30 -23.66
CA PHE B 713 -30.51 -36.92 -23.48
C PHE B 713 -31.52 -36.07 -22.73
N GLY B 714 -31.04 -35.00 -22.12
CA GLY B 714 -31.94 -34.07 -21.45
C GLY B 714 -31.26 -33.27 -20.35
N ARG B 715 -32.02 -32.33 -19.82
CA ARG B 715 -31.54 -31.42 -18.78
C ARG B 715 -31.26 -32.15 -17.49
N ILE B 716 -30.38 -31.58 -16.68
CA ILE B 716 -30.14 -32.08 -15.34
C ILE B 716 -31.06 -31.32 -14.39
N LYS B 717 -31.67 -32.03 -13.44
CA LYS B 717 -32.56 -31.39 -12.48
C LYS B 717 -31.78 -31.02 -11.22
N PRO B 718 -32.23 -29.99 -10.48
CA PRO B 718 -31.53 -29.59 -9.26
C PRO B 718 -31.17 -30.74 -8.33
N SER B 719 -32.10 -31.67 -8.10
CA SER B 719 -31.83 -32.82 -7.22
C SER B 719 -30.78 -33.77 -7.80
N GLU B 720 -30.57 -33.69 -9.11
CA GLU B 720 -29.59 -34.50 -9.82
C GLU B 720 -28.26 -33.79 -10.05
N THR B 721 -28.11 -32.58 -9.53
CA THR B 721 -26.88 -31.78 -9.69
C THR B 721 -25.63 -32.56 -9.31
N TRP B 722 -25.70 -33.33 -8.23
CA TRP B 722 -24.54 -34.09 -7.76
C TRP B 722 -24.00 -35.09 -8.79
N GLU B 723 -24.89 -35.64 -9.61
CA GLU B 723 -24.50 -36.58 -10.65
C GLU B 723 -23.63 -35.90 -11.70
N LEU B 724 -23.94 -34.64 -11.99
CA LEU B 724 -23.20 -33.84 -12.96
C LEU B 724 -21.84 -33.41 -12.42
N TYR B 725 -21.78 -33.04 -11.14
CA TYR B 725 -20.51 -32.67 -10.51
C TYR B 725 -19.60 -33.88 -10.37
N ALA B 726 -20.18 -35.01 -10.00
CA ALA B 726 -19.42 -36.26 -9.89
C ALA B 726 -18.82 -36.63 -11.23
N PHE B 727 -19.58 -36.40 -12.29
CA PHE B 727 -19.12 -36.67 -13.64
C PHE B 727 -17.90 -35.81 -13.95
N GLN B 728 -18.08 -34.50 -13.80
CA GLN B 728 -17.05 -33.53 -14.15
C GLN B 728 -15.79 -33.72 -13.30
N GLN B 729 -15.97 -34.06 -12.03
CA GLN B 729 -14.84 -34.35 -11.15
C GLN B 729 -14.01 -35.52 -11.67
N ARG B 730 -14.69 -36.62 -12.01
CA ARG B 730 -13.99 -37.84 -12.43
C ARG B 730 -13.36 -37.66 -13.82
N ASN B 731 -14.07 -37.00 -14.72
CA ASN B 731 -13.68 -36.97 -16.14
C ASN B 731 -13.13 -35.64 -16.68
N PHE B 732 -13.56 -34.52 -16.12
CA PHE B 732 -13.13 -33.20 -16.61
C PHE B 732 -12.99 -32.16 -15.48
N PRO B 733 -12.09 -32.43 -14.52
CA PRO B 733 -12.02 -31.60 -13.30
C PRO B 733 -11.87 -30.12 -13.61
N HIS B 734 -11.04 -29.81 -14.60
CA HIS B 734 -10.84 -28.44 -15.07
C HIS B 734 -12.11 -27.69 -15.53
N TRP B 735 -13.23 -28.41 -15.71
CA TRP B 735 -14.50 -27.78 -16.10
C TRP B 735 -15.52 -27.62 -14.97
N LEU B 736 -15.36 -28.40 -13.90
CA LEU B 736 -16.28 -28.37 -12.76
C LEU B 736 -16.73 -26.97 -12.36
N SER B 737 -15.78 -26.05 -12.24
CA SER B 737 -16.05 -24.70 -11.73
C SER B 737 -16.95 -23.89 -12.65
N THR B 738 -16.87 -24.17 -13.95
CA THR B 738 -17.73 -23.53 -14.93
C THR B 738 -19.17 -24.02 -14.80
N TYR B 739 -19.34 -25.33 -14.67
CA TYR B 739 -20.66 -25.90 -14.42
C TYR B 739 -21.25 -25.29 -13.15
N GLN B 740 -20.46 -25.29 -12.08
CA GLN B 740 -20.87 -24.73 -10.79
C GLN B 740 -21.29 -23.27 -10.91
N HIS B 741 -20.56 -22.52 -11.72
CA HIS B 741 -20.85 -21.10 -11.95
C HIS B 741 -22.24 -20.93 -12.56
N HIS B 742 -22.60 -21.79 -13.52
CA HIS B 742 -23.90 -21.72 -14.17
C HIS B 742 -25.02 -22.17 -13.25
N VAL B 743 -24.73 -23.15 -12.39
CA VAL B 743 -25.69 -23.61 -11.41
C VAL B 743 -26.02 -22.51 -10.40
N GLU B 744 -25.05 -21.68 -10.05
CA GLU B 744 -25.26 -20.61 -9.08
C GLU B 744 -26.29 -19.61 -9.60
N LEU B 745 -26.30 -19.44 -10.92
CA LEU B 745 -27.24 -18.54 -11.60
C LEU B 745 -28.58 -19.20 -11.86
N GLY B 746 -28.63 -20.52 -11.76
CA GLY B 746 -29.86 -21.28 -11.94
C GLY B 746 -30.12 -21.72 -13.38
N ASP B 747 -29.08 -21.76 -14.21
CA ASP B 747 -29.23 -22.16 -15.61
C ASP B 747 -29.16 -23.68 -15.80
N TYR B 748 -30.11 -24.38 -15.18
CA TYR B 748 -30.21 -25.82 -15.32
C TYR B 748 -30.67 -26.22 -16.73
N GLN B 749 -31.40 -25.34 -17.40
CA GLN B 749 -31.91 -25.66 -18.75
C GLN B 749 -30.80 -25.70 -19.82
N ASP B 750 -29.60 -25.23 -19.47
CA ASP B 750 -28.45 -25.32 -20.38
C ASP B 750 -27.53 -26.49 -20.03
N LEU B 751 -27.80 -27.17 -18.92
CA LEU B 751 -26.94 -28.28 -18.48
C LEU B 751 -27.51 -29.59 -18.95
N ILE B 752 -27.01 -30.06 -20.09
CA ILE B 752 -27.49 -31.28 -20.74
C ILE B 752 -26.58 -32.45 -20.43
N VAL B 753 -27.16 -33.60 -20.09
CA VAL B 753 -26.38 -34.83 -19.91
C VAL B 753 -26.90 -35.97 -20.79
N ALA B 754 -26.02 -36.95 -20.96
CA ALA B 754 -26.37 -38.21 -21.60
C ALA B 754 -26.46 -39.29 -20.52
N ARG B 755 -27.57 -40.03 -20.52
CA ARG B 755 -27.76 -41.12 -19.57
C ARG B 755 -27.91 -42.44 -20.30
N GLN B 756 -27.63 -43.53 -19.60
CA GLN B 756 -27.47 -44.84 -20.25
C GLN B 756 -28.70 -45.31 -21.04
N ASP B 757 -29.77 -45.71 -20.36
CA ASP B 757 -30.99 -46.17 -21.06
C ASP B 757 -32.10 -45.14 -20.98
N ASP B 758 -32.05 -44.34 -19.91
CA ASP B 758 -33.25 -43.85 -19.27
C ASP B 758 -32.96 -42.52 -18.60
N GLU B 759 -34.00 -41.75 -18.28
CA GLU B 759 -33.83 -40.51 -17.54
C GLU B 759 -33.24 -40.74 -16.14
N ASN B 760 -33.18 -42.01 -15.69
CA ASN B 760 -32.53 -42.36 -14.43
C ASN B 760 -31.18 -43.06 -14.60
N GLY B 761 -30.70 -43.18 -15.84
CA GLY B 761 -29.45 -43.89 -16.11
C GLY B 761 -28.21 -43.12 -15.70
N ARG B 762 -27.15 -43.86 -15.35
CA ARG B 762 -25.84 -43.27 -15.04
C ARG B 762 -25.48 -42.19 -16.05
N VAL B 763 -24.85 -41.12 -15.58
CA VAL B 763 -24.40 -40.06 -16.47
C VAL B 763 -23.13 -40.50 -17.19
N ILE B 764 -23.18 -40.42 -18.51
CA ILE B 764 -22.07 -40.87 -19.37
C ILE B 764 -21.50 -39.76 -20.26
N ALA B 765 -22.20 -38.65 -20.42
CA ALA B 765 -21.67 -37.48 -21.12
C ALA B 765 -22.38 -36.19 -20.67
N SER B 766 -21.79 -35.04 -21.01
CA SER B 766 -22.38 -33.74 -20.66
C SER B 766 -21.84 -32.60 -21.50
N LEU B 767 -22.64 -31.53 -21.59
CA LEU B 767 -22.22 -30.29 -22.21
C LEU B 767 -23.05 -29.12 -21.69
N ILE B 768 -22.55 -27.91 -21.95
CA ILE B 768 -23.20 -26.68 -21.54
C ILE B 768 -23.73 -25.94 -22.74
N LEU B 769 -25.06 -25.75 -22.79
CA LEU B 769 -25.66 -24.91 -23.82
C LEU B 769 -25.63 -23.46 -23.39
N ASN B 770 -25.90 -22.58 -24.34
CA ASN B 770 -26.19 -21.19 -24.04
C ASN B 770 -27.04 -20.64 -25.17
N THR B 771 -27.89 -19.67 -24.85
CA THR B 771 -28.74 -19.05 -25.86
C THR B 771 -29.09 -17.63 -25.47
N THR B 772 -28.89 -16.72 -26.42
CA THR B 772 -29.14 -15.30 -26.22
C THR B 772 -30.57 -15.07 -25.77
N HIS B 773 -30.72 -14.26 -24.71
CA HIS B 773 -32.01 -13.90 -24.11
C HIS B 773 -32.72 -15.02 -23.34
N VAL B 774 -32.12 -16.22 -23.31
CA VAL B 774 -32.66 -17.36 -22.59
C VAL B 774 -31.76 -17.68 -21.38
N SER B 775 -30.46 -17.74 -21.62
CA SER B 775 -29.46 -17.87 -20.57
C SER B 775 -29.46 -16.63 -19.65
N HIS B 776 -28.88 -16.77 -18.46
CA HIS B 776 -28.87 -15.70 -17.48
C HIS B 776 -28.02 -14.54 -17.98
N GLU B 777 -28.38 -13.32 -17.59
CA GLU B 777 -27.75 -12.11 -18.11
C GLU B 777 -26.24 -12.06 -17.82
N TYR B 778 -25.80 -12.73 -16.77
CA TYR B 778 -24.39 -12.78 -16.39
C TYR B 778 -23.61 -13.91 -17.05
N ARG B 779 -24.22 -14.59 -18.02
CA ARG B 779 -23.49 -15.58 -18.81
C ARG B 779 -22.74 -14.84 -19.90
N SER B 780 -21.43 -15.07 -19.96
CA SER B 780 -20.57 -14.45 -20.96
C SER B 780 -20.13 -15.47 -22.02
N ASP B 781 -20.76 -16.65 -22.02
CA ASP B 781 -20.52 -17.70 -23.04
C ASP B 781 -20.45 -17.10 -24.43
N LEU B 782 -21.44 -16.27 -24.75
CA LEU B 782 -21.53 -15.63 -26.05
C LEU B 782 -21.74 -14.13 -25.86
N ILE B 783 -20.72 -13.35 -26.23
CA ILE B 783 -20.81 -11.90 -26.23
C ILE B 783 -20.94 -11.33 -27.64
N TRP B 784 -20.66 -12.15 -28.66
CA TRP B 784 -20.61 -11.68 -30.04
C TRP B 784 -22.00 -11.61 -30.70
N THR B 785 -22.92 -10.87 -30.08
CA THR B 785 -24.32 -10.84 -30.47
C THR B 785 -24.67 -9.70 -31.45
N ASP B 786 -23.67 -8.98 -31.92
CA ASP B 786 -23.87 -7.89 -32.88
C ASP B 786 -24.47 -8.46 -34.18
N ASP B 787 -25.38 -7.70 -34.80
CA ASP B 787 -26.04 -8.12 -36.04
C ASP B 787 -25.08 -8.70 -37.07
N LYS B 788 -23.88 -8.12 -37.15
CA LYS B 788 -22.88 -8.56 -38.13
C LYS B 788 -22.07 -9.81 -37.72
N LEU B 789 -22.34 -10.34 -36.53
CA LEU B 789 -21.64 -11.55 -36.06
C LEU B 789 -22.62 -12.72 -35.90
N PHE B 790 -23.16 -12.92 -34.69
CA PHE B 790 -24.13 -14.00 -34.45
C PHE B 790 -25.57 -13.49 -34.25
N GLY B 791 -25.73 -12.17 -34.06
CA GLY B 791 -27.06 -11.58 -33.98
C GLY B 791 -27.84 -11.94 -32.72
N GLU B 792 -29.12 -11.56 -32.70
CA GLU B 792 -29.99 -11.80 -31.55
C GLU B 792 -30.46 -13.26 -31.46
N ARG B 793 -30.66 -13.91 -32.60
CA ARG B 793 -31.07 -15.33 -32.63
C ARG B 793 -29.84 -16.21 -32.67
N SER B 794 -29.26 -16.45 -31.49
CA SER B 794 -27.94 -17.07 -31.39
C SER B 794 -27.74 -17.83 -30.09
N GLY B 795 -26.80 -18.77 -30.14
CA GLY B 795 -26.47 -19.59 -28.98
C GLY B 795 -25.22 -20.40 -29.23
N GLY B 796 -25.04 -21.46 -28.44
CA GLY B 796 -23.84 -22.27 -28.57
C GLY B 796 -23.71 -23.34 -27.51
N MET B 797 -22.56 -24.01 -27.51
CA MET B 797 -22.27 -25.06 -26.55
C MET B 797 -20.82 -25.00 -26.08
N ALA B 798 -20.52 -25.67 -24.98
CA ALA B 798 -19.16 -25.74 -24.44
C ALA B 798 -19.02 -26.90 -23.45
N CYS B 799 -17.79 -27.16 -23.04
CA CYS B 799 -17.47 -28.23 -22.07
C CYS B 799 -18.11 -29.56 -22.45
N VAL B 800 -17.91 -29.94 -23.70
CA VAL B 800 -18.46 -31.16 -24.27
C VAL B 800 -17.52 -32.32 -23.93
N GLY B 801 -18.05 -33.35 -23.27
CA GLY B 801 -17.21 -34.43 -22.78
C GLY B 801 -17.92 -35.73 -22.56
N VAL B 802 -17.31 -36.81 -23.05
CA VAL B 802 -17.80 -38.16 -22.87
C VAL B 802 -16.87 -38.89 -21.91
N ALA B 803 -17.46 -39.65 -20.98
CA ALA B 803 -16.67 -40.44 -20.03
C ALA B 803 -15.68 -41.33 -20.78
N GLN B 804 -14.51 -41.54 -20.19
CA GLN B 804 -13.49 -42.34 -20.85
C GLN B 804 -13.92 -43.81 -20.99
N GLU B 805 -14.74 -44.29 -20.07
CA GLU B 805 -15.27 -45.65 -20.15
C GLU B 805 -16.40 -45.81 -21.19
N GLU B 806 -16.77 -44.74 -21.91
CA GLU B 806 -17.88 -44.76 -22.88
C GLU B 806 -17.57 -44.14 -24.25
N ARG B 807 -16.29 -44.15 -24.62
CA ARG B 807 -15.85 -43.54 -25.88
C ARG B 807 -16.06 -44.51 -27.05
N GLY B 808 -16.24 -43.97 -28.25
CA GLY B 808 -16.42 -44.79 -29.45
C GLY B 808 -17.77 -45.50 -29.52
N ARG B 809 -18.79 -44.87 -28.94
CA ARG B 809 -20.16 -45.33 -29.08
C ARG B 809 -20.98 -44.25 -29.77
N GLY B 810 -20.29 -43.35 -30.46
CA GLY B 810 -20.93 -42.26 -31.20
C GLY B 810 -21.63 -41.24 -30.33
N ILE B 811 -21.33 -41.23 -29.04
CA ILE B 811 -22.05 -40.40 -28.07
C ILE B 811 -21.68 -38.93 -28.25
N GLY B 812 -20.37 -38.65 -28.30
CA GLY B 812 -19.88 -37.29 -28.50
C GLY B 812 -20.58 -36.55 -29.62
N ILE B 813 -20.78 -37.25 -30.74
CA ILE B 813 -21.41 -36.64 -31.91
C ILE B 813 -22.92 -36.60 -31.69
N GLY B 814 -23.43 -37.58 -30.97
CA GLY B 814 -24.85 -37.64 -30.63
C GLY B 814 -25.29 -36.46 -29.79
N ILE B 815 -24.58 -36.26 -28.67
CA ILE B 815 -24.92 -35.19 -27.73
C ILE B 815 -24.74 -33.81 -28.36
N VAL B 816 -23.78 -33.68 -29.27
CA VAL B 816 -23.54 -32.43 -29.98
C VAL B 816 -24.62 -32.20 -31.03
N ALA B 817 -24.99 -33.27 -31.74
CA ALA B 817 -26.08 -33.21 -32.71
C ALA B 817 -27.40 -32.87 -32.01
N HIS B 818 -27.59 -33.41 -30.81
CA HIS B 818 -28.73 -33.07 -29.98
C HIS B 818 -28.69 -31.60 -29.60
N ALA B 819 -27.50 -31.13 -29.20
CA ALA B 819 -27.31 -29.74 -28.81
C ALA B 819 -27.75 -28.80 -29.92
N ASN B 820 -27.34 -29.06 -31.15
CA ASN B 820 -27.81 -28.28 -32.30
C ASN B 820 -29.33 -28.31 -32.42
N TRP B 821 -29.92 -29.49 -32.27
CA TRP B 821 -31.37 -29.65 -32.32
C TRP B 821 -32.03 -28.73 -31.29
N LEU B 822 -31.66 -28.90 -30.02
CA LEU B 822 -32.21 -28.07 -28.94
C LEU B 822 -32.09 -26.58 -29.22
N LEU B 823 -30.92 -26.17 -29.73
CA LEU B 823 -30.69 -24.77 -30.07
C LEU B 823 -31.65 -24.30 -31.16
N LYS B 824 -31.80 -25.12 -32.21
CA LYS B 824 -32.75 -24.82 -33.28
C LYS B 824 -34.19 -24.74 -32.75
N GLN B 825 -34.52 -25.61 -31.80
CA GLN B 825 -35.83 -25.55 -31.13
C GLN B 825 -36.06 -24.18 -30.47
N ARG B 826 -34.99 -23.61 -29.92
CA ARG B 826 -35.06 -22.27 -29.27
C ARG B 826 -35.15 -21.10 -30.25
N GLY B 827 -35.00 -21.36 -31.55
CA GLY B 827 -35.04 -20.32 -32.56
C GLY B 827 -33.66 -19.80 -32.95
N VAL B 828 -32.62 -20.51 -32.51
CA VAL B 828 -31.25 -20.15 -32.83
C VAL B 828 -30.97 -20.49 -34.29
N THR B 829 -30.40 -19.53 -35.02
CA THR B 829 -30.00 -19.71 -36.40
C THR B 829 -28.47 -19.81 -36.55
N LYS B 830 -27.75 -18.99 -35.78
CA LYS B 830 -26.28 -19.02 -35.78
C LYS B 830 -25.74 -19.49 -34.42
N SER B 831 -24.88 -20.50 -34.46
CA SER B 831 -24.44 -21.21 -33.26
C SER B 831 -22.92 -21.10 -33.07
N TYR B 832 -22.50 -20.86 -31.83
CA TYR B 832 -21.11 -20.54 -31.48
C TYR B 832 -20.46 -21.68 -30.70
N VAL B 833 -19.46 -22.32 -31.28
CA VAL B 833 -18.65 -23.33 -30.58
C VAL B 833 -17.27 -22.74 -30.34
N ASP B 834 -16.97 -22.42 -29.09
CA ASP B 834 -15.78 -21.64 -28.75
C ASP B 834 -14.60 -22.51 -28.34
N TRP B 835 -13.40 -22.13 -28.79
CA TRP B 835 -12.14 -22.75 -28.36
C TRP B 835 -12.16 -24.26 -28.55
N VAL B 836 -11.92 -24.69 -29.79
CA VAL B 836 -11.83 -26.12 -30.12
C VAL B 836 -10.72 -26.39 -31.13
N GLU B 837 -10.38 -27.68 -31.30
CA GLU B 837 -9.35 -28.11 -32.25
C GLU B 837 -9.85 -29.13 -33.28
N LEU B 838 -10.67 -30.10 -32.85
CA LEU B 838 -11.13 -31.18 -33.73
C LEU B 838 -12.15 -30.69 -34.76
N LEU B 839 -11.64 -30.13 -35.86
CA LEU B 839 -12.49 -29.49 -36.88
C LEU B 839 -13.39 -30.45 -37.65
N ASP B 840 -12.84 -31.61 -38.01
CA ASP B 840 -13.60 -32.64 -38.74
C ASP B 840 -14.80 -33.12 -37.93
N PHE B 841 -14.63 -33.22 -36.62
CA PHE B 841 -15.70 -33.61 -35.70
C PHE B 841 -16.90 -32.67 -35.82
N TYR B 842 -16.68 -31.37 -35.63
CA TYR B 842 -17.76 -30.38 -35.70
C TYR B 842 -18.18 -30.09 -37.15
N SER B 843 -17.32 -30.42 -38.12
CA SER B 843 -17.68 -30.37 -39.54
C SER B 843 -18.87 -31.27 -39.85
N ARG B 844 -18.93 -32.42 -39.18
CA ARG B 844 -20.01 -33.40 -39.38
C ARG B 844 -21.39 -32.87 -38.99
N VAL B 845 -21.43 -31.80 -38.19
CA VAL B 845 -22.69 -31.21 -37.73
C VAL B 845 -22.86 -29.76 -38.24
N GLY B 846 -22.21 -29.43 -39.35
CA GLY B 846 -22.43 -28.16 -40.03
C GLY B 846 -21.70 -26.96 -39.45
N TYR B 847 -20.59 -27.20 -38.76
CA TYR B 847 -19.75 -26.12 -38.23
C TYR B 847 -18.50 -25.95 -39.09
N LYS B 848 -18.29 -24.72 -39.55
CA LYS B 848 -17.03 -24.33 -40.19
C LYS B 848 -16.33 -23.31 -39.28
N THR B 849 -15.05 -23.06 -39.53
CA THR B 849 -14.25 -22.24 -38.60
C THR B 849 -14.61 -20.76 -38.78
N TRP B 850 -14.69 -20.04 -37.67
CA TRP B 850 -15.14 -18.65 -37.68
C TRP B 850 -14.00 -17.67 -37.44
N ARG B 851 -13.27 -17.88 -36.33
CA ARG B 851 -12.06 -17.12 -36.02
C ARG B 851 -11.02 -18.06 -35.40
N SER B 852 -9.76 -17.66 -35.45
CA SER B 852 -8.65 -18.46 -34.91
C SER B 852 -7.79 -17.65 -33.93
N TYR B 853 -7.28 -18.33 -32.90
CA TYR B 853 -6.43 -17.69 -31.90
C TYR B 853 -5.19 -18.53 -31.67
N ARG B 854 -4.07 -17.86 -31.41
CA ARG B 854 -2.87 -18.54 -30.93
C ARG B 854 -2.78 -18.35 -29.42
N LEU B 855 -2.68 -19.46 -28.70
CA LEU B 855 -2.57 -19.42 -27.25
C LEU B 855 -1.16 -19.03 -26.84
N GLY B 856 -1.03 -18.50 -25.63
CA GLY B 856 0.27 -18.14 -25.06
C GLY B 856 0.29 -18.36 -23.55
N HIS B 857 1.42 -18.86 -23.05
CA HIS B 857 1.57 -19.17 -21.63
C HIS B 857 2.91 -18.70 -21.13
N PHE B 858 3.06 -18.64 -19.81
CA PHE B 858 4.33 -18.37 -19.16
C PHE B 858 4.35 -19.02 -17.77
#